data_3AP7
# 
_entry.id   3AP7 
# 
_audit_conform.dict_name       mmcif_pdbx.dic 
_audit_conform.dict_version    5.380 
_audit_conform.dict_location   http://mmcif.pdb.org/dictionaries/ascii/mmcif_pdbx.dic 
# 
loop_
_database_2.database_id 
_database_2.database_code 
_database_2.pdbx_database_accession 
_database_2.pdbx_DOI 
PDB   3AP7         pdb_00003ap7 10.2210/pdb3ap7/pdb 
RCSB  RCSB029526   ?            ?                   
WWPDB D_1000029526 ?            ?                   
# 
loop_
_pdbx_database_related.db_name 
_pdbx_database_related.db_id 
_pdbx_database_related.details 
_pdbx_database_related.content_type 
PDB 3AP4 'The same protein complexed with lactose.'            unspecified 
PDB 3AP5 'The same protein in apo form.'                       unspecified 
PDB 3AP6 
;The same protein complexed with lactose 3'-sulfate.
;
unspecified 
# 
_pdbx_database_status.status_code                     REL 
_pdbx_database_status.entry_id                        3AP7 
_pdbx_database_status.recvd_initial_deposition_date   2010-10-12 
_pdbx_database_status.deposit_site                    PDBJ 
_pdbx_database_status.process_site                    PDBJ 
_pdbx_database_status.status_code_sf                  REL 
_pdbx_database_status.status_code_mr                  ? 
_pdbx_database_status.SG_entry                        ? 
_pdbx_database_status.status_code_cs                  ? 
_pdbx_database_status.pdb_format_compatible           Y 
_pdbx_database_status.status_code_nmr_data            ? 
_pdbx_database_status.methods_development_category    ? 
# 
loop_
_audit_author.name 
_audit_author.pdbx_ordinal 
'Matsuzaka, T.' 1 
'Ideo, H.'      2 
'Yamashita, K.' 3 
'Nonaka, T.'    4 
# 
_citation.id                        primary 
_citation.title                     'Galectin-8-N-domain recognition mechanism for sialylated and sulfated glycans' 
_citation.journal_abbrev            J.Biol.Chem. 
_citation.journal_volume            286 
_citation.page_first                11346 
_citation.page_last                 11355 
_citation.year                      2011 
_citation.journal_id_ASTM           JBCHA3 
_citation.country                   US 
_citation.journal_id_ISSN           0021-9258 
_citation.journal_id_CSD            0071 
_citation.book_publisher            ? 
_citation.pdbx_database_id_PubMed   21288902 
_citation.pdbx_database_id_DOI      10.1074/jbc.M110.195925 
# 
loop_
_citation_author.citation_id 
_citation_author.name 
_citation_author.ordinal 
_citation_author.identifier_ORCID 
primary 'Ideo, H.'      1 ? 
primary 'Matsuzaka, T.' 2 ? 
primary 'Nonaka, T.'    3 ? 
primary 'Seko, A.'      4 ? 
primary 'Yamashita, K.' 5 ? 
# 
_cell.entry_id           3AP7 
_cell.length_a           46.360 
_cell.length_b           49.917 
_cell.length_c           70.289 
_cell.angle_alpha        90.00 
_cell.angle_beta         90.00 
_cell.angle_gamma        90.00 
_cell.Z_PDB              4 
_cell.pdbx_unique_axis   ? 
_cell.length_a_esd       ? 
_cell.length_b_esd       ? 
_cell.length_c_esd       ? 
_cell.angle_alpha_esd    ? 
_cell.angle_beta_esd     ? 
_cell.angle_gamma_esd    ? 
# 
_symmetry.entry_id                         3AP7 
_symmetry.space_group_name_H-M             'P 21 21 21' 
_symmetry.pdbx_full_space_group_name_H-M   ? 
_symmetry.cell_setting                     ? 
_symmetry.Int_Tables_number                19 
_symmetry.space_group_name_Hall            ? 
# 
loop_
_entity.id 
_entity.type 
_entity.src_method 
_entity.pdbx_description 
_entity.formula_weight 
_entity.pdbx_number_of_molecules 
_entity.pdbx_ec 
_entity.pdbx_mutation 
_entity.pdbx_fragment 
_entity.details 
1 polymer     man Galectin-8                                                                               17423.123 1   ? ? 
'N-terminal carbohydrate recognition domain' ? 
2 branched    man 'N-acetyl-alpha-neuraminic acid-(2-3)-beta-D-galactopyranose-(1-4)-beta-D-glucopyranose' 633.552   1   ? ? ? ? 
3 non-polymer syn 'CHLORIDE ION'                                                                           35.453    1   ? ? ? ? 
4 water       nat water                                                                                    18.015    222 ? ? ? ? 
# 
_entity_name_com.entity_id   1 
_entity_name_com.name        'Gal-8, Po66 carbohydrate-binding protein, Po66-CBP, Prostate carcinoma tumor antigen 1, PCTA-1' 
# 
_entity_poly.entity_id                      1 
_entity_poly.type                           'polypeptide(L)' 
_entity_poly.nstd_linkage                   no 
_entity_poly.nstd_monomer                   no 
_entity_poly.pdbx_seq_one_letter_code       
;MMLSLNNLQNIIYNPVIPFVGTIPDQLDPGTLIVIRGHVPSDADRFQVDLQNGSSVKPRADVAFHFNPRFKRAGCIVCNT
LINEKWGREEITYDTPFKREKSFEIVIMVLKDKFQVAVNGKHTLLYGHRIGPEKIDTLGIYGKVNIHSIGFSFS
;
_entity_poly.pdbx_seq_one_letter_code_can   
;MMLSLNNLQNIIYNPVIPFVGTIPDQLDPGTLIVIRGHVPSDADRFQVDLQNGSSVKPRADVAFHFNPRFKRAGCIVCNT
LINEKWGREEITYDTPFKREKSFEIVIMVLKDKFQVAVNGKHTLLYGHRIGPEKIDTLGIYGKVNIHSIGFSFS
;
_entity_poly.pdbx_strand_id                 A 
_entity_poly.pdbx_target_identifier         ? 
# 
loop_
_entity_poly_seq.entity_id 
_entity_poly_seq.num 
_entity_poly_seq.mon_id 
_entity_poly_seq.hetero 
1 1   MET n 
1 2   MET n 
1 3   LEU n 
1 4   SER n 
1 5   LEU n 
1 6   ASN n 
1 7   ASN n 
1 8   LEU n 
1 9   GLN n 
1 10  ASN n 
1 11  ILE n 
1 12  ILE n 
1 13  TYR n 
1 14  ASN n 
1 15  PRO n 
1 16  VAL n 
1 17  ILE n 
1 18  PRO n 
1 19  PHE n 
1 20  VAL n 
1 21  GLY n 
1 22  THR n 
1 23  ILE n 
1 24  PRO n 
1 25  ASP n 
1 26  GLN n 
1 27  LEU n 
1 28  ASP n 
1 29  PRO n 
1 30  GLY n 
1 31  THR n 
1 32  LEU n 
1 33  ILE n 
1 34  VAL n 
1 35  ILE n 
1 36  ARG n 
1 37  GLY n 
1 38  HIS n 
1 39  VAL n 
1 40  PRO n 
1 41  SER n 
1 42  ASP n 
1 43  ALA n 
1 44  ASP n 
1 45  ARG n 
1 46  PHE n 
1 47  GLN n 
1 48  VAL n 
1 49  ASP n 
1 50  LEU n 
1 51  GLN n 
1 52  ASN n 
1 53  GLY n 
1 54  SER n 
1 55  SER n 
1 56  VAL n 
1 57  LYS n 
1 58  PRO n 
1 59  ARG n 
1 60  ALA n 
1 61  ASP n 
1 62  VAL n 
1 63  ALA n 
1 64  PHE n 
1 65  HIS n 
1 66  PHE n 
1 67  ASN n 
1 68  PRO n 
1 69  ARG n 
1 70  PHE n 
1 71  LYS n 
1 72  ARG n 
1 73  ALA n 
1 74  GLY n 
1 75  CYS n 
1 76  ILE n 
1 77  VAL n 
1 78  CYS n 
1 79  ASN n 
1 80  THR n 
1 81  LEU n 
1 82  ILE n 
1 83  ASN n 
1 84  GLU n 
1 85  LYS n 
1 86  TRP n 
1 87  GLY n 
1 88  ARG n 
1 89  GLU n 
1 90  GLU n 
1 91  ILE n 
1 92  THR n 
1 93  TYR n 
1 94  ASP n 
1 95  THR n 
1 96  PRO n 
1 97  PHE n 
1 98  LYS n 
1 99  ARG n 
1 100 GLU n 
1 101 LYS n 
1 102 SER n 
1 103 PHE n 
1 104 GLU n 
1 105 ILE n 
1 106 VAL n 
1 107 ILE n 
1 108 MET n 
1 109 VAL n 
1 110 LEU n 
1 111 LYS n 
1 112 ASP n 
1 113 LYS n 
1 114 PHE n 
1 115 GLN n 
1 116 VAL n 
1 117 ALA n 
1 118 VAL n 
1 119 ASN n 
1 120 GLY n 
1 121 LYS n 
1 122 HIS n 
1 123 THR n 
1 124 LEU n 
1 125 LEU n 
1 126 TYR n 
1 127 GLY n 
1 128 HIS n 
1 129 ARG n 
1 130 ILE n 
1 131 GLY n 
1 132 PRO n 
1 133 GLU n 
1 134 LYS n 
1 135 ILE n 
1 136 ASP n 
1 137 THR n 
1 138 LEU n 
1 139 GLY n 
1 140 ILE n 
1 141 TYR n 
1 142 GLY n 
1 143 LYS n 
1 144 VAL n 
1 145 ASN n 
1 146 ILE n 
1 147 HIS n 
1 148 SER n 
1 149 ILE n 
1 150 GLY n 
1 151 PHE n 
1 152 SER n 
1 153 PHE n 
1 154 SER n 
# 
_entity_src_gen.entity_id                          1 
_entity_src_gen.pdbx_src_id                        1 
_entity_src_gen.pdbx_alt_source_flag               sample 
_entity_src_gen.pdbx_seq_type                      ? 
_entity_src_gen.pdbx_beg_seq_num                   ? 
_entity_src_gen.pdbx_end_seq_num                   ? 
_entity_src_gen.gene_src_common_name               human 
_entity_src_gen.gene_src_genus                     ? 
_entity_src_gen.pdbx_gene_src_gene                 LGALS8 
_entity_src_gen.gene_src_species                   ? 
_entity_src_gen.gene_src_strain                    ? 
_entity_src_gen.gene_src_tissue                    ? 
_entity_src_gen.gene_src_tissue_fraction           ? 
_entity_src_gen.gene_src_details                   ? 
_entity_src_gen.pdbx_gene_src_fragment             ? 
_entity_src_gen.pdbx_gene_src_scientific_name      'Homo sapiens' 
_entity_src_gen.pdbx_gene_src_ncbi_taxonomy_id     9606 
_entity_src_gen.pdbx_gene_src_variant              ? 
_entity_src_gen.pdbx_gene_src_cell_line            ? 
_entity_src_gen.pdbx_gene_src_atcc                 ? 
_entity_src_gen.pdbx_gene_src_organ                ? 
_entity_src_gen.pdbx_gene_src_organelle            ? 
_entity_src_gen.pdbx_gene_src_cell                 ? 
_entity_src_gen.pdbx_gene_src_cellular_location    ? 
_entity_src_gen.host_org_common_name               ? 
_entity_src_gen.pdbx_host_org_scientific_name      'Escherichia coli' 
_entity_src_gen.pdbx_host_org_ncbi_taxonomy_id     562 
_entity_src_gen.host_org_genus                     ? 
_entity_src_gen.pdbx_host_org_gene                 ? 
_entity_src_gen.pdbx_host_org_organ                ? 
_entity_src_gen.host_org_species                   ? 
_entity_src_gen.pdbx_host_org_tissue               ? 
_entity_src_gen.pdbx_host_org_tissue_fraction      ? 
_entity_src_gen.pdbx_host_org_strain               ? 
_entity_src_gen.pdbx_host_org_variant              ? 
_entity_src_gen.pdbx_host_org_cell_line            ? 
_entity_src_gen.pdbx_host_org_atcc                 ? 
_entity_src_gen.pdbx_host_org_culture_collection   ? 
_entity_src_gen.pdbx_host_org_cell                 ? 
_entity_src_gen.pdbx_host_org_organelle            ? 
_entity_src_gen.pdbx_host_org_cellular_location    ? 
_entity_src_gen.pdbx_host_org_vector_type          plasmid 
_entity_src_gen.pdbx_host_org_vector               ? 
_entity_src_gen.host_org_details                   ? 
_entity_src_gen.expression_system_id               ? 
_entity_src_gen.plasmid_name                       pGEX-6P-2 
_entity_src_gen.plasmid_details                    ? 
_entity_src_gen.pdbx_description                   ? 
# 
_struct_ref.id                         1 
_struct_ref.db_name                    UNP 
_struct_ref.db_code                    LEG8_HUMAN 
_struct_ref.pdbx_db_accession          O00214 
_struct_ref.entity_id                  1 
_struct_ref.pdbx_seq_one_letter_code   
;MMLSLNNLQNIIYNPVIPFVGTIPDQLDPGTLIVIRGHVPSDADRFQVDLQNGSSMKPRADVAFHFNPRFKRAGCIVCNT
LINEKWGREEITYDTPFKREKSFEIVIMVLKDKFQVAVNGKHTLLYGHRIGPEKIDTLGIYGKVNIHSIGFSFS
;
_struct_ref.pdbx_align_begin           1 
_struct_ref.pdbx_db_isoform            ? 
# 
_struct_ref_seq.align_id                      1 
_struct_ref_seq.ref_id                        1 
_struct_ref_seq.pdbx_PDB_id_code              3AP7 
_struct_ref_seq.pdbx_strand_id                A 
_struct_ref_seq.seq_align_beg                 1 
_struct_ref_seq.pdbx_seq_align_beg_ins_code   ? 
_struct_ref_seq.seq_align_end                 154 
_struct_ref_seq.pdbx_seq_align_end_ins_code   ? 
_struct_ref_seq.pdbx_db_accession             O00214 
_struct_ref_seq.db_align_beg                  1 
_struct_ref_seq.pdbx_db_align_beg_ins_code    ? 
_struct_ref_seq.db_align_end                  154 
_struct_ref_seq.pdbx_db_align_end_ins_code    ? 
_struct_ref_seq.pdbx_auth_seq_align_beg       1 
_struct_ref_seq.pdbx_auth_seq_align_end       154 
# 
_struct_ref_seq_dif.align_id                     1 
_struct_ref_seq_dif.pdbx_pdb_id_code             3AP7 
_struct_ref_seq_dif.mon_id                       VAL 
_struct_ref_seq_dif.pdbx_pdb_strand_id           A 
_struct_ref_seq_dif.seq_num                      56 
_struct_ref_seq_dif.pdbx_pdb_ins_code            ? 
_struct_ref_seq_dif.pdbx_seq_db_name             UNP 
_struct_ref_seq_dif.pdbx_seq_db_accession_code   O00214 
_struct_ref_seq_dif.db_mon_id                    MET 
_struct_ref_seq_dif.pdbx_seq_db_seq_num          56 
_struct_ref_seq_dif.details                      'SEE REMARK 999' 
_struct_ref_seq_dif.pdbx_auth_seq_num            56 
_struct_ref_seq_dif.pdbx_ordinal                 1 
# 
loop_
_chem_comp.id 
_chem_comp.type 
_chem_comp.mon_nstd_flag 
_chem_comp.name 
_chem_comp.pdbx_synonyms 
_chem_comp.formula 
_chem_comp.formula_weight 
ALA 'L-peptide linking'           y ALANINE                          ? 'C3 H7 N O2'     89.093  
ARG 'L-peptide linking'           y ARGININE                         ? 'C6 H15 N4 O2 1' 175.209 
ASN 'L-peptide linking'           y ASPARAGINE                       ? 'C4 H8 N2 O3'    132.118 
ASP 'L-peptide linking'           y 'ASPARTIC ACID'                  ? 'C4 H7 N O4'     133.103 
BGC 'D-saccharide, beta linking'  . beta-D-glucopyranose             'beta-D-glucose; D-glucose; glucose' 'C6 H12 O6'      180.156 
CL  non-polymer                   . 'CHLORIDE ION'                   ? 'Cl -1'          35.453  
CYS 'L-peptide linking'           y CYSTEINE                         ? 'C3 H7 N O2 S'   121.158 
GAL 'D-saccharide, beta linking'  . beta-D-galactopyranose           'beta-D-galactose; D-galactose; galactose' 'C6 H12 O6'      
180.156 
GLN 'L-peptide linking'           y GLUTAMINE                        ? 'C5 H10 N2 O3'   146.144 
GLU 'L-peptide linking'           y 'GLUTAMIC ACID'                  ? 'C5 H9 N O4'     147.129 
GLY 'peptide linking'             y GLYCINE                          ? 'C2 H5 N O2'     75.067  
HIS 'L-peptide linking'           y HISTIDINE                        ? 'C6 H10 N3 O2 1' 156.162 
HOH non-polymer                   . WATER                            ? 'H2 O'           18.015  
ILE 'L-peptide linking'           y ISOLEUCINE                       ? 'C6 H13 N O2'    131.173 
LEU 'L-peptide linking'           y LEUCINE                          ? 'C6 H13 N O2'    131.173 
LYS 'L-peptide linking'           y LYSINE                           ? 'C6 H15 N2 O2 1' 147.195 
MET 'L-peptide linking'           y METHIONINE                       ? 'C5 H11 N O2 S'  149.211 
PHE 'L-peptide linking'           y PHENYLALANINE                    ? 'C9 H11 N O2'    165.189 
PRO 'L-peptide linking'           y PROLINE                          ? 'C5 H9 N O2'     115.130 
SER 'L-peptide linking'           y SERINE                           ? 'C3 H7 N O3'     105.093 
SIA 'D-saccharide, alpha linking' . 'N-acetyl-alpha-neuraminic acid' 
'N-acetylneuraminic acid; sialic acid; alpha-sialic acid; O-SIALIC ACID' 'C11 H19 N O9'   309.270 
THR 'L-peptide linking'           y THREONINE                        ? 'C4 H9 N O3'     119.119 
TRP 'L-peptide linking'           y TRYPTOPHAN                       ? 'C11 H12 N2 O2'  204.225 
TYR 'L-peptide linking'           y TYROSINE                         ? 'C9 H11 N O3'    181.189 
VAL 'L-peptide linking'           y VALINE                           ? 'C5 H11 N O2'    117.146 
# 
_exptl.entry_id          3AP7 
_exptl.method            'X-RAY DIFFRACTION' 
_exptl.crystals_number   1 
# 
_exptl_crystal.id                    1 
_exptl_crystal.density_meas          ? 
_exptl_crystal.density_Matthews      2.33 
_exptl_crystal.density_percent_sol   47.30 
_exptl_crystal.description           ? 
_exptl_crystal.F_000                 ? 
_exptl_crystal.preparation           ? 
# 
_exptl_crystal_grow.crystal_id      1 
_exptl_crystal_grow.method          'VAPOR DIFFUSION, HANGING DROP' 
_exptl_crystal_grow.temp            293.15 
_exptl_crystal_grow.temp_details    ? 
_exptl_crystal_grow.pH              7.0 
_exptl_crystal_grow.pdbx_details    
;0.275mM protein, 10mM Hepes-NaOH, 2.75mM lactose sialic acid, 50mM sodium chloride, 0.5mM DTT, 80mM ammonium 
fluoride, 7.5% PEG 3350, pH 7.0, VAPOR DIFFUSION, HANGING DROP, temperature 293.15K
;
_exptl_crystal_grow.pdbx_pH_range   . 
# 
_diffrn.id                     1 
_diffrn.ambient_temp           95 
_diffrn.ambient_temp_details   ? 
_diffrn.crystal_id             1 
# 
_diffrn_detector.diffrn_id              1 
_diffrn_detector.detector               CCD 
_diffrn_detector.type                   'ADSC QUANTUM 315r' 
_diffrn_detector.pdbx_collection_date   2005-11-24 
_diffrn_detector.details                ? 
# 
_diffrn_radiation.diffrn_id                        1 
_diffrn_radiation.wavelength_id                    1 
_diffrn_radiation.pdbx_monochromatic_or_laue_m_l   M 
_diffrn_radiation.monochromator                    'Si(111) double crystal monochromator' 
_diffrn_radiation.pdbx_diffrn_protocol             'SINGLE WAVELENGTH' 
_diffrn_radiation.pdbx_scattering_type             x-ray 
# 
_diffrn_radiation_wavelength.id           1 
_diffrn_radiation_wavelength.wavelength   1.000000 
_diffrn_radiation_wavelength.wt           1.0 
# 
_diffrn_source.diffrn_id                   1 
_diffrn_source.source                      SYNCHROTRON 
_diffrn_source.type                        'PHOTON FACTORY BEAMLINE BL-5A' 
_diffrn_source.pdbx_synchrotron_site       'Photon Factory' 
_diffrn_source.pdbx_synchrotron_beamline   BL-5A 
_diffrn_source.pdbx_wavelength             ? 
_diffrn_source.pdbx_wavelength_list        1.000000 
# 
_reflns.entry_id                     3AP7 
_reflns.observed_criterion_sigma_I   0 
_reflns.observed_criterion_sigma_F   0 
_reflns.d_resolution_low             24.961 
_reflns.d_resolution_high            1.530 
_reflns.number_obs                   25280 
_reflns.number_all                   25280 
_reflns.percent_possible_obs         99.9 
_reflns.pdbx_Rmerge_I_obs            0.034 
_reflns.pdbx_Rsym_value              0.034 
_reflns.pdbx_netI_over_sigmaI        ? 
_reflns.B_iso_Wilson_estimate        14.014 
_reflns.pdbx_redundancy              12.8 
_reflns.R_free_details               ? 
_reflns.limit_h_max                  ? 
_reflns.limit_h_min                  ? 
_reflns.limit_k_max                  ? 
_reflns.limit_k_min                  ? 
_reflns.limit_l_max                  ? 
_reflns.limit_l_min                  ? 
_reflns.observed_criterion_F_max     ? 
_reflns.observed_criterion_F_min     ? 
_reflns.pdbx_chi_squared             ? 
_reflns.pdbx_scaling_rejects         ? 
_reflns.pdbx_ordinal                 1 
_reflns.pdbx_diffrn_id               1 
# 
_reflns_shell.d_res_high                  1.53 
_reflns_shell.d_res_low                   1.57 
_reflns_shell.percent_possible_all        100 
_reflns_shell.Rmerge_I_obs                0.192 
_reflns_shell.pdbx_Rsym_value             0.192 
_reflns_shell.meanI_over_sigI_obs         12.4 
_reflns_shell.pdbx_redundancy             8.5 
_reflns_shell.percent_possible_obs        ? 
_reflns_shell.number_unique_all           1826 
_reflns_shell.number_measured_all         ? 
_reflns_shell.number_measured_obs         ? 
_reflns_shell.number_unique_obs           ? 
_reflns_shell.pdbx_chi_squared            ? 
_reflns_shell.pdbx_rejects                ? 
_reflns_shell.pdbx_netI_over_sigmaI_obs   ? 
_reflns_shell.number_possible             ? 
_reflns_shell.Rmerge_F_all                ? 
_reflns_shell.Rmerge_F_obs                ? 
_reflns_shell.Rmerge_I_all                ? 
_reflns_shell.meanI_over_sigI_all         ? 
_reflns_shell.pdbx_Rrim_I_all             ? 
_reflns_shell.pdbx_Rpim_I_all             ? 
_reflns_shell.pdbx_ordinal                1 
_reflns_shell.pdbx_diffrn_id              1 
# 
_refine.entry_id                                 3AP7 
_refine.ls_number_reflns_obs                     23937 
_refine.ls_number_reflns_all                     23937 
_refine.pdbx_ls_sigma_I                          ? 
_refine.pdbx_ls_sigma_F                          ? 
_refine.pdbx_data_cutoff_high_absF               ? 
_refine.pdbx_data_cutoff_low_absF                ? 
_refine.pdbx_data_cutoff_high_rms_absF           ? 
_refine.ls_d_res_low                             24.96 
_refine.ls_d_res_high                            1.53 
_refine.ls_percent_reflns_obs                    100.00 
_refine.ls_R_factor_obs                          0.16493 
_refine.ls_R_factor_all                          0.16493 
_refine.ls_R_factor_R_work                       0.16373 
_refine.ls_R_factor_R_free                       0.18828 
_refine.ls_R_factor_R_free_error                 ? 
_refine.ls_R_factor_R_free_error_details         ? 
_refine.ls_percent_reflns_R_free                 5.1 
_refine.ls_number_reflns_R_free                  1282 
_refine.ls_number_parameters                     ? 
_refine.ls_number_restraints                     ? 
_refine.occupancy_min                            ? 
_refine.occupancy_max                            ? 
_refine.correlation_coeff_Fo_to_Fc               0.963 
_refine.correlation_coeff_Fo_to_Fc_free          0.953 
_refine.B_iso_mean                               11.776 
_refine.aniso_B[1][1]                            0.53 
_refine.aniso_B[2][2]                            -0.13 
_refine.aniso_B[3][3]                            -0.39 
_refine.aniso_B[1][2]                            0.00 
_refine.aniso_B[1][3]                            0.00 
_refine.aniso_B[2][3]                            0.00 
_refine.solvent_model_details                    'BABINET MODEL WITH MASK' 
_refine.solvent_model_param_ksol                 ? 
_refine.solvent_model_param_bsol                 ? 
_refine.pdbx_solvent_vdw_probe_radii             1.40 
_refine.pdbx_solvent_ion_probe_radii             0.80 
_refine.pdbx_solvent_shrinkage_radii             0.80 
_refine.pdbx_ls_cross_valid_method               THROUGHOUT 
_refine.details                                  'HYDROGENS HAVE BEEN ADDED IN THE RIDING POSITIONS' 
_refine.pdbx_starting_model                      'PDB ENTRY 3AP5' 
_refine.pdbx_method_to_determine_struct          'MOLECULAR REPLACEMENT' 
_refine.pdbx_isotropic_thermal_model             ISOTROPIC 
_refine.pdbx_stereochemistry_target_values       'Engh & Huber' 
_refine.pdbx_stereochem_target_val_spec_case     ? 
_refine.pdbx_R_Free_selection_details            RANDOM 
_refine.pdbx_overall_ESU_R_Free                  0.073 
_refine.overall_SU_ML                            0.041 
_refine.overall_SU_B                             1.087 
_refine.overall_SU_R_Cruickshank_DPI             ? 
_refine.ls_redundancy_reflns_obs                 ? 
_refine.B_iso_min                                ? 
_refine.B_iso_max                                ? 
_refine.overall_SU_R_free                        ? 
_refine.ls_wR_factor_R_free                      ? 
_refine.ls_wR_factor_R_work                      ? 
_refine.overall_FOM_free_R_set                   ? 
_refine.overall_FOM_work_R_set                   ? 
_refine.pdbx_refine_id                           'X-RAY DIFFRACTION' 
_refine.pdbx_overall_phase_error                 ? 
_refine.pdbx_overall_ESU_R                       ? 
_refine.pdbx_diffrn_id                           1 
_refine.pdbx_TLS_residual_ADP_flag               ? 
_refine.pdbx_overall_SU_R_free_Cruickshank_DPI   ? 
_refine.pdbx_overall_SU_R_Blow_DPI               ? 
_refine.pdbx_overall_SU_R_free_Blow_DPI          ? 
# 
_refine_hist.pdbx_refine_id                   'X-RAY DIFFRACTION' 
_refine_hist.cycle_id                         LAST 
_refine_hist.pdbx_number_atoms_protein        1204 
_refine_hist.pdbx_number_atoms_nucleic_acid   0 
_refine_hist.pdbx_number_atoms_ligand         44 
_refine_hist.number_atoms_solvent             222 
_refine_hist.number_atoms_total               1470 
_refine_hist.d_res_high                       1.53 
_refine_hist.d_res_low                        24.96 
# 
loop_
_refine_ls_restr.type 
_refine_ls_restr.dev_ideal 
_refine_ls_restr.dev_ideal_target 
_refine_ls_restr.weight 
_refine_ls_restr.number 
_refine_ls_restr.pdbx_refine_id 
_refine_ls_restr.pdbx_restraint_function 
r_bond_refined_d       0.009  0.022  ? 1300 'X-RAY DIFFRACTION' ? 
r_bond_other_d         0.001  0.020  ? 893  'X-RAY DIFFRACTION' ? 
r_angle_refined_deg    1.299  1.981  ? 1769 'X-RAY DIFFRACTION' ? 
r_angle_other_deg      0.794  2.998  ? 2185 'X-RAY DIFFRACTION' ? 
r_dihedral_angle_1_deg 6.593  5.000  ? 150  'X-RAY DIFFRACTION' ? 
r_dihedral_angle_2_deg 31.027 23.710 ? 62   'X-RAY DIFFRACTION' ? 
r_dihedral_angle_3_deg 10.596 15.000 ? 216  'X-RAY DIFFRACTION' ? 
r_dihedral_angle_4_deg 19.095 15.000 ? 9    'X-RAY DIFFRACTION' ? 
r_chiral_restr         0.083  0.200  ? 205  'X-RAY DIFFRACTION' ? 
r_gen_planes_refined   0.006  0.021  ? 1395 'X-RAY DIFFRACTION' ? 
r_gen_planes_other     0.001  0.020  ? 262  'X-RAY DIFFRACTION' ? 
r_mcbond_it            0.739  1.500  ? 756  'X-RAY DIFFRACTION' ? 
r_mcbond_other         0.155  1.500  ? 304  'X-RAY DIFFRACTION' ? 
r_mcangle_it           1.328  2.000  ? 1241 'X-RAY DIFFRACTION' ? 
r_scbond_it            1.812  3.000  ? 544  'X-RAY DIFFRACTION' ? 
r_scangle_it           2.900  4.500  ? 528  'X-RAY DIFFRACTION' ? 
# 
_refine_ls_shell.pdbx_refine_id                   'X-RAY DIFFRACTION' 
_refine_ls_shell.pdbx_total_number_of_bins_used   20 
_refine_ls_shell.d_res_high                       1.530 
_refine_ls_shell.d_res_low                        1.570 
_refine_ls_shell.number_reflns_R_work             1735 
_refine_ls_shell.R_factor_R_work                  0.180 
_refine_ls_shell.percent_reflns_obs               100.00 
_refine_ls_shell.R_factor_R_free                  0.206 
_refine_ls_shell.R_factor_R_free_error            ? 
_refine_ls_shell.percent_reflns_R_free            ? 
_refine_ls_shell.number_reflns_R_free             79 
_refine_ls_shell.number_reflns_all                ? 
_refine_ls_shell.R_factor_all                     ? 
_refine_ls_shell.number_reflns_obs                1814 
_refine_ls_shell.redundancy_reflns_obs            ? 
# 
_struct.entry_id                  3AP7 
_struct.title                     
'Crystal structure of the galectin-8 N-terminal carbohydrate recognition domain in complex with lactose sialic acid' 
_struct.pdbx_model_details        ? 
_struct.pdbx_CASP_flag            ? 
_struct.pdbx_model_type_details   ? 
# 
_struct_keywords.entry_id        3AP7 
_struct_keywords.pdbx_keywords   'SUGAR BINDING PROTEIN' 
_struct_keywords.text            'Beta-Sandwich, Galectin, Carbohydrate/Sugar Binding, Sugar Binding Protein' 
# 
loop_
_struct_asym.id 
_struct_asym.pdbx_blank_PDB_chainid_flag 
_struct_asym.pdbx_modified 
_struct_asym.entity_id 
_struct_asym.details 
A N N 1 ? 
B N N 2 ? 
C N N 3 ? 
D N N 4 ? 
# 
_struct_biol.id        1 
_struct_biol.details   ? 
# 
_struct_conf.conf_type_id            HELX_P 
_struct_conf.id                      HELX_P1 
_struct_conf.pdbx_PDB_helix_id       1 
_struct_conf.beg_label_comp_id       GLY 
_struct_conf.beg_label_asym_id       A 
_struct_conf.beg_label_seq_id        131 
_struct_conf.pdbx_beg_PDB_ins_code   ? 
_struct_conf.end_label_comp_id       ILE 
_struct_conf.end_label_asym_id       A 
_struct_conf.end_label_seq_id        135 
_struct_conf.pdbx_end_PDB_ins_code   ? 
_struct_conf.beg_auth_comp_id        GLY 
_struct_conf.beg_auth_asym_id        A 
_struct_conf.beg_auth_seq_id         131 
_struct_conf.end_auth_comp_id        ILE 
_struct_conf.end_auth_asym_id        A 
_struct_conf.end_auth_seq_id         135 
_struct_conf.pdbx_PDB_helix_class    5 
_struct_conf.details                 ? 
_struct_conf.pdbx_PDB_helix_length   5 
# 
_struct_conf_type.id          HELX_P 
_struct_conf_type.criteria    ? 
_struct_conf_type.reference   ? 
# 
loop_
_struct_conn.id 
_struct_conn.conn_type_id 
_struct_conn.pdbx_leaving_atom_flag 
_struct_conn.pdbx_PDB_id 
_struct_conn.ptnr1_label_asym_id 
_struct_conn.ptnr1_label_comp_id 
_struct_conn.ptnr1_label_seq_id 
_struct_conn.ptnr1_label_atom_id 
_struct_conn.pdbx_ptnr1_label_alt_id 
_struct_conn.pdbx_ptnr1_PDB_ins_code 
_struct_conn.pdbx_ptnr1_standard_comp_id 
_struct_conn.ptnr1_symmetry 
_struct_conn.ptnr2_label_asym_id 
_struct_conn.ptnr2_label_comp_id 
_struct_conn.ptnr2_label_seq_id 
_struct_conn.ptnr2_label_atom_id 
_struct_conn.pdbx_ptnr2_label_alt_id 
_struct_conn.pdbx_ptnr2_PDB_ins_code 
_struct_conn.ptnr1_auth_asym_id 
_struct_conn.ptnr1_auth_comp_id 
_struct_conn.ptnr1_auth_seq_id 
_struct_conn.ptnr2_auth_asym_id 
_struct_conn.ptnr2_auth_comp_id 
_struct_conn.ptnr2_auth_seq_id 
_struct_conn.ptnr2_symmetry 
_struct_conn.pdbx_ptnr3_label_atom_id 
_struct_conn.pdbx_ptnr3_label_seq_id 
_struct_conn.pdbx_ptnr3_label_comp_id 
_struct_conn.pdbx_ptnr3_label_asym_id 
_struct_conn.pdbx_ptnr3_label_alt_id 
_struct_conn.pdbx_ptnr3_PDB_ins_code 
_struct_conn.details 
_struct_conn.pdbx_dist_value 
_struct_conn.pdbx_value_order 
_struct_conn.pdbx_role 
covale1 covale both ? B BGC . O4 ? ? ? 1_555 B GAL . C1 ? ? B BGC 1 B GAL 2 1_555 ? ? ? ? ? ? ? 1.429 sing ? 
covale2 covale both ? B GAL . O3 ? ? ? 1_555 B SIA . C2 ? ? B GAL 2 B SIA 3 1_555 ? ? ? ? ? ? ? 1.423 sing ? 
# 
_struct_conn_type.id          covale 
_struct_conn_type.criteria    ? 
_struct_conn_type.reference   ? 
# 
loop_
_struct_mon_prot_cis.pdbx_id 
_struct_mon_prot_cis.label_comp_id 
_struct_mon_prot_cis.label_seq_id 
_struct_mon_prot_cis.label_asym_id 
_struct_mon_prot_cis.label_alt_id 
_struct_mon_prot_cis.pdbx_PDB_ins_code 
_struct_mon_prot_cis.auth_comp_id 
_struct_mon_prot_cis.auth_seq_id 
_struct_mon_prot_cis.auth_asym_id 
_struct_mon_prot_cis.pdbx_label_comp_id_2 
_struct_mon_prot_cis.pdbx_label_seq_id_2 
_struct_mon_prot_cis.pdbx_label_asym_id_2 
_struct_mon_prot_cis.pdbx_PDB_ins_code_2 
_struct_mon_prot_cis.pdbx_auth_comp_id_2 
_struct_mon_prot_cis.pdbx_auth_seq_id_2 
_struct_mon_prot_cis.pdbx_auth_asym_id_2 
_struct_mon_prot_cis.pdbx_PDB_model_num 
_struct_mon_prot_cis.pdbx_omega_angle 
1 ILE 17 A . ? ILE 17 A PRO 18 A ? PRO 18 A 1 8.06  
2 LYS 57 A . ? LYS 57 A PRO 58 A ? PRO 58 A 1 -7.20 
# 
loop_
_struct_sheet.id 
_struct_sheet.type 
_struct_sheet.number_strands 
_struct_sheet.details 
A ? 6 ? 
B ? 6 ? 
C ? 6 ? 
# 
loop_
_struct_sheet_order.sheet_id 
_struct_sheet_order.range_id_1 
_struct_sheet_order.range_id_2 
_struct_sheet_order.offset 
_struct_sheet_order.sense 
A 1 2 ? anti-parallel 
A 2 3 ? anti-parallel 
A 3 4 ? anti-parallel 
A 4 5 ? anti-parallel 
A 5 6 ? anti-parallel 
B 1 2 ? anti-parallel 
B 2 3 ? anti-parallel 
B 3 4 ? anti-parallel 
B 4 5 ? anti-parallel 
B 5 6 ? anti-parallel 
C 1 2 ? anti-parallel 
C 2 3 ? anti-parallel 
C 3 4 ? anti-parallel 
C 4 5 ? anti-parallel 
C 5 6 ? anti-parallel 
# 
loop_
_struct_sheet_range.sheet_id 
_struct_sheet_range.id 
_struct_sheet_range.beg_label_comp_id 
_struct_sheet_range.beg_label_asym_id 
_struct_sheet_range.beg_label_seq_id 
_struct_sheet_range.pdbx_beg_PDB_ins_code 
_struct_sheet_range.end_label_comp_id 
_struct_sheet_range.end_label_asym_id 
_struct_sheet_range.end_label_seq_id 
_struct_sheet_range.pdbx_end_PDB_ins_code 
_struct_sheet_range.beg_auth_comp_id 
_struct_sheet_range.beg_auth_asym_id 
_struct_sheet_range.beg_auth_seq_id 
_struct_sheet_range.end_auth_comp_id 
_struct_sheet_range.end_auth_asym_id 
_struct_sheet_range.end_auth_seq_id 
A 1 GLN A 9   ? TYR A 13  ? GLN A 9   TYR A 13  
A 2 ASN A 145 ? SER A 152 ? ASN A 145 SER A 152 
A 3 LEU A 32  ? HIS A 38  ? LEU A 32  HIS A 38  
A 4 SER A 102 ? VAL A 109 ? SER A 102 VAL A 109 
A 5 LYS A 113 ? VAL A 118 ? LYS A 113 VAL A 118 
A 6 LYS A 121 ? GLY A 127 ? LYS A 121 GLY A 127 
B 1 PHE A 19  ? THR A 22  ? PHE A 19  THR A 22  
B 2 THR A 137 ? GLY A 142 ? THR A 137 GLY A 142 
B 3 PHE A 46  ? GLN A 51  ? PHE A 46  GLN A 51  
B 4 VAL A 62  ? ARG A 69  ? VAL A 62  ARG A 69  
B 5 CYS A 75  ? ILE A 82  ? CYS A 75  ILE A 82  
B 6 LYS A 85  ? TRP A 86  ? LYS A 85  TRP A 86  
C 1 PHE A 19  ? THR A 22  ? PHE A 19  THR A 22  
C 2 THR A 137 ? GLY A 142 ? THR A 137 GLY A 142 
C 3 PHE A 46  ? GLN A 51  ? PHE A 46  GLN A 51  
C 4 VAL A 62  ? ARG A 69  ? VAL A 62  ARG A 69  
C 5 CYS A 75  ? ILE A 82  ? CYS A 75  ILE A 82  
C 6 GLU A 90  ? THR A 92  ? GLU A 90  THR A 92  
# 
loop_
_pdbx_struct_sheet_hbond.sheet_id 
_pdbx_struct_sheet_hbond.range_id_1 
_pdbx_struct_sheet_hbond.range_id_2 
_pdbx_struct_sheet_hbond.range_1_label_atom_id 
_pdbx_struct_sheet_hbond.range_1_label_comp_id 
_pdbx_struct_sheet_hbond.range_1_label_asym_id 
_pdbx_struct_sheet_hbond.range_1_label_seq_id 
_pdbx_struct_sheet_hbond.range_1_PDB_ins_code 
_pdbx_struct_sheet_hbond.range_1_auth_atom_id 
_pdbx_struct_sheet_hbond.range_1_auth_comp_id 
_pdbx_struct_sheet_hbond.range_1_auth_asym_id 
_pdbx_struct_sheet_hbond.range_1_auth_seq_id 
_pdbx_struct_sheet_hbond.range_2_label_atom_id 
_pdbx_struct_sheet_hbond.range_2_label_comp_id 
_pdbx_struct_sheet_hbond.range_2_label_asym_id 
_pdbx_struct_sheet_hbond.range_2_label_seq_id 
_pdbx_struct_sheet_hbond.range_2_PDB_ins_code 
_pdbx_struct_sheet_hbond.range_2_auth_atom_id 
_pdbx_struct_sheet_hbond.range_2_auth_comp_id 
_pdbx_struct_sheet_hbond.range_2_auth_asym_id 
_pdbx_struct_sheet_hbond.range_2_auth_seq_id 
A 1 2 N GLN A 9   ? N GLN A 9   O PHE A 151 ? O PHE A 151 
A 2 3 O GLY A 150 ? O GLY A 150 N VAL A 34  ? N VAL A 34  
A 3 4 N ILE A 35  ? N ILE A 35  O ILE A 105 ? O ILE A 105 
A 4 5 N MET A 108 ? N MET A 108 O GLN A 115 ? O GLN A 115 
A 5 6 N VAL A 116 ? N VAL A 116 O THR A 123 ? O THR A 123 
B 1 2 N GLY A 21  ? N GLY A 21  O LEU A 138 ? O LEU A 138 
B 2 3 O THR A 137 ? O THR A 137 N GLN A 51  ? N GLN A 51  
B 3 4 N LEU A 50  ? N LEU A 50  O PHE A 64  ? O PHE A 64  
B 4 5 N ARG A 69  ? N ARG A 69  O CYS A 75  ? O CYS A 75  
B 5 6 N ILE A 82  ? N ILE A 82  O LYS A 85  ? O LYS A 85  
C 1 2 N GLY A 21  ? N GLY A 21  O LEU A 138 ? O LEU A 138 
C 2 3 O THR A 137 ? O THR A 137 N GLN A 51  ? N GLN A 51  
C 3 4 N LEU A 50  ? N LEU A 50  O PHE A 64  ? O PHE A 64  
C 4 5 N ARG A 69  ? N ARG A 69  O CYS A 75  ? O CYS A 75  
C 5 6 N ILE A 76  ? N ILE A 76  O THR A 92  ? O THR A 92  
# 
_atom_sites.entry_id                    3AP7 
_atom_sites.fract_transf_matrix[1][1]   -0.00521063 
_atom_sites.fract_transf_matrix[1][2]   0.02092283 
_atom_sites.fract_transf_matrix[1][3]   -0.00059107 
_atom_sites.fract_transf_matrix[2][1]   0.01943780 
_atom_sites.fract_transf_matrix[2][2]   0.00482902 
_atom_sites.fract_transf_matrix[2][3]   -0.00041660 
_atom_sites.fract_transf_matrix[3][1]   -0.00019301 
_atom_sites.fract_transf_matrix[3][2]   -0.00044974 
_atom_sites.fract_transf_matrix[3][3]   -0.01421858 
_atom_sites.fract_transf_vector[1]      0.501558 
_atom_sites.fract_transf_vector[2]      0.527970 
_atom_sites.fract_transf_vector[3]      0.396685 
# 
loop_
_atom_type.symbol 
C  
CL 
N  
O  
S  
# 
loop_
_atom_site.group_PDB 
_atom_site.id 
_atom_site.type_symbol 
_atom_site.label_atom_id 
_atom_site.label_alt_id 
_atom_site.label_comp_id 
_atom_site.label_asym_id 
_atom_site.label_entity_id 
_atom_site.label_seq_id 
_atom_site.pdbx_PDB_ins_code 
_atom_site.Cartn_x 
_atom_site.Cartn_y 
_atom_site.Cartn_z 
_atom_site.occupancy 
_atom_site.B_iso_or_equiv 
_atom_site.pdbx_formal_charge 
_atom_site.auth_seq_id 
_atom_site.auth_comp_id 
_atom_site.auth_asym_id 
_atom_site.auth_atom_id 
_atom_site.pdbx_PDB_model_num 
ATOM   1    N  N   . SER A 1 4   ? -3.688  4.696   26.529  1.00 40.28 ? 4   SER A N   1 
ATOM   2    C  CA  . SER A 1 4   ? -4.929  4.823   25.704  1.00 40.10 ? 4   SER A CA  1 
ATOM   3    C  C   . SER A 1 4   ? -4.886  3.883   24.499  1.00 39.71 ? 4   SER A C   1 
ATOM   4    O  O   . SER A 1 4   ? -3.854  3.268   24.212  1.00 39.82 ? 4   SER A O   1 
ATOM   5    C  CB  . SER A 1 4   ? -5.121  6.271   25.241  1.00 40.31 ? 4   SER A CB  1 
ATOM   6    O  OG  . SER A 1 4   ? -4.058  6.690   24.399  1.00 40.93 ? 4   SER A OG  1 
ATOM   7    N  N   . LEU A 1 5   ? -6.012  3.784   23.793  1.00 39.05 ? 5   LEU A N   1 
ATOM   8    C  CA  . LEU A 1 5   ? -6.151  2.863   22.660  1.00 38.41 ? 5   LEU A CA  1 
ATOM   9    C  C   . LEU A 1 5   ? -5.799  3.489   21.302  1.00 37.44 ? 5   LEU A C   1 
ATOM   10   O  O   . LEU A 1 5   ? -5.752  2.780   20.300  1.00 38.04 ? 5   LEU A O   1 
ATOM   11   C  CB  . LEU A 1 5   ? -7.582  2.303   22.609  1.00 38.40 ? 5   LEU A CB  1 
ATOM   12   C  CG  . LEU A 1 5   ? -8.049  1.416   23.766  1.00 38.42 ? 5   LEU A CG  1 
ATOM   13   C  CD1 . LEU A 1 5   ? -9.526  1.099   23.590  1.00 38.36 ? 5   LEU A CD1 1 
ATOM   14   C  CD2 . LEU A 1 5   ? -7.232  0.130   23.889  1.00 38.20 ? 5   LEU A CD2 1 
ATOM   15   N  N   . ASN A 1 6   ? -5.565  4.802   21.261  1.00 36.52 ? 6   ASN A N   1 
ATOM   16   C  CA  . ASN A 1 6   ? -5.189  5.492   20.011  1.00 35.16 ? 6   ASN A CA  1 
ATOM   17   C  C   . ASN A 1 6   ? -3.683  5.741   19.936  1.00 33.74 ? 6   ASN A C   1 
ATOM   18   O  O   . ASN A 1 6   ? -3.156  6.632   20.612  1.00 34.26 ? 6   ASN A O   1 
ATOM   19   C  CB  . ASN A 1 6   ? -5.935  6.828   19.875  1.00 35.38 ? 6   ASN A CB  1 
ATOM   20   C  CG  . ASN A 1 6   ? -7.402  6.653   19.502  1.00 35.32 ? 6   ASN A CG  1 
ATOM   21   O  OD1 . ASN A 1 6   ? -7.731  6.115   18.439  1.00 33.80 ? 6   ASN A OD1 1 
ATOM   22   N  ND2 . ASN A 1 6   ? -8.289  7.124   20.373  1.00 35.87 ? 6   ASN A ND2 1 
ATOM   23   N  N   . ASN A 1 7   ? -2.996  4.941   19.122  1.00 31.54 ? 7   ASN A N   1 
ATOM   24   C  CA  . ASN A 1 7   ? -1.553  5.077   18.914  1.00 29.37 ? 7   ASN A CA  1 
ATOM   25   C  C   . ASN A 1 7   ? -1.185  5.484   17.473  1.00 26.10 ? 7   ASN A C   1 
ATOM   26   O  O   . ASN A 1 7   ? -0.029  5.784   17.163  1.00 26.52 ? 7   ASN A O   1 
ATOM   27   C  CB  . ASN A 1 7   ? -0.866  3.784   19.326  1.00 29.96 ? 7   ASN A CB  1 
ATOM   28   C  CG  . ASN A 1 7   ? -1.143  3.421   20.788  1.00 32.25 ? 7   ASN A CG  1 
ATOM   29   O  OD1 . ASN A 1 7   ? -2.286  3.132   21.169  1.00 35.94 ? 7   ASN A OD1 1 
ATOM   30   N  ND2 . ASN A 1 7   ? -0.101  3.447   21.611  1.00 35.06 ? 7   ASN A ND2 1 
ATOM   31   N  N   . LEU A 1 8   ? -2.185  5.509   16.604  1.00 22.19 ? 8   LEU A N   1 
ATOM   32   C  CA  . LEU A 1 8   ? -2.015  6.020   15.255  1.00 18.24 ? 8   LEU A CA  1 
ATOM   33   C  C   . LEU A 1 8   ? -2.976  7.181   15.068  1.00 15.97 ? 8   LEU A C   1 
ATOM   34   O  O   . LEU A 1 8   ? -3.902  7.393   15.870  1.00 16.27 ? 8   LEU A O   1 
ATOM   35   C  CB  . LEU A 1 8   ? -2.308  4.911   14.238  1.00 17.40 ? 8   LEU A CB  1 
ATOM   36   C  CG  . LEU A 1 8   ? -1.336  3.735   14.246  1.00 16.73 ? 8   LEU A CG  1 
ATOM   37   C  CD1 . LEU A 1 8   ? -1.897  2.591   13.409  1.00 17.35 ? 8   LEU A CD1 1 
ATOM   38   C  CD2 . LEU A 1 8   ? 0.029   4.179   13.720  1.00 17.78 ? 8   LEU A CD2 1 
ATOM   39   N  N   . GLN A 1 9   ? -2.757  7.932   14.002  1.00 12.90 ? 9   GLN A N   1 
ATOM   40   C  CA  . GLN A 1 9   ? -3.568  9.080   13.641  1.00 11.94 ? 9   GLN A CA  1 
ATOM   41   C  C   . GLN A 1 9   ? -4.523  8.777   12.501  1.00 11.28 ? 9   GLN A C   1 
ATOM   42   O  O   . GLN A 1 9   ? -4.233  7.920   11.653  1.00 10.39 ? 9   GLN A O   1 
ATOM   43   C  CB  . GLN A 1 9   ? -2.668  10.227  13.175  1.00 11.65 ? 9   GLN A CB  1 
ATOM   44   C  CG  . GLN A 1 9   ? -1.641  10.670  14.206  1.00 12.31 ? 9   GLN A CG  1 
ATOM   45   C  CD  . GLN A 1 9   ? -0.801  11.806  13.679  1.00 13.73 ? 9   GLN A CD  1 
ATOM   46   O  OE1 . GLN A 1 9   ? -1.179  12.975  13.754  1.00 17.04 ? 9   GLN A OE1 1 
ATOM   47   N  NE2 . GLN A 1 9   ? 0.346   11.467  13.120  1.00 12.04 ? 9   GLN A NE2 1 
ATOM   48   N  N   . ASN A 1 10  ? -5.628  9.516   12.472  1.00 11.10 ? 10  ASN A N   1 
ATOM   49   C  CA  . ASN A 1 10  ? -6.551  9.562   11.343  1.00 11.09 ? 10  ASN A CA  1 
ATOM   50   C  C   . ASN A 1 10  ? -7.000  8.174   10.920  1.00 11.18 ? 10  ASN A C   1 
ATOM   51   O  O   . ASN A 1 10  ? -6.941  7.820   9.740   1.00 11.18 ? 10  ASN A O   1 
ATOM   52   C  CB  . ASN A 1 10  ? -5.898  10.307  10.173  1.00 11.20 ? 10  ASN A CB  1 
ATOM   53   C  CG  . ASN A 1 10  ? -5.472  11.711  10.541  1.00 13.09 ? 10  ASN A CG  1 
ATOM   54   O  OD1 . ASN A 1 10  ? -4.278  12.007  10.632  1.00 13.88 ? 10  ASN A OD1 1 
ATOM   55   N  ND2 . ASN A 1 10  ? -6.457  12.593  10.751  1.00 16.49 ? 10  ASN A ND2 1 
ATOM   56   N  N   . ILE A 1 11  ? -7.447  7.388   11.897  1.00 10.88 ? 11  ILE A N   1 
ATOM   57   C  CA  . ILE A 1 11  ? -7.733  5.976   11.698  1.00 10.90 ? 11  ILE A CA  1 
ATOM   58   C  C   . ILE A 1 11  ? -9.065  5.808   10.968  1.00 10.58 ? 11  ILE A C   1 
ATOM   59   O  O   . ILE A 1 11  ? -10.030 6.530   11.241  1.00 11.83 ? 11  ILE A O   1 
ATOM   60   C  CB  . ILE A 1 11  ? -7.755  5.217   13.035  1.00 11.37 ? 11  ILE A CB  1 
ATOM   61   C  CG1 . ILE A 1 11  ? -6.389  5.324   13.726  1.00 12.18 ? 11  ILE A CG1 1 
ATOM   62   C  CG2 . ILE A 1 11  ? -8.127  3.753   12.813  1.00 12.01 ? 11  ILE A CG2 1 
ATOM   63   C  CD1 . ILE A 1 11  ? -6.382  4.794   15.146  1.00 14.24 ? 11  ILE A CD1 1 
ATOM   64   N  N   . ILE A 1 12  ? -9.080  4.881   10.007  1.00 10.07 ? 12  ILE A N   1 
ATOM   65   C  CA  . ILE A 1 12  ? -10.281 4.475   9.280   1.00 10.45 ? 12  ILE A CA  1 
ATOM   66   C  C   . ILE A 1 12  ? -10.521 2.989   9.581   1.00 10.09 ? 12  ILE A C   1 
ATOM   67   O  O   . ILE A 1 12  ? -9.629  2.159   9.389   1.00 9.73  ? 12  ILE A O   1 
ATOM   68   C  CB  . ILE A 1 12  ? -10.113 4.658   7.749   1.00 10.87 ? 12  ILE A CB  1 
ATOM   69   C  CG1 . ILE A 1 12  ? -9.763  6.112   7.398   1.00 12.89 ? 12  ILE A CG1 1 
ATOM   70   C  CG2 . ILE A 1 12  ? -11.367 4.187   6.993   1.00 11.40 ? 12  ILE A CG2 1 
ATOM   71   C  CD1 . ILE A 1 12  ? -10.847 7.091   7.689   1.00 16.24 ? 12  ILE A CD1 1 
ATOM   72   N  N   . TYR A 1 13  ? -11.728 2.656   10.045  1.00 9.86  ? 13  TYR A N   1 
ATOM   73   C  CA  . TYR A 1 13  ? -12.070 1.288   10.418  1.00 9.99  ? 13  TYR A CA  1 
ATOM   74   C  C   . TYR A 1 13  ? -12.995 0.644   9.401   1.00 10.00 ? 13  TYR A C   1 
ATOM   75   O  O   . TYR A 1 13  ? -13.948 1.280   8.938   1.00 10.53 ? 13  TYR A O   1 
ATOM   76   C  CB  . TYR A 1 13  ? -12.797 1.279   11.773  1.00 9.75  ? 13  TYR A CB  1 
ATOM   77   C  CG  . TYR A 1 13  ? -11.959 1.760   12.934  1.00 9.80  ? 13  TYR A CG  1 
ATOM   78   C  CD1 . TYR A 1 13  ? -10.969 0.953   13.478  1.00 10.15 ? 13  TYR A CD1 1 
ATOM   79   C  CD2 . TYR A 1 13  ? -12.165 3.017   13.496  1.00 9.93  ? 13  TYR A CD2 1 
ATOM   80   C  CE1 . TYR A 1 13  ? -10.189 1.393   14.533  1.00 10.76 ? 13  TYR A CE1 1 
ATOM   81   C  CE2 . TYR A 1 13  ? -11.393 3.465   14.554  1.00 10.68 ? 13  TYR A CE2 1 
ATOM   82   C  CZ  . TYR A 1 13  ? -10.416 2.643   15.080  1.00 11.48 ? 13  TYR A CZ  1 
ATOM   83   O  OH  . TYR A 1 13  ? -9.635  3.080   16.132  1.00 14.73 ? 13  TYR A OH  1 
ATOM   84   N  N   . ASN A 1 14  ? -12.718 -0.612  9.067   1.00 10.36 ? 14  ASN A N   1 
ATOM   85   C  CA  . ASN A 1 14  ? -13.635 -1.441  8.252   1.00 10.40 ? 14  ASN A CA  1 
ATOM   86   C  C   . ASN A 1 14  ? -14.158 -0.717  6.996   1.00 10.79 ? 14  ASN A C   1 
ATOM   87   O  O   . ASN A 1 14  ? -15.387 -0.667  6.760   1.00 11.40 ? 14  ASN A O   1 
ATOM   88   C  CB  . ASN A 1 14  ? -14.809 -1.908  9.136   1.00 10.97 ? 14  ASN A CB  1 
ATOM   89   C  CG  . ASN A 1 14  ? -15.753 -2.887  8.434   1.00 11.42 ? 14  ASN A CG  1 
ATOM   90   O  OD1 . ASN A 1 14  ? -16.992 -2.846  8.643   1.00 15.02 ? 14  ASN A OD1 1 
ATOM   91   N  ND2 . ASN A 1 14  ? -15.196 -3.769  7.628   1.00 11.26 ? 14  ASN A ND2 1 
ATOM   92   N  N   . PRO A 1 15  ? -13.248 -0.149  6.182   1.00 11.25 ? 15  PRO A N   1 
ATOM   93   C  CA  . PRO A 1 15  ? -13.684 0.534   4.964   1.00 11.86 ? 15  PRO A CA  1 
ATOM   94   C  C   . PRO A 1 15  ? -14.245 -0.431  3.929   1.00 12.80 ? 15  PRO A C   1 
ATOM   95   O  O   . PRO A 1 15  ? -13.870 -1.600  3.903   1.00 13.60 ? 15  PRO A O   1 
ATOM   96   C  CB  . PRO A 1 15  ? -12.389 1.153   4.431   1.00 11.37 ? 15  PRO A CB  1 
ATOM   97   C  CG  . PRO A 1 15  ? -11.331 0.282   4.937   1.00 12.39 ? 15  PRO A CG  1 
ATOM   98   C  CD  . PRO A 1 15  ? -11.777 -0.143  6.299   1.00 11.63 ? 15  PRO A CD  1 
ATOM   99   N  N   . VAL A 1 16  ? -15.134 0.072   3.084   1.00 13.40 ? 16  VAL A N   1 
ATOM   100  C  CA  . VAL A 1 16  ? -15.569 -0.677  1.908   1.00 14.34 ? 16  VAL A CA  1 
ATOM   101  C  C   . VAL A 1 16  ? -14.412 -0.703  0.891   1.00 14.12 ? 16  VAL A C   1 
ATOM   102  O  O   . VAL A 1 16  ? -13.718 0.306   0.693   1.00 13.92 ? 16  VAL A O   1 
ATOM   103  C  CB  . VAL A 1 16  ? -16.823 -0.053  1.282   1.00 14.83 ? 16  VAL A CB  1 
ATOM   104  C  CG1 . VAL A 1 16  ? -17.236 -0.804  0.002   1.00 16.49 ? 16  VAL A CG1 1 
ATOM   105  C  CG2 . VAL A 1 16  ? -17.982 -0.030  2.289   1.00 15.83 ? 16  VAL A CG2 1 
ATOM   106  N  N   . ILE A 1 17  ? -14.209 -1.860  0.269   1.00 14.04 ? 17  ILE A N   1 
ATOM   107  C  CA  . ILE A 1 17  ? -13.218 -2.031  -0.790  1.00 14.69 ? 17  ILE A CA  1 
ATOM   108  C  C   . ILE A 1 17  ? -13.997 -2.117  -2.111  1.00 15.17 ? 17  ILE A C   1 
ATOM   109  O  O   . ILE A 1 17  ? -14.931 -2.905  -2.210  1.00 16.14 ? 17  ILE A O   1 
ATOM   110  C  CB  . ILE A 1 17  ? -12.378 -3.306  -0.569  1.00 14.92 ? 17  ILE A CB  1 
ATOM   111  C  CG1 . ILE A 1 17  ? -11.705 -3.276  0.810   1.00 14.44 ? 17  ILE A CG1 1 
ATOM   112  C  CG2 . ILE A 1 17  ? -11.346 -3.505  -1.711  1.00 14.71 ? 17  ILE A CG2 1 
ATOM   113  C  CD1 . ILE A 1 17  ? -10.886 -2.024  1.106   1.00 13.47 ? 17  ILE A CD1 1 
ATOM   114  N  N   . PRO A 1 18  ? -13.626 -1.315  -3.125  1.00 14.82 ? 18  PRO A N   1 
ATOM   115  C  CA  . PRO A 1 18  ? -12.454 -0.460  -3.202  1.00 14.45 ? 18  PRO A CA  1 
ATOM   116  C  C   . PRO A 1 18  ? -12.531 0.789   -2.332  1.00 13.68 ? 18  PRO A C   1 
ATOM   117  O  O   . PRO A 1 18  ? -13.573 1.428   -2.245  1.00 14.11 ? 18  PRO A O   1 
ATOM   118  C  CB  . PRO A 1 18  ? -12.387 -0.097  -4.693  1.00 14.85 ? 18  PRO A CB  1 
ATOM   119  C  CG  . PRO A 1 18  ? -13.791 -0.178  -5.159  1.00 15.69 ? 18  PRO A CG  1 
ATOM   120  C  CD  . PRO A 1 18  ? -14.398 -1.299  -4.385  1.00 15.48 ? 18  PRO A CD  1 
ATOM   121  N  N   . PHE A 1 19  ? -11.404 1.119   -1.701  1.00 12.53 ? 19  PHE A N   1 
ATOM   122  C  CA  . PHE A 1 19  ? -11.262 2.266   -0.819  1.00 12.28 ? 19  PHE A CA  1 
ATOM   123  C  C   . PHE A 1 19  ? -10.382 3.275   -1.529  1.00 12.69 ? 19  PHE A C   1 
ATOM   124  O  O   . PHE A 1 19  ? -9.311  2.913   -2.028  1.00 12.79 ? 19  PHE A O   1 
ATOM   125  C  CB  . PHE A 1 19  ? -10.593 1.860   0.493   1.00 12.70 ? 19  PHE A CB  1 
ATOM   126  C  CG  . PHE A 1 19  ? -10.206 3.028   1.360   1.00 11.41 ? 19  PHE A CG  1 
ATOM   127  C  CD1 . PHE A 1 19  ? -11.152 3.658   2.163   1.00 12.45 ? 19  PHE A CD1 1 
ATOM   128  C  CD2 . PHE A 1 19  ? -8.902  3.521   1.355   1.00 12.07 ? 19  PHE A CD2 1 
ATOM   129  C  CE1 . PHE A 1 19  ? -10.792 4.743   2.956   1.00 13.18 ? 19  PHE A CE1 1 
ATOM   130  C  CE2 . PHE A 1 19  ? -8.536  4.598   2.147   1.00 13.76 ? 19  PHE A CE2 1 
ATOM   131  C  CZ  . PHE A 1 19  ? -9.478  5.213   2.952   1.00 13.58 ? 19  PHE A CZ  1 
ATOM   132  N  N   . VAL A 1 20  ? -10.841 4.516   -1.612  1.00 12.94 ? 20  VAL A N   1 
ATOM   133  C  CA  . VAL A 1 20  ? -10.028 5.611   -2.136  1.00 13.29 ? 20  VAL A CA  1 
ATOM   134  C  C   . VAL A 1 20  ? -10.182 6.770   -1.177  1.00 13.86 ? 20  VAL A C   1 
ATOM   135  O  O   . VAL A 1 20  ? -11.248 7.380   -1.104  1.00 14.82 ? 20  VAL A O   1 
ATOM   136  C  CB  . VAL A 1 20  ? -10.483 6.031   -3.550  1.00 13.72 ? 20  VAL A CB  1 
ATOM   137  C  CG1 . VAL A 1 20  ? -9.586  7.141   -4.077  1.00 14.78 ? 20  VAL A CG1 1 
ATOM   138  C  CG2 . VAL A 1 20  ? -10.490 4.847   -4.482  1.00 13.16 ? 20  VAL A CG2 1 
ATOM   139  N  N   . GLY A 1 21  ? -9.140  7.059   -0.410  1.00 13.84 ? 21  GLY A N   1 
ATOM   140  C  CA  . GLY A 1 21  ? -9.231  8.058   0.647   1.00 14.31 ? 21  GLY A CA  1 
ATOM   141  C  C   . GLY A 1 21  ? -8.104  9.052   0.624   1.00 14.97 ? 21  GLY A C   1 
ATOM   142  O  O   . GLY A 1 21  ? -6.989  8.740   0.209   1.00 13.89 ? 21  GLY A O   1 
ATOM   143  N  N   . THR A 1 22  ? -8.392  10.264  1.076   1.00 15.66 ? 22  THR A N   1 
ATOM   144  C  CA  . THR A 1 22  ? -7.389  11.316  1.108   1.00 16.43 ? 22  THR A CA  1 
ATOM   145  C  C   . THR A 1 22  ? -6.476  11.075  2.308   1.00 16.39 ? 22  THR A C   1 
ATOM   146  O  O   . THR A 1 22  ? -6.946  10.841  3.426   1.00 17.67 ? 22  THR A O   1 
ATOM   147  C  CB  . THR A 1 22  ? -8.047  12.731  1.145   1.00 17.59 ? 22  THR A CB  1 
ATOM   148  O  OG1 . THR A 1 22  ? -8.798  12.947  -0.063  1.00 19.34 ? 22  THR A OG1 1 
ATOM   149  C  CG2 . THR A 1 22  ? -6.999  13.822  1.273   1.00 18.79 ? 22  THR A CG2 1 
ATOM   150  N  N   . ILE A 1 23  ? -5.165  11.098  2.065   1.00 14.98 ? 23  ILE A N   1 
ATOM   151  C  CA  . ILE A 1 23  ? -4.160  11.003  3.120   1.00 14.85 ? 23  ILE A CA  1 
ATOM   152  C  C   . ILE A 1 23  ? -4.046  12.385  3.773   1.00 15.33 ? 23  ILE A C   1 
ATOM   153  O  O   . ILE A 1 23  ? -3.734  13.364  3.090   1.00 15.99 ? 23  ILE A O   1 
ATOM   154  C  CB  . ILE A 1 23  ? -2.786  10.554  2.551   1.00 13.98 ? 23  ILE A CB  1 
ATOM   155  C  CG1 . ILE A 1 23  ? -2.898  9.148   1.967   1.00 12.75 ? 23  ILE A CG1 1 
ATOM   156  C  CG2 . ILE A 1 23  ? -1.705  10.632  3.629   1.00 15.14 ? 23  ILE A CG2 1 
ATOM   157  C  CD1 . ILE A 1 23  ? -1.677  8.691   1.184   1.00 15.03 ? 23  ILE A CD1 1 
ATOM   158  N  N   . PRO A 1 24  ? -4.330  12.478  5.085   1.00 15.85 ? 24  PRO A N   1 
ATOM   159  C  CA  . PRO A 1 24  ? -4.551  13.792  5.704   1.00 16.12 ? 24  PRO A CA  1 
ATOM   160  C  C   . PRO A 1 24  ? -3.341  14.683  5.976   1.00 16.06 ? 24  PRO A C   1 
ATOM   161  O  O   . PRO A 1 24  ? -3.517  15.816  6.414   1.00 17.14 ? 24  PRO A O   1 
ATOM   162  C  CB  . PRO A 1 24  ? -5.247  13.443  7.033   1.00 16.54 ? 24  PRO A CB  1 
ATOM   163  C  CG  . PRO A 1 24  ? -4.996  12.055  7.269   1.00 17.10 ? 24  PRO A CG  1 
ATOM   164  C  CD  . PRO A 1 24  ? -4.768  11.382  5.965   1.00 15.50 ? 24  PRO A CD  1 
ATOM   165  N  N   . ASP A 1 25  ? -2.135  14.196  5.730   1.00 15.54 ? 25  ASP A N   1 
ATOM   166  C  CA  . ASP A 1 25  ? -0.942  15.021  5.913   1.00 15.71 ? 25  ASP A CA  1 
ATOM   167  C  C   . ASP A 1 25  ? 0.142   14.517  4.966   1.00 15.77 ? 25  ASP A C   1 
ATOM   168  O  O   . ASP A 1 25  ? -0.046  13.519  4.276   1.00 15.38 ? 25  ASP A O   1 
ATOM   169  C  CB  . ASP A 1 25  ? -0.493  14.962  7.376   1.00 15.54 ? 25  ASP A CB  1 
ATOM   170  C  CG  . ASP A 1 25  ? 0.372   16.153  7.809   1.00 17.54 ? 25  ASP A CG  1 
ATOM   171  O  OD1 . ASP A 1 25  ? 0.803   16.967  6.959   1.00 18.62 ? 25  ASP A OD1 1 
ATOM   172  O  OD2 . ASP A 1 25  ? 0.624   16.250  9.028   1.00 20.92 ? 25  ASP A OD2 1 
ATOM   173  N  N   . GLN A 1 26  ? 1.256   15.239  4.938   1.00 16.51 ? 26  GLN A N   1 
ATOM   174  C  CA  . GLN A 1 26  ? 2.369   14.989  4.019   1.00 16.98 ? 26  GLN A CA  1 
ATOM   175  C  C   . GLN A 1 26  ? 3.144   13.725  4.374   1.00 16.58 ? 26  GLN A C   1 
ATOM   176  O  O   . GLN A 1 26  ? 3.396   13.455  5.547   1.00 15.71 ? 26  GLN A O   1 
ATOM   177  C  CB  . GLN A 1 26  ? 3.358   16.169  4.073   1.00 17.98 ? 26  GLN A CB  1 
ATOM   178  C  CG  . GLN A 1 26  ? 2.727   17.538  3.877   1.00 20.42 ? 26  GLN A CG  1 
ATOM   179  C  CD  . GLN A 1 26  ? 3.734   18.688  3.821   1.00 22.46 ? 26  GLN A CD  1 
ATOM   180  O  OE1 . GLN A 1 26  ? 3.380   19.797  3.433   1.00 27.63 ? 26  GLN A OE1 1 
ATOM   181  N  NE2 . GLN A 1 26  ? 4.979   18.429  4.203   1.00 25.09 ? 26  GLN A NE2 1 
ATOM   182  N  N   . LEU A 1 27  ? 3.571   12.977  3.350   1.00 15.79 ? 27  LEU A N   1 
ATOM   183  C  CA  . LEU A 1 27  ? 4.414   11.796  3.564   1.00 15.82 ? 27  LEU A CA  1 
ATOM   184  C  C   . LEU A 1 27  ? 5.894   12.172  3.633   1.00 16.14 ? 27  LEU A C   1 
ATOM   185  O  O   . LEU A 1 27  ? 6.685   11.838  2.747   1.00 16.16 ? 27  LEU A O   1 
ATOM   186  C  CB  . LEU A 1 27  ? 4.179   10.731  2.489   1.00 15.77 ? 27  LEU A CB  1 
ATOM   187  C  CG  . LEU A 1 27  ? 2.769   10.145  2.412   1.00 16.14 ? 27  LEU A CG  1 
ATOM   188  C  CD1 . LEU A 1 27  ? 2.780   9.026   1.389   1.00 16.50 ? 27  LEU A CD1 1 
ATOM   189  C  CD2 . LEU A 1 27  ? 2.243   9.638   3.749   1.00 16.24 ? 27  LEU A CD2 1 
ATOM   190  N  N   . ASP A 1 28  ? 6.256   12.841  4.716   1.00 16.58 ? 28  ASP A N   1 
ATOM   191  C  CA  . ASP A 1 28  ? 7.648   13.212  4.973   1.00 17.05 ? 28  ASP A CA  1 
ATOM   192  C  C   . ASP A 1 28  ? 8.425   11.997  5.495   1.00 16.48 ? 28  ASP A C   1 
ATOM   193  O  O   . ASP A 1 28  ? 7.826   11.028  5.979   1.00 15.13 ? 28  ASP A O   1 
ATOM   194  C  CB  . ASP A 1 28  ? 7.711   14.358  5.985   1.00 17.80 ? 28  ASP A CB  1 
ATOM   195  C  CG  . ASP A 1 28  ? 7.152   15.673  5.421   1.00 20.48 ? 28  ASP A CG  1 
ATOM   196  O  OD1 . ASP A 1 28  ? 7.137   15.853  4.189   1.00 26.34 ? 28  ASP A OD1 1 
ATOM   197  O  OD2 . ASP A 1 28  ? 6.722   16.521  6.217   1.00 28.71 ? 28  ASP A OD2 1 
ATOM   198  N  N   . PRO A 1 29  ? 9.770   12.040  5.418   1.00 16.25 ? 29  PRO A N   1 
ATOM   199  C  CA  . PRO A 1 29  ? 10.554  10.915  5.905   1.00 15.74 ? 29  PRO A CA  1 
ATOM   200  C  C   . PRO A 1 29  ? 10.241  10.549  7.345   1.00 14.92 ? 29  PRO A C   1 
ATOM   201  O  O   . PRO A 1 29  ? 10.175  11.432  8.225   1.00 15.56 ? 29  PRO A O   1 
ATOM   202  C  CB  . PRO A 1 29  ? 12.005  11.413  5.768   1.00 16.08 ? 29  PRO A CB  1 
ATOM   203  C  CG  . PRO A 1 29  ? 11.931  12.361  4.637   1.00 16.55 ? 29  PRO A CG  1 
ATOM   204  C  CD  . PRO A 1 29  ? 10.638  13.097  4.857   1.00 17.05 ? 29  PRO A CD  1 
ATOM   205  N  N   . GLY A 1 30  ? 10.056  9.247   7.567   1.00 13.83 ? 30  GLY A N   1 
ATOM   206  C  CA  . GLY A 1 30  ? 9.669   8.704   8.852   1.00 13.27 ? 30  GLY A CA  1 
ATOM   207  C  C   . GLY A 1 30  ? 8.185   8.440   8.983   1.00 13.08 ? 30  GLY A C   1 
ATOM   208  O  O   . GLY A 1 30  ? 7.762   7.787   9.936   1.00 14.66 ? 30  GLY A O   1 
ATOM   209  N  N   . THR A 1 31  ? 7.386   8.947   8.046   1.00 11.84 ? 31  THR A N   1 
ATOM   210  C  CA  . THR A 1 31  ? 5.940   8.732   8.093   1.00 11.26 ? 31  THR A CA  1 
ATOM   211  C  C   . THR A 1 31  ? 5.588   7.265   7.892   1.00 10.26 ? 31  THR A C   1 
ATOM   212  O  O   . THR A 1 31  ? 6.165   6.597   7.041   1.00 10.05 ? 31  THR A O   1 
ATOM   213  C  CB  . THR A 1 31  ? 5.223   9.600   7.041   1.00 11.57 ? 31  THR A CB  1 
ATOM   214  O  OG1 . THR A 1 31  ? 5.397   10.988  7.382   1.00 13.34 ? 31  THR A OG1 1 
ATOM   215  C  CG2 . THR A 1 31  ? 3.735   9.267   6.964   1.00 12.31 ? 31  THR A CG2 1 
ATOM   216  N  N   . LEU A 1 32  ? 4.630   6.771   8.686   1.00 9.63  ? 32  LEU A N   1 
ATOM   217  C  CA  . LEU A 1 32  ? 4.141   5.408   8.584   1.00 9.98  ? 32  LEU A CA  1 
ATOM   218  C  C   . LEU A 1 32  ? 2.712   5.378   8.082   1.00 9.65  ? 32  LEU A C   1 
ATOM   219  O  O   . LEU A 1 32  ? 1.890   6.198   8.472   1.00 9.61  ? 32  LEU A O   1 
ATOM   220  C  CB  . LEU A 1 32  ? 4.200   4.707   9.947   1.00 10.03 ? 32  LEU A CB  1 
ATOM   221  C  CG  . LEU A 1 32  ? 5.533   4.689   10.693  1.00 10.86 ? 32  LEU A CG  1 
ATOM   222  C  CD1 . LEU A 1 32  ? 5.354   3.928   11.995  1.00 11.86 ? 32  LEU A CD1 1 
ATOM   223  C  CD2 . LEU A 1 32  ? 6.639   4.050   9.854   1.00 12.12 ? 32  LEU A CD2 1 
ATOM   224  N  N   . ILE A 1 33  ? 2.434   4.415   7.209   1.00 9.26  ? 33  ILE A N   1 
ATOM   225  C  CA  . ILE A 1 33  ? 1.072   4.018   6.833   1.00 9.51  ? 33  ILE A CA  1 
ATOM   226  C  C   . ILE A 1 33  ? 0.890   2.580   7.313   1.00 9.40  ? 33  ILE A C   1 
ATOM   227  O  O   . ILE A 1 33  ? 1.662   1.690   6.923   1.00 8.82  ? 33  ILE A O   1 
ATOM   228  C  CB  . ILE A 1 33  ? 0.856   4.088   5.321   1.00 9.66  ? 33  ILE A CB  1 
ATOM   229  C  CG1 . ILE A 1 33  ? 1.194   5.482   4.820   1.00 10.99 ? 33  ILE A CG1 1 
ATOM   230  C  CG2 . ILE A 1 33  ? -0.586  3.713   4.962   1.00 10.85 ? 33  ILE A CG2 1 
ATOM   231  C  CD1 . ILE A 1 33  ? 1.134   5.627   3.306   1.00 14.28 ? 33  ILE A CD1 1 
ATOM   232  N  N   . VAL A 1 34  ? -0.127  2.338   8.147   1.00 8.98  ? 34  VAL A N   1 
ATOM   233  C  CA  . VAL A 1 34  ? -0.295  1.042   8.809   1.00 10.02 ? 34  VAL A CA  1 
ATOM   234  C  C   . VAL A 1 34  ? -1.651  0.470   8.429   1.00 10.17 ? 34  VAL A C   1 
ATOM   235  O  O   . VAL A 1 34  ? -2.676  1.090   8.694   1.00 10.71 ? 34  VAL A O   1 
ATOM   236  C  CB  . VAL A 1 34  ? -0.181  1.158   10.346  1.00 10.19 ? 34  VAL A CB  1 
ATOM   237  C  CG1 . VAL A 1 34  ? -0.253  -0.206  10.983  1.00 11.22 ? 34  VAL A CG1 1 
ATOM   238  C  CG2 . VAL A 1 34  ? 1.120   1.847   10.731  1.00 10.51 ? 34  VAL A CG2 1 
ATOM   239  N  N   . ILE A 1 35  ? -1.653  -0.698  7.803   1.00 9.77  ? 35  ILE A N   1 
ATOM   240  C  CA  . ILE A 1 35  ? -2.873  -1.301  7.278   1.00 10.32 ? 35  ILE A CA  1 
ATOM   241  C  C   . ILE A 1 35  ? -3.003  -2.720  7.825   1.00 10.62 ? 35  ILE A C   1 
ATOM   242  O  O   . ILE A 1 35  ? -2.099  -3.555  7.628   1.00 10.29 ? 35  ILE A O   1 
ATOM   243  C  CB  . ILE A 1 35  ? -2.842  -1.316  5.747   1.00 10.02 ? 35  ILE A CB  1 
ATOM   244  C  CG1 . ILE A 1 35  ? -2.726  0.105   5.198   1.00 11.02 ? 35  ILE A CG1 1 
ATOM   245  C  CG2 . ILE A 1 35  ? -4.106  -2.034  5.161   1.00 11.05 ? 35  ILE A CG2 1 
ATOM   246  C  CD1 . ILE A 1 35  ? -2.388  0.122   3.707   1.00 13.89 ? 35  ILE A CD1 1 
ATOM   247  N  N   . ARG A 1 36  ? -4.124  -2.997  8.507   1.00 10.49 ? 36  ARG A N   1 
ATOM   248  C  CA  . ARG A 1 36  ? -4.387  -4.317  9.057   1.00 11.76 ? 36  ARG A CA  1 
ATOM   249  C  C   . ARG A 1 36  ? -5.559  -4.903  8.299   1.00 11.00 ? 36  ARG A C   1 
ATOM   250  O  O   . ARG A 1 36  ? -6.517  -4.191  8.005   1.00 10.99 ? 36  ARG A O   1 
ATOM   251  C  CB  . ARG A 1 36  ? -4.693  -4.225  10.551  1.00 12.39 ? 36  ARG A CB  1 
ATOM   252  C  CG  . ARG A 1 36  ? -3.498  -3.719  11.329  1.00 15.86 ? 36  ARG A CG  1 
ATOM   253  C  CD  . ARG A 1 36  ? -3.704  -3.556  12.815  1.00 21.94 ? 36  ARG A CD  1 
ATOM   254  N  NE  . ARG A 1 36  ? -2.436  -3.135  13.433  1.00 26.30 ? 36  ARG A NE  1 
ATOM   255  C  CZ  . ARG A 1 36  ? -2.168  -1.923  13.931  1.00 28.73 ? 36  ARG A CZ  1 
ATOM   256  N  NH1 . ARG A 1 36  ? -3.088  -0.957  13.952  1.00 31.29 ? 36  ARG A NH1 1 
ATOM   257  N  NH2 . ARG A 1 36  ? -0.971  -1.685  14.459  1.00 30.10 ? 36  ARG A NH2 1 
ATOM   258  N  N   . GLY A 1 37  ? -5.469  -6.183  7.949   1.00 11.25 ? 37  GLY A N   1 
ATOM   259  C  CA  . GLY A 1 37  ? -6.540  -6.829  7.213   1.00 11.22 ? 37  GLY A CA  1 
ATOM   260  C  C   . GLY A 1 37  ? -6.363  -8.324  7.104   1.00 11.65 ? 37  GLY A C   1 
ATOM   261  O  O   . GLY A 1 37  ? -5.571  -8.918  7.841   1.00 11.54 ? 37  GLY A O   1 
ATOM   262  N  N   . HIS A 1 38  ? -7.100  -8.922  6.176   1.00 12.58 ? 38  HIS A N   1 
ATOM   263  C  CA  . HIS A 1 38  ? -7.049  -10.354 5.957   1.00 13.19 ? 38  HIS A CA  1 
ATOM   264  C  C   . HIS A 1 38  ? -7.333  -10.686 4.504   1.00 12.89 ? 38  HIS A C   1 
ATOM   265  O  O   . HIS A 1 38  ? -8.037  -9.960  3.805   1.00 12.59 ? 38  HIS A O   1 
ATOM   266  C  CB  A HIS A 1 38  ? -7.845  -11.180 6.985   0.50 13.66 ? 38  HIS A CB  1 
ATOM   267  C  CB  B HIS A 1 38  ? -8.153  -10.920 6.881   0.50 13.53 ? 38  HIS A CB  1 
ATOM   268  C  CG  A HIS A 1 38  ? -9.329  -11.110 6.848   0.50 14.40 ? 38  HIS A CG  1 
ATOM   269  C  CG  B HIS A 1 38  ? -8.500  -12.361 6.672   0.50 14.47 ? 38  HIS A CG  1 
ATOM   270  N  ND1 A HIS A 1 38  ? -10.093 -10.230 7.579   0.50 15.21 ? 38  HIS A ND1 1 
ATOM   271  N  ND1 B HIS A 1 38  ? -8.131  -13.341 7.567   0.50 15.70 ? 38  HIS A ND1 1 
ATOM   272  C  CD2 A HIS A 1 38  ? -10.200 -11.861 6.136   0.50 15.83 ? 38  HIS A CD2 1 
ATOM   273  C  CD2 B HIS A 1 38  ? -9.244  -12.977 5.725   0.50 15.93 ? 38  HIS A CD2 1 
ATOM   274  C  CE1 A HIS A 1 38  ? -11.370 -10.411 7.294   0.50 14.26 ? 38  HIS A CE1 1 
ATOM   275  C  CE1 B HIS A 1 38  ? -8.593  -14.507 7.154   0.50 15.70 ? 38  HIS A CE1 1 
ATOM   276  N  NE2 A HIS A 1 38  ? -11.462 -11.396 6.419   0.50 16.48 ? 38  HIS A NE2 1 
ATOM   277  N  NE2 B HIS A 1 38  ? -9.268  -14.315 6.035   0.50 16.52 ? 38  HIS A NE2 1 
ATOM   278  N  N   . VAL A 1 39  ? -6.727  -11.771 4.034   1.00 12.85 ? 39  VAL A N   1 
ATOM   279  C  CA  . VAL A 1 39  ? -6.862  -12.197 2.652   1.00 13.35 ? 39  VAL A CA  1 
ATOM   280  C  C   . VAL A 1 39  ? -7.962  -13.266 2.541   1.00 13.94 ? 39  VAL A C   1 
ATOM   281  O  O   . VAL A 1 39  ? -7.897  -14.280 3.228   1.00 14.20 ? 39  VAL A O   1 
ATOM   282  C  CB  . VAL A 1 39  ? -5.545  -12.776 2.139   1.00 12.94 ? 39  VAL A CB  1 
ATOM   283  C  CG1 . VAL A 1 39  ? -5.664  -13.158 0.676   1.00 13.73 ? 39  VAL A CG1 1 
ATOM   284  C  CG2 . VAL A 1 39  ? -4.387  -11.784 2.358   1.00 13.93 ? 39  VAL A CG2 1 
ATOM   285  N  N   . PRO A 1 40  ? -8.968  -13.042 1.683   1.00 14.75 ? 40  PRO A N   1 
ATOM   286  C  CA  . PRO A 1 40  ? -10.006 -14.069 1.522   1.00 15.61 ? 40  PRO A CA  1 
ATOM   287  C  C   . PRO A 1 40  ? -9.487  -15.343 0.869   1.00 16.33 ? 40  PRO A C   1 
ATOM   288  O  O   . PRO A 1 40  ? -8.468  -15.321 0.181   1.00 15.87 ? 40  PRO A O   1 
ATOM   289  C  CB  . PRO A 1 40  ? -11.037 -13.404 0.619   1.00 16.27 ? 40  PRO A CB  1 
ATOM   290  C  CG  . PRO A 1 40  ? -10.375 -12.268 -0.001  1.00 16.79 ? 40  PRO A CG  1 
ATOM   291  C  CD  . PRO A 1 40  ? -9.259  -11.834 0.898   1.00 14.70 ? 40  PRO A CD  1 
ATOM   292  N  N   . SER A 1 41  ? -10.208 -16.444 1.056   1.00 16.76 ? 41  SER A N   1 
ATOM   293  C  CA  . SER A 1 41  ? -9.767  -17.734 0.536   1.00 17.78 ? 41  SER A CA  1 
ATOM   294  C  C   . SER A 1 41  ? -9.627  -17.795 -0.996  1.00 17.97 ? 41  SER A C   1 
ATOM   295  O  O   . SER A 1 41  ? -8.855  -18.611 -1.502  1.00 19.72 ? 41  SER A O   1 
ATOM   296  C  CB  . SER A 1 41  ? -10.711 -18.842 0.999   1.00 18.05 ? 41  SER A CB  1 
ATOM   297  O  OG  . SER A 1 41  ? -12.011 -18.638 0.473   1.00 18.64 ? 41  SER A OG  1 
ATOM   298  N  N   . ASP A 1 42  ? -10.355 -16.943 -1.718  1.00 18.28 ? 42  ASP A N   1 
ATOM   299  C  CA  . ASP A 1 42  ? -10.350 -16.939 -3.191  1.00 18.85 ? 42  ASP A CA  1 
ATOM   300  C  C   . ASP A 1 42  ? -9.477  -15.837 -3.795  1.00 18.05 ? 42  ASP A C   1 
ATOM   301  O  O   . ASP A 1 42  ? -9.564  -15.556 -4.986  1.00 18.47 ? 42  ASP A O   1 
ATOM   302  C  CB  . ASP A 1 42  ? -11.786 -16.791 -3.728  1.00 19.52 ? 42  ASP A CB  1 
ATOM   303  C  CG  . ASP A 1 42  ? -12.423 -15.451 -3.374  1.00 21.19 ? 42  ASP A CG  1 
ATOM   304  O  OD1 . ASP A 1 42  ? -11.997 -14.798 -2.396  1.00 21.98 ? 42  ASP A OD1 1 
ATOM   305  O  OD2 . ASP A 1 42  ? -13.378 -15.030 -4.068  1.00 25.94 ? 42  ASP A OD2 1 
ATOM   306  N  N   . ALA A 1 43  ? -8.665  -15.177 -2.975  1.00 16.99 ? 43  ALA A N   1 
ATOM   307  C  CA  . ALA A 1 43  ? -7.921  -14.028 -3.460  1.00 16.12 ? 43  ALA A CA  1 
ATOM   308  C  C   . ALA A 1 43  ? -6.949  -14.426 -4.554  1.00 15.52 ? 43  ALA A C   1 
ATOM   309  O  O   . ALA A 1 43  ? -6.180  -15.361 -4.380  1.00 14.96 ? 43  ALA A O   1 
ATOM   310  C  CB  . ALA A 1 43  ? -7.159  -13.370 -2.314  1.00 16.06 ? 43  ALA A CB  1 
ATOM   311  N  N   . ASP A 1 44  ? -7.003  -13.680 -5.655  1.00 14.95 ? 44  ASP A N   1 
ATOM   312  C  CA  . ASP A 1 44  ? -6.006  -13.741 -6.717  1.00 15.28 ? 44  ASP A CA  1 
ATOM   313  C  C   . ASP A 1 44  ? -4.930  -12.674 -6.507  1.00 14.54 ? 44  ASP A C   1 
ATOM   314  O  O   . ASP A 1 44  ? -3.729  -12.928 -6.703  1.00 14.29 ? 44  ASP A O   1 
ATOM   315  C  CB  A ASP A 1 44  ? -6.701  -13.522 -8.088  0.65 15.82 ? 44  ASP A CB  1 
ATOM   316  C  CB  B ASP A 1 44  ? -6.645  -13.688 -8.106  0.35 15.64 ? 44  ASP A CB  1 
ATOM   317  C  CG  A ASP A 1 44  ? -7.677  -12.282 -8.124  0.65 15.98 ? 44  ASP A CG  1 
ATOM   318  C  CG  B ASP A 1 44  ? -7.176  -15.049 -8.552  0.35 16.61 ? 44  ASP A CG  1 
ATOM   319  O  OD1 A ASP A 1 44  ? -8.087  -11.690 -7.074  0.65 13.11 ? 44  ASP A OD1 1 
ATOM   320  O  OD1 B ASP A 1 44  ? -6.760  -16.085 -7.979  0.35 17.33 ? 44  ASP A OD1 1 
ATOM   321  O  OD2 A ASP A 1 44  ? -8.068  -11.896 -9.254  0.65 20.70 ? 44  ASP A OD2 1 
ATOM   322  O  OD2 B ASP A 1 44  ? -8.006  -15.081 -9.484  0.35 18.28 ? 44  ASP A OD2 1 
ATOM   323  N  N   . ARG A 1 45  ? -5.365  -11.500 -6.068  1.00 13.21 ? 45  ARG A N   1 
ATOM   324  C  CA  . ARG A 1 45  ? -4.476  -10.363 -5.836  1.00 12.86 ? 45  ARG A CA  1 
ATOM   325  C  C   . ARG A 1 45  ? -5.237  -9.253  -5.136  1.00 12.35 ? 45  ARG A C   1 
ATOM   326  O  O   . ARG A 1 45  ? -6.461  -9.219  -5.157  1.00 12.20 ? 45  ARG A O   1 
ATOM   327  C  CB  . ARG A 1 45  ? -3.908  -9.821  -7.151  1.00 12.84 ? 45  ARG A CB  1 
ATOM   328  C  CG  . ARG A 1 45  ? -4.968  -9.557  -8.215  1.00 13.60 ? 45  ARG A CG  1 
ATOM   329  C  CD  . ARG A 1 45  ? -4.360  -8.900  -9.421  1.00 14.47 ? 45  ARG A CD  1 
ATOM   330  N  NE  . ARG A 1 45  ? -4.058  -7.484  -9.198  1.00 14.65 ? 45  ARG A NE  1 
ATOM   331  C  CZ  . ARG A 1 45  ? -3.221  -6.764  -9.945  1.00 14.57 ? 45  ARG A CZ  1 
ATOM   332  N  NH1 . ARG A 1 45  ? -2.559  -7.325  -10.952 1.00 16.18 ? 45  ARG A NH1 1 
ATOM   333  N  NH2 . ARG A 1 45  ? -3.058  -5.478  -9.687  1.00 15.22 ? 45  ARG A NH2 1 
ATOM   334  N  N   . PHE A 1 46  ? -4.494  -8.357  -4.494  1.00 11.44 ? 46  PHE A N   1 
ATOM   335  C  CA  . PHE A 1 46  ? -5.005  -7.051  -4.094  1.00 10.78 ? 46  PHE A CA  1 
ATOM   336  C  C   . PHE A 1 46  ? -3.873  -6.047  -4.234  1.00 10.32 ? 46  PHE A C   1 
ATOM   337  O  O   . PHE A 1 46  ? -2.728  -6.438  -4.465  1.00 10.24 ? 46  PHE A O   1 
ATOM   338  C  CB  . PHE A 1 46  ? -5.595  -7.062  -2.678  1.00 11.02 ? 46  PHE A CB  1 
ATOM   339  C  CG  . PHE A 1 46  ? -4.583  -7.181  -1.562  1.00 10.18 ? 46  PHE A CG  1 
ATOM   340  C  CD1 . PHE A 1 46  ? -4.043  -6.039  -0.963  1.00 9.81  ? 46  PHE A CD1 1 
ATOM   341  C  CD2 . PHE A 1 46  ? -4.249  -8.423  -1.043  1.00 10.79 ? 46  PHE A CD2 1 
ATOM   342  C  CE1 . PHE A 1 46  ? -3.132  -6.154  0.099   1.00 11.33 ? 46  PHE A CE1 1 
ATOM   343  C  CE2 . PHE A 1 46  ? -3.353  -8.540  0.016   1.00 11.11 ? 46  PHE A CE2 1 
ATOM   344  C  CZ  . PHE A 1 46  ? -2.800  -7.402  0.582   1.00 11.45 ? 46  PHE A CZ  1 
ATOM   345  N  N   . GLN A 1 47  ? -4.184  -4.757  -4.123  1.00 9.82  ? 47  GLN A N   1 
ATOM   346  C  CA  . GLN A 1 47  ? -3.147  -3.745  -4.226  1.00 9.84  ? 47  GLN A CA  1 
ATOM   347  C  C   . GLN A 1 47  ? -3.416  -2.580  -3.296  1.00 9.34  ? 47  GLN A C   1 
ATOM   348  O  O   . GLN A 1 47  ? -4.569  -2.238  -3.019  1.00 9.37  ? 47  GLN A O   1 
ATOM   349  C  CB  . GLN A 1 47  ? -2.992  -3.251  -5.669  1.00 10.18 ? 47  GLN A CB  1 
ATOM   350  C  CG  . GLN A 1 47  ? -4.124  -2.364  -6.149  1.00 11.11 ? 47  GLN A CG  1 
ATOM   351  C  CD  . GLN A 1 47  ? -4.314  -2.387  -7.643  1.00 11.29 ? 47  GLN A CD  1 
ATOM   352  O  OE1 . GLN A 1 47  ? -4.108  -1.372  -8.339  1.00 14.15 ? 47  GLN A OE1 1 
ATOM   353  N  NE2 . GLN A 1 47  ? -4.697  -3.533  -8.154  1.00 11.51 ? 47  GLN A NE2 1 
ATOM   354  N  N   . VAL A 1 48  ? -2.318  -2.016  -2.807  1.00 8.41  ? 48  VAL A N   1 
ATOM   355  C  CA  . VAL A 1 48  ? -2.286  -0.783  -2.056  1.00 8.93  ? 48  VAL A CA  1 
ATOM   356  C  C   . VAL A 1 48  ? -1.531  0.217   -2.924  1.00 9.36  ? 48  VAL A C   1 
ATOM   357  O  O   . VAL A 1 48  ? -0.337  -0.005  -3.226  1.00 10.00 ? 48  VAL A O   1 
ATOM   358  C  CB  . VAL A 1 48  ? -1.594  -0.990  -0.708  1.00 9.29  ? 48  VAL A CB  1 
ATOM   359  C  CG1 . VAL A 1 48  ? -1.461  0.317   0.052   1.00 9.63  ? 48  VAL A CG1 1 
ATOM   360  C  CG2 . VAL A 1 48  ? -2.354  -2.036  0.120   1.00 10.46 ? 48  VAL A CG2 1 
ATOM   361  N  N   . ASP A 1 49  ? -2.210  1.292   -3.327  1.00 9.39  ? 49  ASP A N   1 
ATOM   362  C  CA  . ASP A 1 49  ? -1.664  2.293   -4.254  1.00 9.59  ? 49  ASP A CA  1 
ATOM   363  C  C   . ASP A 1 49  ? -1.566  3.647   -3.567  1.00 10.06 ? 49  ASP A C   1 
ATOM   364  O  O   . ASP A 1 49  ? -2.554  4.142   -2.997  1.00 10.57 ? 49  ASP A O   1 
ATOM   365  C  CB  . ASP A 1 49  ? -2.560  2.441   -5.491  1.00 10.26 ? 49  ASP A CB  1 
ATOM   366  C  CG  . ASP A 1 49  ? -2.539  1.216   -6.406  1.00 10.55 ? 49  ASP A CG  1 
ATOM   367  O  OD1 . ASP A 1 49  ? -1.657  0.351   -6.263  1.00 10.46 ? 49  ASP A OD1 1 
ATOM   368  O  OD2 . ASP A 1 49  ? -3.450  1.113   -7.271  1.00 11.64 ? 49  ASP A OD2 1 
ATOM   369  N  N   . LEU A 1 50  ? -0.378  4.236   -3.589  1.00 9.71  ? 50  LEU A N   1 
ATOM   370  C  CA  . LEU A 1 50  ? -0.169  5.570   -3.096  1.00 9.38  ? 50  LEU A CA  1 
ATOM   371  C  C   . LEU A 1 50  ? -0.209  6.475   -4.328  1.00 10.18 ? 50  LEU A C   1 
ATOM   372  O  O   . LEU A 1 50  ? 0.661   6.367   -5.223  1.00 10.47 ? 50  LEU A O   1 
ATOM   373  C  CB  . LEU A 1 50  ? 1.152   5.676   -2.310  1.00 9.64  ? 50  LEU A CB  1 
ATOM   374  C  CG  . LEU A 1 50  ? 1.361   4.699   -1.153  1.00 9.80  ? 50  LEU A CG  1 
ATOM   375  C  CD1 . LEU A 1 50  ? 2.619   5.100   -0.375  1.00 10.22 ? 50  LEU A CD1 1 
ATOM   376  C  CD2 . LEU A 1 50  ? 0.153   4.649   -0.225  1.00 11.94 ? 50  LEU A CD2 1 
ATOM   377  N  N   . GLN A 1 51  ? -1.237  7.319   -4.369  1.00 10.41 ? 51  GLN A N   1 
ATOM   378  C  CA  . GLN A 1 51  ? -1.647  8.034   -5.590  1.00 10.93 ? 51  GLN A CA  1 
ATOM   379  C  C   . GLN A 1 51  ? -1.514  9.546   -5.490  1.00 11.70 ? 51  GLN A C   1 
ATOM   380  O  O   . GLN A 1 51  ? -1.623  10.149  -4.410  1.00 10.87 ? 51  GLN A O   1 
ATOM   381  C  CB  . GLN A 1 51  ? -3.120  7.721   -5.900  1.00 11.14 ? 51  GLN A CB  1 
ATOM   382  C  CG  . GLN A 1 51  ? -3.411  6.245   -6.046  1.00 11.55 ? 51  GLN A CG  1 
ATOM   383  C  CD  . GLN A 1 51  ? -4.872  5.897   -6.298  1.00 11.10 ? 51  GLN A CD  1 
ATOM   384  O  OE1 . GLN A 1 51  ? -5.228  4.723   -6.282  1.00 12.44 ? 51  GLN A OE1 1 
ATOM   385  N  NE2 . GLN A 1 51  ? -5.718  6.906   -6.570  1.00 12.69 ? 51  GLN A NE2 1 
ATOM   386  N  N   . ASN A 1 52  ? -1.313  10.163  -6.655  1.00 12.13 ? 52  ASN A N   1 
ATOM   387  C  CA  . ASN A 1 52  ? -1.472  11.597  -6.822  1.00 13.09 ? 52  ASN A CA  1 
ATOM   388  C  C   . ASN A 1 52  ? -2.896  11.866  -7.293  1.00 13.02 ? 52  ASN A C   1 
ATOM   389  O  O   . ASN A 1 52  ? -3.190  11.813  -8.487  1.00 13.87 ? 52  ASN A O   1 
ATOM   390  C  CB  . ASN A 1 52  ? -0.458  12.119  -7.851  1.00 13.16 ? 52  ASN A CB  1 
ATOM   391  C  CG  . ASN A 1 52  ? -0.560  13.607  -8.064  1.00 15.09 ? 52  ASN A CG  1 
ATOM   392  O  OD1 . ASN A 1 52  ? -1.396  14.275  -7.471  1.00 17.45 ? 52  ASN A OD1 1 
ATOM   393  N  ND2 . ASN A 1 52  ? 0.321   14.144  -8.913  1.00 17.47 ? 52  ASN A ND2 1 
ATOM   394  N  N   . GLY A 1 53  ? -3.789  12.130  -6.341  1.00 13.02 ? 53  GLY A N   1 
ATOM   395  C  CA  . GLY A 1 53  ? -5.209  12.301  -6.622  1.00 13.00 ? 53  GLY A CA  1 
ATOM   396  C  C   . GLY A 1 53  ? -5.955  11.001  -6.855  1.00 13.31 ? 53  GLY A C   1 
ATOM   397  O  O   . GLY A 1 53  ? -5.409  9.908   -6.652  1.00 12.80 ? 53  GLY A O   1 
ATOM   398  N  N   . SER A 1 54  ? -7.213  11.130  -7.280  1.00 13.54 ? 54  SER A N   1 
ATOM   399  C  CA  . SER A 1 54  ? -8.121  10.008  -7.485  1.00 14.61 ? 54  SER A CA  1 
ATOM   400  C  C   . SER A 1 54  ? -8.809  10.036  -8.844  1.00 14.70 ? 54  SER A C   1 
ATOM   401  O  O   . SER A 1 54  ? -9.817  9.361   -9.048  1.00 15.31 ? 54  SER A O   1 
ATOM   402  C  CB  . SER A 1 54  ? -9.190  9.987   -6.375  1.00 14.80 ? 54  SER A CB  1 
ATOM   403  O  OG  . SER A 1 54  ? -9.923  11.198  -6.356  1.00 16.89 ? 54  SER A OG  1 
ATOM   404  N  N   . SER A 1 55  ? -8.256  10.788  -9.794  1.00 15.61 ? 55  SER A N   1 
ATOM   405  C  CA  . SER A 1 55  ? -8.853  10.845  -11.116 1.00 16.41 ? 55  SER A CA  1 
ATOM   406  C  C   . SER A 1 55  ? -8.816  9.487   -11.795 1.00 16.70 ? 55  SER A C   1 
ATOM   407  O  O   . SER A 1 55  ? -7.900  8.680   -11.570 1.00 15.58 ? 55  SER A O   1 
ATOM   408  C  CB  . SER A 1 55  ? -8.134  11.871  -11.983 1.00 16.67 ? 55  SER A CB  1 
ATOM   409  O  OG  . SER A 1 55  ? -8.830  12.058  -13.205 1.00 20.29 ? 55  SER A OG  1 
ATOM   410  N  N   . VAL A 1 56  ? -9.820  9.226   -12.625 1.00 17.63 ? 56  VAL A N   1 
ATOM   411  C  CA  . VAL A 1 56  ? -9.815  8.022   -13.455 1.00 18.71 ? 56  VAL A CA  1 
ATOM   412  C  C   . VAL A 1 56  ? -9.566  8.335   -14.930 1.00 19.53 ? 56  VAL A C   1 
ATOM   413  O  O   . VAL A 1 56  ? -9.333  7.422   -15.721 1.00 20.43 ? 56  VAL A O   1 
ATOM   414  C  CB  . VAL A 1 56  ? -11.106 7.197   -13.316 1.00 18.76 ? 56  VAL A CB  1 
ATOM   415  C  CG1 . VAL A 1 56  ? -11.229 6.673   -11.890 1.00 19.22 ? 56  VAL A CG1 1 
ATOM   416  C  CG2 . VAL A 1 56  ? -12.331 8.005   -13.738 1.00 19.30 ? 56  VAL A CG2 1 
ATOM   417  N  N   . LYS A 1 57  ? -9.587  9.614   -15.283 1.00 20.51 ? 57  LYS A N   1 
ATOM   418  C  CA  . LYS A 1 57  ? -9.346  10.043  -16.658 1.00 21.59 ? 57  LYS A CA  1 
ATOM   419  C  C   . LYS A 1 57  ? -8.759  11.456  -16.642 1.00 21.01 ? 57  LYS A C   1 
ATOM   420  O  O   . LYS A 1 57  ? -9.480  12.428  -16.372 1.00 22.88 ? 57  LYS A O   1 
ATOM   421  C  CB  . LYS A 1 57  ? -10.651 9.998   -17.449 1.00 22.17 ? 57  LYS A CB  1 
ATOM   422  C  CG  . LYS A 1 57  ? -10.470 10.194  -18.937 1.00 23.91 ? 57  LYS A CG  1 
ATOM   423  C  CD  . LYS A 1 57  ? -11.691 9.721   -19.688 1.00 26.40 ? 57  LYS A CD  1 
ATOM   424  C  CE  . LYS A 1 57  ? -11.738 8.202   -19.761 1.00 28.08 ? 57  LYS A CE  1 
ATOM   425  N  NZ  . LYS A 1 57  ? -10.594 7.653   -20.539 1.00 27.96 ? 57  LYS A NZ  1 
ATOM   426  N  N   . PRO A 1 58  ? -7.431  11.584  -16.841 1.00 19.15 ? 58  PRO A N   1 
ATOM   427  C  CA  . PRO A 1 58  ? -6.475  10.491  -16.925 1.00 17.31 ? 58  PRO A CA  1 
ATOM   428  C  C   . PRO A 1 58  ? -6.355  9.806   -15.566 1.00 15.93 ? 58  PRO A C   1 
ATOM   429  O  O   . PRO A 1 58  ? -6.577  10.441  -14.530 1.00 16.32 ? 58  PRO A O   1 
ATOM   430  C  CB  . PRO A 1 58  ? -5.167  11.207  -17.271 1.00 17.38 ? 58  PRO A CB  1 
ATOM   431  C  CG  . PRO A 1 58  ? -5.297  12.515  -16.641 1.00 18.76 ? 58  PRO A CG  1 
ATOM   432  C  CD  . PRO A 1 58  ? -6.744  12.887  -16.783 1.00 18.88 ? 58  PRO A CD  1 
ATOM   433  N  N   . ARG A 1 59  ? -6.000  8.536   -15.571 1.00 13.98 ? 59  ARG A N   1 
ATOM   434  C  CA  . ARG A 1 59  ? -5.872  7.793   -14.317 1.00 13.56 ? 59  ARG A CA  1 
ATOM   435  C  C   . ARG A 1 59  ? -4.784  8.428   -13.465 1.00 12.89 ? 59  ARG A C   1 
ATOM   436  O  O   . ARG A 1 59  ? -3.690  8.728   -13.953 1.00 13.74 ? 59  ARG A O   1 
ATOM   437  C  CB  . ARG A 1 59  ? -5.542  6.338   -14.579 1.00 13.30 ? 59  ARG A CB  1 
ATOM   438  C  CG  . ARG A 1 59  ? -5.403  5.505   -13.303 1.00 12.43 ? 59  ARG A CG  1 
ATOM   439  C  CD  . ARG A 1 59  ? -5.246  4.072   -13.618 1.00 12.23 ? 59  ARG A CD  1 
ATOM   440  N  NE  . ARG A 1 59  ? -4.898  3.287   -12.426 1.00 13.04 ? 59  ARG A NE  1 
ATOM   441  C  CZ  . ARG A 1 59  ? -4.511  2.019   -12.461 1.00 14.25 ? 59  ARG A CZ  1 
ATOM   442  N  NH1 . ARG A 1 59  ? -4.395  1.372   -13.607 1.00 15.17 ? 59  ARG A NH1 1 
ATOM   443  N  NH2 . ARG A 1 59  ? -4.218  1.391   -11.327 1.00 14.14 ? 59  ARG A NH2 1 
ATOM   444  N  N   . ALA A 1 60  ? -5.096  8.630   -12.188 1.00 12.04 ? 60  ALA A N   1 
ATOM   445  C  CA  . ALA A 1 60  ? -4.146  9.186   -11.229 1.00 11.43 ? 60  ALA A CA  1 
ATOM   446  C  C   . ALA A 1 60  ? -2.832  8.413   -11.250 1.00 10.83 ? 60  ALA A C   1 
ATOM   447  O  O   . ALA A 1 60  ? -2.818  7.172   -11.222 1.00 10.64 ? 60  ALA A O   1 
ATOM   448  C  CB  . ALA A 1 60  ? -4.728  9.162   -9.809  1.00 11.27 ? 60  ALA A CB  1 
ATOM   449  N  N   . ASP A 1 61  ? -1.732  9.160   -11.284 1.00 11.16 ? 61  ASP A N   1 
ATOM   450  C  CA  . ASP A 1 61  ? -0.410  8.568   -11.136 1.00 10.78 ? 61  ASP A CA  1 
ATOM   451  C  C   . ASP A 1 61  ? -0.392  7.756   -9.831  1.00 10.52 ? 61  ASP A C   1 
ATOM   452  O  O   . ASP A 1 61  ? -0.975  8.166   -8.818  1.00 10.70 ? 61  ASP A O   1 
ATOM   453  C  CB  . ASP A 1 61  ? 0.678   9.634   -11.053 1.00 10.95 ? 61  ASP A CB  1 
ATOM   454  C  CG  . ASP A 1 61  ? 0.965   10.340  -12.393 1.00 12.34 ? 61  ASP A CG  1 
ATOM   455  O  OD1 . ASP A 1 61  ? 0.465   9.936   -13.460 1.00 12.34 ? 61  ASP A OD1 1 
ATOM   456  O  OD2 . ASP A 1 61  ? 1.706   11.339  -12.333 1.00 16.00 ? 61  ASP A OD2 1 
ATOM   457  N  N   . VAL A 1 62  ? 0.261   6.606   -9.887  1.00 9.57  ? 62  VAL A N   1 
ATOM   458  C  CA  . VAL A 1 62  ? 0.490   5.752   -8.714  1.00 9.52  ? 62  VAL A CA  1 
ATOM   459  C  C   . VAL A 1 62  ? 1.994   5.781   -8.432  1.00 9.73  ? 62  VAL A C   1 
ATOM   460  O  O   . VAL A 1 62  ? 2.786   5.173   -9.161  1.00 10.23 ? 62  VAL A O   1 
ATOM   461  C  CB  . VAL A 1 62  ? 0.014   4.307   -8.945  1.00 9.01  ? 62  VAL A CB  1 
ATOM   462  C  CG1 . VAL A 1 62  ? 0.243   3.455   -7.664  1.00 10.11 ? 62  VAL A CG1 1 
ATOM   463  C  CG2 . VAL A 1 62  ? -1.458  4.274   -9.361  1.00 10.06 ? 62  VAL A CG2 1 
ATOM   464  N  N   . ALA A 1 63  ? 2.388   6.537   -7.408  1.00 9.59  ? 63  ALA A N   1 
ATOM   465  C  CA  . ALA A 1 63  ? 3.781   6.637   -7.008  1.00 9.47  ? 63  ALA A CA  1 
ATOM   466  C  C   . ALA A 1 63  ? 4.313   5.265   -6.566  1.00 9.36  ? 63  ALA A C   1 
ATOM   467  O  O   . ALA A 1 63  ? 5.443   4.872   -6.898  1.00 9.19  ? 63  ALA A O   1 
ATOM   468  C  CB  . ALA A 1 63  ? 3.931   7.662   -5.863  1.00 9.74  ? 63  ALA A CB  1 
ATOM   469  N  N   . PHE A 1 64  ? 3.488   4.535   -5.822  1.00 9.28  ? 64  PHE A N   1 
ATOM   470  C  CA  . PHE A 1 64  ? 3.859   3.245   -5.246  1.00 9.23  ? 64  PHE A CA  1 
ATOM   471  C  C   . PHE A 1 64  ? 2.655   2.310   -5.307  1.00 8.99  ? 64  PHE A C   1 
ATOM   472  O  O   . PHE A 1 64  ? 1.647   2.541   -4.629  1.00 9.28  ? 64  PHE A O   1 
ATOM   473  C  CB  . PHE A 1 64  ? 4.342   3.433   -3.811  1.00 9.75  ? 64  PHE A CB  1 
ATOM   474  C  CG  . PHE A 1 64  ? 4.855   2.160   -3.136  1.00 10.08 ? 64  PHE A CG  1 
ATOM   475  C  CD1 . PHE A 1 64  ? 5.624   1.230   -3.805  1.00 9.96  ? 64  PHE A CD1 1 
ATOM   476  C  CD2 . PHE A 1 64  ? 4.575   1.930   -1.806  1.00 11.61 ? 64  PHE A CD2 1 
ATOM   477  C  CE1 . PHE A 1 64  ? 6.099   0.097   -3.152  1.00 11.49 ? 64  PHE A CE1 1 
ATOM   478  C  CE2 . PHE A 1 64  ? 5.056   0.814   -1.148  1.00 11.07 ? 64  PHE A CE2 1 
ATOM   479  C  CZ  . PHE A 1 64  ? 5.811   -0.112  -1.827  1.00 10.76 ? 64  PHE A CZ  1 
ATOM   480  N  N   . HIS A 1 65  ? 2.761   1.289   -6.154  1.00 8.93  ? 65  HIS A N   1 
ATOM   481  C  CA  . HIS A 1 65  ? 1.809   0.187   -6.311  1.00 9.11  ? 65  HIS A CA  1 
ATOM   482  C  C   . HIS A 1 65  ? 2.432   -1.019  -5.611  1.00 9.51  ? 65  HIS A C   1 
ATOM   483  O  O   . HIS A 1 65  ? 3.504   -1.468  -5.998  1.00 9.52  ? 65  HIS A O   1 
ATOM   484  C  CB  . HIS A 1 65  ? 1.657   -0.051  -7.820  1.00 9.72  ? 65  HIS A CB  1 
ATOM   485  C  CG  . HIS A 1 65  ? 0.851   -1.239  -8.233  1.00 9.35  ? 65  HIS A CG  1 
ATOM   486  N  ND1 . HIS A 1 65  ? -0.513  -1.350  -8.025  1.00 9.96  ? 65  HIS A ND1 1 
ATOM   487  C  CD2 . HIS A 1 65  ? 1.205   -2.320  -8.968  1.00 10.29 ? 65  HIS A CD2 1 
ATOM   488  C  CE1 . HIS A 1 65  ? -0.944  -2.469  -8.580  1.00 10.98 ? 65  HIS A CE1 1 
ATOM   489  N  NE2 . HIS A 1 65  ? 0.079   -3.077  -9.162  1.00 10.62 ? 65  HIS A NE2 1 
ATOM   490  N  N   . PHE A 1 66  ? 1.759   -1.528  -4.580  1.00 8.78  ? 66  PHE A N   1 
ATOM   491  C  CA  . PHE A 1 66  ? 2.230   -2.647  -3.766  1.00 9.06  ? 66  PHE A CA  1 
ATOM   492  C  C   . PHE A 1 66  ? 1.175   -3.719  -3.961  1.00 8.90  ? 66  PHE A C   1 
ATOM   493  O  O   . PHE A 1 66  ? 0.060   -3.564  -3.480  1.00 9.52  ? 66  PHE A O   1 
ATOM   494  C  CB  . PHE A 1 66  ? 2.335   -2.179  -2.305  1.00 9.52  ? 66  PHE A CB  1 
ATOM   495  C  CG  . PHE A 1 66  ? 2.699   -3.261  -1.314  1.00 9.21  ? 66  PHE A CG  1 
ATOM   496  C  CD1 . PHE A 1 66  ? 4.022   -3.570  -1.024  1.00 8.58  ? 66  PHE A CD1 1 
ATOM   497  C  CD2 . PHE A 1 66  ? 1.711   -3.955  -0.637  1.00 10.46 ? 66  PHE A CD2 1 
ATOM   498  C  CE1 . PHE A 1 66  ? 4.338   -4.547  -0.105  1.00 9.05  ? 66  PHE A CE1 1 
ATOM   499  C  CE2 . PHE A 1 66  ? 2.028   -4.931  0.291   1.00 9.40  ? 66  PHE A CE2 1 
ATOM   500  C  CZ  . PHE A 1 66  ? 3.340   -5.241  0.544   1.00 9.45  ? 66  PHE A CZ  1 
ATOM   501  N  N   . ASN A 1 67  ? 1.509   -4.784  -4.687  1.00 9.23  ? 67  ASN A N   1 
ATOM   502  C  CA  . ASN A 1 67  ? 0.513   -5.700  -5.243  1.00 9.67  ? 67  ASN A CA  1 
ATOM   503  C  C   . ASN A 1 67  ? 0.831   -7.180  -4.943  1.00 9.91  ? 67  ASN A C   1 
ATOM   504  O  O   . ASN A 1 67  ? 1.441   -7.875  -5.757  1.00 10.17 ? 67  ASN A O   1 
ATOM   505  C  CB  . ASN A 1 67  ? 0.434   -5.402  -6.755  1.00 9.47  ? 67  ASN A CB  1 
ATOM   506  C  CG  . ASN A 1 67  ? -0.414  -6.378  -7.555  1.00 11.88 ? 67  ASN A CG  1 
ATOM   507  O  OD1 . ASN A 1 67  ? -0.059  -6.686  -8.712  1.00 11.83 ? 67  ASN A OD1 1 
ATOM   508  N  ND2 . ASN A 1 67  ? -1.510  -6.874  -6.976  1.00 11.65 ? 67  ASN A ND2 1 
ATOM   509  N  N   . PRO A 1 68  ? 0.388   -7.674  -3.775  1.00 9.83  ? 68  PRO A N   1 
ATOM   510  C  CA  . PRO A 1 68  ? 0.494   -9.106  -3.502  1.00 10.33 ? 68  PRO A CA  1 
ATOM   511  C  C   . PRO A 1 68  ? -0.340  -9.919  -4.485  1.00 10.77 ? 68  PRO A C   1 
ATOM   512  O  O   . PRO A 1 68  ? -1.487  -9.569  -4.769  1.00 10.71 ? 68  PRO A O   1 
ATOM   513  C  CB  . PRO A 1 68  ? -0.053  -9.237  -2.082  1.00 10.91 ? 68  PRO A CB  1 
ATOM   514  C  CG  . PRO A 1 68  ? 0.190   -7.877  -1.480  1.00 10.17 ? 68  PRO A CG  1 
ATOM   515  C  CD  . PRO A 1 68  ? -0.098  -6.927  -2.598  1.00 9.80  ? 68  PRO A CD  1 
ATOM   516  N  N   . ARG A 1 69  ? 0.263   -10.976 -5.020  1.00 11.48 ? 69  ARG A N   1 
ATOM   517  C  CA  . ARG A 1 69  ? -0.402  -11.890 -5.940  1.00 12.31 ? 69  ARG A CA  1 
ATOM   518  C  C   . ARG A 1 69  ? -0.308  -13.299 -5.374  1.00 13.04 ? 69  ARG A C   1 
ATOM   519  O  O   . ARG A 1 69  ? 0.700   -13.675 -4.773  1.00 12.90 ? 69  ARG A O   1 
ATOM   520  C  CB  . ARG A 1 69  ? 0.245   -11.805 -7.308  1.00 12.45 ? 69  ARG A CB  1 
ATOM   521  C  CG  . ARG A 1 69  ? 0.127   -10.454 -7.945  1.00 13.45 ? 69  ARG A CG  1 
ATOM   522  C  CD  . ARG A 1 69  ? 0.720   -10.410 -9.320  1.00 14.57 ? 69  ARG A CD  1 
ATOM   523  N  NE  . ARG A 1 69  ? 0.607   -9.079  -9.892  1.00 14.38 ? 69  ARG A NE  1 
ATOM   524  C  CZ  . ARG A 1 69  ? 0.982   -8.742  -11.123 1.00 15.68 ? 69  ARG A CZ  1 
ATOM   525  N  NH1 . ARG A 1 69  ? 1.499   -9.660  -11.944 1.00 16.81 ? 69  ARG A NH1 1 
ATOM   526  N  NH2 . ARG A 1 69  ? 0.836   -7.494  -11.540 1.00 14.38 ? 69  ARG A NH2 1 
ATOM   527  N  N   . PHE A 1 70  ? -1.363  -14.092 -5.545  1.00 14.07 ? 70  PHE A N   1 
ATOM   528  C  CA  . PHE A 1 70  ? -1.476  -15.345 -4.800  1.00 15.22 ? 70  PHE A CA  1 
ATOM   529  C  C   . PHE A 1 70  ? -1.366  -16.627 -5.610  1.00 17.11 ? 70  PHE A C   1 
ATOM   530  O  O   . PHE A 1 70  ? -1.284  -17.698 -5.034  1.00 18.01 ? 70  PHE A O   1 
ATOM   531  C  CB  . PHE A 1 70  ? -2.760  -15.329 -3.970  1.00 14.33 ? 70  PHE A CB  1 
ATOM   532  C  CG  . PHE A 1 70  ? -2.728  -14.292 -2.902  1.00 13.98 ? 70  PHE A CG  1 
ATOM   533  C  CD1 . PHE A 1 70  ? -3.119  -12.997 -3.179  1.00 14.14 ? 70  PHE A CD1 1 
ATOM   534  C  CD2 . PHE A 1 70  ? -2.220  -14.593 -1.655  1.00 14.37 ? 70  PHE A CD2 1 
ATOM   535  C  CE1 . PHE A 1 70  ? -3.019  -12.007 -2.204  1.00 13.70 ? 70  PHE A CE1 1 
ATOM   536  C  CE2 . PHE A 1 70  ? -2.136  -13.623 -0.671  1.00 14.00 ? 70  PHE A CE2 1 
ATOM   537  C  CZ  . PHE A 1 70  ? -2.525  -12.322 -0.959  1.00 13.69 ? 70  PHE A CZ  1 
ATOM   538  N  N   . LYS A 1 71  ? -1.349  -16.524 -6.927  1.00 19.34 ? 71  LYS A N   1 
ATOM   539  C  CA  . LYS A 1 71  ? -1.293  -17.725 -7.762  1.00 21.47 ? 71  LYS A CA  1 
ATOM   540  C  C   . LYS A 1 71  ? 0.092   -18.367 -7.666  1.00 22.16 ? 71  LYS A C   1 
ATOM   541  O  O   . LYS A 1 71  ? 1.078   -17.698 -7.350  1.00 21.88 ? 71  LYS A O   1 
ATOM   542  C  CB  . LYS A 1 71  ? -1.676  -17.396 -9.206  1.00 22.21 ? 71  LYS A CB  1 
ATOM   543  C  CG  . LYS A 1 71  ? -3.179  -17.113 -9.391  1.00 25.04 ? 71  LYS A CG  1 
ATOM   544  C  CD  . LYS A 1 71  ? -3.493  -16.577 -10.783 1.00 28.33 ? 71  LYS A CD  1 
ATOM   545  C  CE  . LYS A 1 71  ? -4.924  -16.072 -10.869 1.00 30.58 ? 71  LYS A CE  1 
ATOM   546  N  NZ  . LYS A 1 71  ? -5.269  -15.530 -12.218 1.00 32.37 ? 71  LYS A NZ  1 
ATOM   547  N  N   . ARG A 1 72  ? 0.154   -19.675 -7.919  1.00 23.02 ? 72  ARG A N   1 
ATOM   548  C  CA  . ARG A 1 72  ? 1.409   -20.426 -7.844  1.00 23.37 ? 72  ARG A CA  1 
ATOM   549  C  C   . ARG A 1 72  ? 2.050   -20.259 -6.459  1.00 22.25 ? 72  ARG A C   1 
ATOM   550  O  O   . ARG A 1 72  ? 1.383   -20.461 -5.443  1.00 22.23 ? 72  ARG A O   1 
ATOM   551  C  CB  . ARG A 1 72  ? 2.369   -20.016 -8.982  1.00 24.39 ? 72  ARG A CB  1 
ATOM   552  C  CG  . ARG A 1 72  ? 2.226   -20.810 -10.258 1.00 27.67 ? 72  ARG A CG  1 
ATOM   553  C  CD  . ARG A 1 72  ? 0.843   -20.679 -10.850 1.00 31.16 ? 72  ARG A CD  1 
ATOM   554  N  NE  . ARG A 1 72  ? 0.886   -20.783 -12.309 1.00 33.85 ? 72  ARG A NE  1 
ATOM   555  C  CZ  . ARG A 1 72  ? 0.757   -19.763 -13.158 1.00 36.18 ? 72  ARG A CZ  1 
ATOM   556  N  NH1 . ARG A 1 72  ? 0.554   -18.519 -12.716 1.00 37.50 ? 72  ARG A NH1 1 
ATOM   557  N  NH2 . ARG A 1 72  ? 0.821   -19.989 -14.466 1.00 36.95 ? 72  ARG A NH2 1 
ATOM   558  N  N   . ALA A 1 73  ? 3.328   -19.884 -6.399  1.00 20.65 ? 73  ALA A N   1 
ATOM   559  C  CA  . ALA A 1 73  ? 4.024   -19.769 -5.121  1.00 19.84 ? 73  ALA A CA  1 
ATOM   560  C  C   . ALA A 1 73  ? 3.762   -18.414 -4.450  1.00 18.37 ? 73  ALA A C   1 
ATOM   561  O  O   . ALA A 1 73  ? 4.135   -18.210 -3.300  1.00 18.97 ? 73  ALA A O   1 
ATOM   562  C  CB  . ALA A 1 73  ? 5.519   -19.976 -5.316  1.00 19.65 ? 73  ALA A CB  1 
ATOM   563  N  N   . GLY A 1 74  ? 3.134   -17.497 -5.178  1.00 17.10 ? 74  GLY A N   1 
ATOM   564  C  CA  . GLY A 1 74  ? 2.886   -16.157 -4.660  1.00 15.69 ? 74  GLY A CA  1 
ATOM   565  C  C   . GLY A 1 74  ? 4.064   -15.222 -4.856  1.00 14.83 ? 74  GLY A C   1 
ATOM   566  O  O   . GLY A 1 74  ? 5.216   -15.650 -5.007  1.00 14.80 ? 74  GLY A O   1 
ATOM   567  N  N   . CYS A 1 75  ? 3.764   -13.929 -4.875  1.00 12.84 ? 75  CYS A N   1 
ATOM   568  C  CA  . CYS A 1 75  ? 4.793   -12.894 -4.948  1.00 12.30 ? 75  CYS A CA  1 
ATOM   569  C  C   . CYS A 1 75  ? 4.177   -11.558 -4.578  1.00 11.65 ? 75  CYS A C   1 
ATOM   570  O  O   . CYS A 1 75  ? 2.967   -11.475 -4.311  1.00 11.22 ? 75  CYS A O   1 
ATOM   571  C  CB  . CYS A 1 75  ? 5.386   -12.817 -6.356  1.00 12.69 ? 75  CYS A CB  1 
ATOM   572  S  SG  . CYS A 1 75  ? 4.245   -12.270 -7.634  1.00 13.99 ? 75  CYS A SG  1 
ATOM   573  N  N   . ILE A 1 76  ? 5.010   -10.519 -4.542  1.00 10.78 ? 76  ILE A N   1 
ATOM   574  C  CA  . ILE A 1 76  ? 4.553   -9.144  -4.438  1.00 9.86  ? 76  ILE A CA  1 
ATOM   575  C  C   . ILE A 1 76  ? 5.166   -8.383  -5.596  1.00 9.96  ? 76  ILE A C   1 
ATOM   576  O  O   . ILE A 1 76  ? 6.397   -8.401  -5.768  1.00 10.44 ? 76  ILE A O   1 
ATOM   577  C  CB  . ILE A 1 76  ? 4.966   -8.463  -3.112  1.00 10.00 ? 76  ILE A CB  1 
ATOM   578  C  CG1 . ILE A 1 76  ? 4.465   -9.245  -1.884  1.00 9.67  ? 76  ILE A CG1 1 
ATOM   579  C  CG2 . ILE A 1 76  ? 4.453   -7.016  -3.091  1.00 10.74 ? 76  ILE A CG2 1 
ATOM   580  C  CD1 . ILE A 1 76  ? 5.164   -8.798  -0.584  1.00 10.55 ? 76  ILE A CD1 1 
ATOM   581  N  N   . VAL A 1 77  ? 4.321   -7.768  -6.419  1.00 9.70  ? 77  VAL A N   1 
ATOM   582  C  CA  . VAL A 1 77  ? 4.783   -6.921  -7.510  1.00 9.97  ? 77  VAL A CA  1 
ATOM   583  C  C   . VAL A 1 77  ? 4.680   -5.456  -7.069  1.00 9.97  ? 77  VAL A C   1 
ATOM   584  O  O   . VAL A 1 77  ? 3.643   -5.034  -6.554  1.00 10.73 ? 77  VAL A O   1 
ATOM   585  C  CB  . VAL A 1 77  ? 3.942   -7.158  -8.781  1.00 10.23 ? 77  VAL A CB  1 
ATOM   586  C  CG1 . VAL A 1 77  ? 4.225   -6.086  -9.847  1.00 10.88 ? 77  VAL A CG1 1 
ATOM   587  C  CG2 . VAL A 1 77  ? 4.203   -8.553  -9.328  1.00 11.39 ? 77  VAL A CG2 1 
ATOM   588  N  N   . CYS A 1 78  ? 5.742   -4.682  -7.274  1.00 9.62  ? 78  CYS A N   1 
ATOM   589  C  CA  . CYS A 1 78  ? 5.696   -3.235  -7.056  1.00 9.89  ? 78  CYS A CA  1 
ATOM   590  C  C   . CYS A 1 78  ? 6.001   -2.507  -8.342  1.00 9.98  ? 78  CYS A C   1 
ATOM   591  O  O   . CYS A 1 78  ? 6.785   -2.982  -9.169  1.00 10.27 ? 78  CYS A O   1 
ATOM   592  C  CB  . CYS A 1 78  ? 6.657   -2.790  -5.943  1.00 9.76  ? 78  CYS A CB  1 
ATOM   593  S  SG  . CYS A 1 78  ? 6.268   -3.507  -4.318  1.00 11.24 ? 78  CYS A SG  1 
ATOM   594  N  N   . ASN A 1 79  ? 5.380   -1.353  -8.518  1.00 9.68  ? 79  ASN A N   1 
ATOM   595  C  CA  . ASN A 1 79  ? 5.574   -0.548  -9.725  1.00 9.67  ? 79  ASN A CA  1 
ATOM   596  C  C   . ASN A 1 79  ? 5.073   0.867   -9.503  1.00 10.23 ? 79  ASN A C   1 
ATOM   597  O  O   . ASN A 1 79  ? 4.594   1.213   -8.419  1.00 9.68  ? 79  ASN A O   1 
ATOM   598  C  CB  . ASN A 1 79  ? 4.830   -1.220  -10.900 1.00 9.27  ? 79  ASN A CB  1 
ATOM   599  C  CG  . ASN A 1 79  ? 5.467   -0.948  -12.276 1.00 10.25 ? 79  ASN A CG  1 
ATOM   600  O  OD1 . ASN A 1 79  ? 6.305   -0.059  -12.433 1.00 10.87 ? 79  ASN A OD1 1 
ATOM   601  N  ND2 . ASN A 1 79  ? 5.014   -1.703  -13.280 1.00 11.96 ? 79  ASN A ND2 1 
ATOM   602  N  N   . THR A 1 80  ? 5.189   1.677   -10.551 1.00 9.91  ? 80  THR A N   1 
ATOM   603  C  CA  . THR A 1 80  ? 4.802   3.064   -10.568 1.00 9.70  ? 80  THR A CA  1 
ATOM   604  C  C   . THR A 1 80  ? 4.050   3.301   -11.877 1.00 10.12 ? 80  THR A C   1 
ATOM   605  O  O   . THR A 1 80  ? 4.460   2.790   -12.926 1.00 11.04 ? 80  THR A O   1 
ATOM   606  C  CB  . THR A 1 80  ? 6.058   3.962   -10.491 1.00 10.00 ? 80  THR A CB  1 
ATOM   607  O  OG1 . THR A 1 80  ? 6.662   3.831   -9.197  1.00 9.94  ? 80  THR A OG1 1 
ATOM   608  C  CG2 . THR A 1 80  ? 5.722   5.418   -10.736 1.00 11.62 ? 80  THR A CG2 1 
ATOM   609  N  N   . LEU A 1 81  ? 2.936   4.035   -11.795 1.00 10.01 ? 81  LEU A N   1 
ATOM   610  C  CA  . LEU A 1 81  ? 2.143   4.428   -12.965 1.00 10.13 ? 81  LEU A CA  1 
ATOM   611  C  C   . LEU A 1 81  ? 2.315   5.932   -13.167 1.00 10.47 ? 81  LEU A C   1 
ATOM   612  O  O   . LEU A 1 81  ? 1.957   6.725   -12.299 1.00 9.91  ? 81  LEU A O   1 
ATOM   613  C  CB  . LEU A 1 81  ? 0.657   4.108   -12.751 1.00 10.23 ? 81  LEU A CB  1 
ATOM   614  C  CG  . LEU A 1 81  ? -0.273  4.388   -13.946 1.00 10.24 ? 81  LEU A CG  1 
ATOM   615  C  CD1 . LEU A 1 81  ? -0.266  3.211   -14.894 1.00 12.10 ? 81  LEU A CD1 1 
ATOM   616  C  CD2 . LEU A 1 81  ? -1.702  4.673   -13.448 1.00 12.39 ? 81  LEU A CD2 1 
ATOM   617  N  N   . ILE A 1 82  ? 2.852   6.325   -14.323 1.00 11.27 ? 82  ILE A N   1 
ATOM   618  C  CA  . ILE A 1 82  ? 3.061   7.742   -14.665 1.00 11.74 ? 82  ILE A CA  1 
ATOM   619  C  C   . ILE A 1 82  ? 2.366   8.018   -15.985 1.00 12.00 ? 82  ILE A C   1 
ATOM   620  O  O   . ILE A 1 82  ? 2.596   7.299   -16.961 1.00 12.54 ? 82  ILE A O   1 
ATOM   621  C  CB  . ILE A 1 82  ? 4.564   8.096   -14.801 1.00 11.64 ? 82  ILE A CB  1 
ATOM   622  C  CG1 . ILE A 1 82  ? 5.250   8.021   -13.435 1.00 12.95 ? 82  ILE A CG1 1 
ATOM   623  C  CG2 . ILE A 1 82  ? 4.757   9.491   -15.404 1.00 13.53 ? 82  ILE A CG2 1 
ATOM   624  C  CD1 . ILE A 1 82  ? 6.768   7.925   -13.498 1.00 13.15 ? 82  ILE A CD1 1 
ATOM   625  N  N   . ASN A 1 83  ? 1.505   9.035   -15.995 1.00 12.78 ? 83  ASN A N   1 
ATOM   626  C  CA  . ASN A 1 83  ? 0.743   9.397   -17.189 1.00 13.75 ? 83  ASN A CA  1 
ATOM   627  C  C   . ASN A 1 83  ? 0.162   8.156   -17.888 1.00 13.93 ? 83  ASN A C   1 
ATOM   628  O  O   . ASN A 1 83  ? 0.306   7.947   -19.110 1.00 14.67 ? 83  ASN A O   1 
ATOM   629  C  CB  . ASN A 1 83  ? 1.622   10.257  -18.110 1.00 14.01 ? 83  ASN A CB  1 
ATOM   630  C  CG  . ASN A 1 83  ? 2.033   11.573  -17.456 1.00 17.16 ? 83  ASN A CG  1 
ATOM   631  O  OD1 . ASN A 1 83  ? 1.338   12.097  -16.571 1.00 19.82 ? 83  ASN A OD1 1 
ATOM   632  N  ND2 . ASN A 1 83  ? 3.163   12.123  -17.889 1.00 19.85 ? 83  ASN A ND2 1 
ATOM   633  N  N   . GLU A 1 84  ? -0.485  7.317   -17.068 1.00 14.01 ? 84  GLU A N   1 
ATOM   634  C  CA  . GLU A 1 84  ? -1.252  6.153   -17.498 1.00 14.42 ? 84  GLU A CA  1 
ATOM   635  C  C   . GLU A 1 84  ? -0.416  5.014   -18.071 1.00 15.11 ? 84  GLU A C   1 
ATOM   636  O  O   . GLU A 1 84  ? -0.963  4.121   -18.725 1.00 16.83 ? 84  GLU A O   1 
ATOM   637  C  CB  . GLU A 1 84  ? -2.372  6.554   -18.485 1.00 14.60 ? 84  GLU A CB  1 
ATOM   638  C  CG  . GLU A 1 84  ? -3.293  7.619   -17.929 1.00 13.79 ? 84  GLU A CG  1 
ATOM   639  C  CD  . GLU A 1 84  ? -4.567  7.762   -18.724 1.00 14.55 ? 84  GLU A CD  1 
ATOM   640  O  OE1 . GLU A 1 84  ? -4.490  8.115   -19.926 1.00 14.15 ? 84  GLU A OE1 1 
ATOM   641  O  OE2 . GLU A 1 84  ? -5.647  7.520   -18.147 1.00 14.49 ? 84  GLU A OE2 1 
ATOM   642  N  N   . LYS A 1 85  ? 0.891   5.020   -17.797 1.00 15.02 ? 85  LYS A N   1 
ATOM   643  C  CA  . LYS A 1 85  ? 1.782   3.956   -18.257 1.00 15.40 ? 85  LYS A CA  1 
ATOM   644  C  C   . LYS A 1 85  ? 2.524   3.332   -17.075 1.00 14.21 ? 85  LYS A C   1 
ATOM   645  O  O   . LYS A 1 85  ? 3.137   4.039   -16.275 1.00 13.58 ? 85  LYS A O   1 
ATOM   646  C  CB  . LYS A 1 85  ? 2.768   4.514   -19.299 1.00 16.17 ? 85  LYS A CB  1 
ATOM   647  C  CG  . LYS A 1 85  ? 2.094   4.991   -20.591 1.00 20.42 ? 85  LYS A CG  1 
ATOM   648  C  CD  . LYS A 1 85  ? 3.036   5.838   -21.437 1.00 24.52 ? 85  LYS A CD  1 
ATOM   649  C  CE  . LYS A 1 85  ? 3.076   7.292   -20.961 1.00 26.95 ? 85  LYS A CE  1 
ATOM   650  N  NZ  . LYS A 1 85  ? 4.332   8.004   -21.353 1.00 28.48 ? 85  LYS A NZ  1 
ATOM   651  N  N   . TRP A 1 86  ? 2.451   2.014   -16.972 1.00 13.50 ? 86  TRP A N   1 
ATOM   652  C  CA  . TRP A 1 86  ? 3.208   1.278   -15.959 1.00 13.14 ? 86  TRP A CA  1 
ATOM   653  C  C   . TRP A 1 86  ? 4.686   1.217   -16.316 1.00 13.66 ? 86  TRP A C   1 
ATOM   654  O  O   . TRP A 1 86  ? 5.057   1.093   -17.492 1.00 14.11 ? 86  TRP A O   1 
ATOM   655  C  CB  . TRP A 1 86  ? 2.672   -0.143  -15.800 1.00 13.46 ? 86  TRP A CB  1 
ATOM   656  C  CG  . TRP A 1 86  ? 1.382   -0.226  -15.029 1.00 13.54 ? 86  TRP A CG  1 
ATOM   657  C  CD1 . TRP A 1 86  ? 0.164   -0.603  -15.511 1.00 15.12 ? 86  TRP A CD1 1 
ATOM   658  C  CD2 . TRP A 1 86  ? 1.190   0.065   -13.639 1.00 13.62 ? 86  TRP A CD2 1 
ATOM   659  N  NE1 . TRP A 1 86  ? -0.784  -0.555  -14.512 1.00 15.15 ? 86  TRP A NE1 1 
ATOM   660  C  CE2 . TRP A 1 86  ? -0.174  -0.159  -13.349 1.00 14.64 ? 86  TRP A CE2 1 
ATOM   661  C  CE3 . TRP A 1 86  ? 2.038   0.495   -12.612 1.00 13.30 ? 86  TRP A CE3 1 
ATOM   662  C  CZ2 . TRP A 1 86  ? -0.715  0.046   -12.074 1.00 14.78 ? 86  TRP A CZ2 1 
ATOM   663  C  CZ3 . TRP A 1 86  ? 1.498   0.685   -11.347 1.00 13.82 ? 86  TRP A CZ3 1 
ATOM   664  C  CH2 . TRP A 1 86  ? 0.141   0.466   -11.096 1.00 13.78 ? 86  TRP A CH2 1 
ATOM   665  N  N   . GLY A 1 87  ? 5.527   1.307   -15.297 1.00 12.69 ? 87  GLY A N   1 
ATOM   666  C  CA  . GLY A 1 87  ? 6.963   1.215   -15.468 1.00 12.69 ? 87  GLY A CA  1 
ATOM   667  C  C   . GLY A 1 87  ? 7.446   -0.213  -15.381 1.00 12.30 ? 87  GLY A C   1 
ATOM   668  O  O   . GLY A 1 87  ? 6.692   -1.163  -15.593 1.00 12.60 ? 87  GLY A O   1 
ATOM   669  N  N   . ARG A 1 88  ? 8.723   -0.348  -15.050 1.00 13.06 ? 88  ARG A N   1 
ATOM   670  C  CA  . ARG A 1 88  ? 9.352   -1.652  -14.885 1.00 13.70 ? 88  ARG A CA  1 
ATOM   671  C  C   . ARG A 1 88  ? 8.962   -2.246  -13.533 1.00 12.99 ? 88  ARG A C   1 
ATOM   672  O  O   . ARG A 1 88  ? 9.141   -1.595  -12.486 1.00 13.10 ? 88  ARG A O   1 
ATOM   673  C  CB  . ARG A 1 88  ? 10.878  -1.519  -14.991 1.00 14.89 ? 88  ARG A CB  1 
ATOM   674  C  CG  . ARG A 1 88  ? 11.622  -2.839  -15.129 1.00 18.67 ? 88  ARG A CG  1 
ATOM   675  C  CD  A ARG A 1 88  ? 13.027  -2.594  -15.709 0.70 20.05 ? 88  ARG A CD  1 
ATOM   676  C  CD  B ARG A 1 88  ? 12.973  -2.696  -15.830 0.30 19.96 ? 88  ARG A CD  1 
ATOM   677  N  NE  A ARG A 1 88  ? 13.779  -3.828  -15.925 0.70 22.31 ? 88  ARG A NE  1 
ATOM   678  N  NE  B ARG A 1 88  ? 13.751  -3.938  -15.829 0.30 21.99 ? 88  ARG A NE  1 
ATOM   679  C  CZ  A ARG A 1 88  ? 15.101  -3.958  -15.800 0.70 21.13 ? 88  ARG A CZ  1 
ATOM   680  C  CZ  B ARG A 1 88  ? 13.443  -5.037  -16.519 0.30 22.75 ? 88  ARG A CZ  1 
ATOM   681  N  NH1 A ARG A 1 88  ? 15.872  -2.936  -15.429 0.70 22.67 ? 88  ARG A NH1 1 
ATOM   682  N  NH1 B ARG A 1 88  ? 12.355  -5.091  -17.274 0.30 22.97 ? 88  ARG A NH1 1 
ATOM   683  N  NH2 A ARG A 1 88  ? 15.664  -5.140  -16.027 0.70 21.74 ? 88  ARG A NH2 1 
ATOM   684  N  NH2 B ARG A 1 88  ? 14.229  -6.102  -16.446 0.30 23.87 ? 88  ARG A NH2 1 
ATOM   685  N  N   . GLU A 1 89  ? 8.421   -3.458  -13.545 1.00 12.77 ? 89  GLU A N   1 
ATOM   686  C  CA  . GLU A 1 89  ? 8.030   -4.126  -12.300 1.00 12.45 ? 89  GLU A CA  1 
ATOM   687  C  C   . GLU A 1 89  ? 9.229   -4.502  -11.469 1.00 12.29 ? 89  GLU A C   1 
ATOM   688  O  O   . GLU A 1 89  ? 10.290  -4.821  -12.016 1.00 14.02 ? 89  GLU A O   1 
ATOM   689  C  CB  . GLU A 1 89  ? 7.218   -5.384  -12.565 1.00 13.10 ? 89  GLU A CB  1 
ATOM   690  C  CG  . GLU A 1 89  ? 5.880   -5.104  -13.173 1.00 13.67 ? 89  GLU A CG  1 
ATOM   691  C  CD  . GLU A 1 89  ? 5.041   -6.341  -13.377 1.00 15.29 ? 89  GLU A CD  1 
ATOM   692  O  OE1 . GLU A 1 89  ? 5.602   -7.455  -13.438 1.00 16.55 ? 89  GLU A OE1 1 
ATOM   693  O  OE2 . GLU A 1 89  ? 3.811   -6.192  -13.512 1.00 16.86 ? 89  GLU A OE2 1 
ATOM   694  N  N   . GLU A 1 90  ? 9.052   -4.464  -10.143 1.00 11.37 ? 90  GLU A N   1 
ATOM   695  C  CA  . GLU A 1 90  ? 9.998   -5.008  -9.173  1.00 10.82 ? 90  GLU A CA  1 
ATOM   696  C  C   . GLU A 1 90  ? 9.272   -6.116  -8.433  1.00 11.40 ? 90  GLU A C   1 
ATOM   697  O  O   . GLU A 1 90  ? 8.282   -5.859  -7.744  1.00 11.26 ? 90  GLU A O   1 
ATOM   698  C  CB  . GLU A 1 90  ? 10.476  -3.925  -8.195  1.00 10.54 ? 90  GLU A CB  1 
ATOM   699  C  CG  . GLU A 1 90  ? 11.240  -2.829  -8.894  1.00 10.56 ? 90  GLU A CG  1 
ATOM   700  C  CD  . GLU A 1 90  ? 11.826  -1.772  -7.970  1.00 11.27 ? 90  GLU A CD  1 
ATOM   701  O  OE1 . GLU A 1 90  ? 12.099  -2.061  -6.776  1.00 12.67 ? 90  GLU A OE1 1 
ATOM   702  O  OE2 . GLU A 1 90  ? 12.069  -0.651  -8.467  1.00 11.88 ? 90  GLU A OE2 1 
ATOM   703  N  N   . ILE A 1 91  ? 9.753   -7.348  -8.564  1.00 11.86 ? 91  ILE A N   1 
ATOM   704  C  CA  . ILE A 1 91  ? 9.074   -8.486  -7.963  1.00 12.57 ? 91  ILE A CA  1 
ATOM   705  C  C   . ILE A 1 91  ? 9.827   -9.033  -6.768  1.00 13.02 ? 91  ILE A C   1 
ATOM   706  O  O   . ILE A 1 91  ? 11.040  -9.222  -6.817  1.00 13.84 ? 91  ILE A O   1 
ATOM   707  C  CB  . ILE A 1 91  ? 8.805   -9.591  -9.002  1.00 13.20 ? 91  ILE A CB  1 
ATOM   708  C  CG1 . ILE A 1 91  ? 8.075   -9.004  -10.223 1.00 16.01 ? 91  ILE A CG1 1 
ATOM   709  C  CG2 . ILE A 1 91  ? 8.020   -10.738 -8.366  1.00 13.52 ? 91  ILE A CG2 1 
ATOM   710  C  CD1 . ILE A 1 91  ? 7.552   -10.055 -11.212 1.00 19.92 ? 91  ILE A CD1 1 
ATOM   711  N  N   . THR A 1 92  ? 9.080   -9.274  -5.693  1.00 12.75 ? 92  THR A N   1 
ATOM   712  C  CA  . THR A 1 92  ? 9.596   -9.818  -4.454  1.00 13.08 ? 92  THR A CA  1 
ATOM   713  C  C   . THR A 1 92  ? 8.966   -11.204 -4.312  1.00 13.39 ? 92  THR A C   1 
ATOM   714  O  O   . THR A 1 92  ? 7.753   -11.344 -4.329  1.00 13.20 ? 92  THR A O   1 
ATOM   715  C  CB  . THR A 1 92  ? 9.226   -8.896  -3.255  1.00 12.74 ? 92  THR A CB  1 
ATOM   716  O  OG1 . THR A 1 92  ? 9.921   -7.652  -3.399  1.00 13.55 ? 92  THR A OG1 1 
ATOM   717  C  CG2 . THR A 1 92  ? 9.583   -9.525  -1.916  1.00 13.91 ? 92  THR A CG2 1 
ATOM   718  N  N   . TYR A 1 93  ? 9.803   -12.222 -4.202  1.00 13.68 ? 93  TYR A N   1 
ATOM   719  C  CA  . TYR A 1 93  ? 9.351   -13.609 -4.194  1.00 14.72 ? 93  TYR A CA  1 
ATOM   720  C  C   . TYR A 1 93  ? 9.144   -14.150 -2.780  1.00 15.21 ? 93  TYR A C   1 
ATOM   721  O  O   . TYR A 1 93  ? 8.394   -15.107 -2.592  1.00 16.53 ? 93  TYR A O   1 
ATOM   722  C  CB  . TYR A 1 93  ? 10.367  -14.487 -4.939  1.00 15.27 ? 93  TYR A CB  1 
ATOM   723  C  CG  . TYR A 1 93  ? 10.391  -14.168 -6.405  1.00 16.34 ? 93  TYR A CG  1 
ATOM   724  C  CD1 . TYR A 1 93  ? 9.461   -14.729 -7.261  1.00 17.70 ? 93  TYR A CD1 1 
ATOM   725  C  CD2 . TYR A 1 93  ? 11.312  -13.273 -6.927  1.00 18.95 ? 93  TYR A CD2 1 
ATOM   726  C  CE1 . TYR A 1 93  ? 9.462   -14.426 -8.615  1.00 18.55 ? 93  TYR A CE1 1 
ATOM   727  C  CE2 . TYR A 1 93  ? 11.319  -12.961 -8.273  1.00 19.96 ? 93  TYR A CE2 1 
ATOM   728  C  CZ  . TYR A 1 93  ? 10.391  -13.542 -9.108  1.00 20.04 ? 93  TYR A CZ  1 
ATOM   729  O  OH  . TYR A 1 93  ? 10.394  -13.242 -10.445 1.00 23.72 ? 93  TYR A OH  1 
ATOM   730  N  N   . ASP A 1 94  ? 9.813   -13.552 -1.804  1.00 16.10 ? 94  ASP A N   1 
ATOM   731  C  CA  . ASP A 1 94  ? 9.686   -13.980 -0.417  1.00 17.00 ? 94  ASP A CA  1 
ATOM   732  C  C   . ASP A 1 94  ? 8.511   -13.189 0.151   1.00 16.88 ? 94  ASP A C   1 
ATOM   733  O  O   . ASP A 1 94  ? 8.674   -12.098 0.714   1.00 17.42 ? 94  ASP A O   1 
ATOM   734  C  CB  . ASP A 1 94  ? 10.993  -13.708 0.339   1.00 17.70 ? 94  ASP A CB  1 
ATOM   735  C  CG  . ASP A 1 94  ? 10.981  -14.218 1.777   1.00 20.48 ? 94  ASP A CG  1 
ATOM   736  O  OD1 . ASP A 1 94  ? 9.964   -14.774 2.239   1.00 24.26 ? 94  ASP A OD1 1 
ATOM   737  O  OD2 . ASP A 1 94  ? 12.020  -14.044 2.453   1.00 25.62 ? 94  ASP A OD2 1 
ATOM   738  N  N   . THR A 1 95  ? 7.319   -13.741 -0.044  1.00 16.13 ? 95  THR A N   1 
ATOM   739  C  CA  . THR A 1 95  ? 6.072   -13.074 0.337   1.00 15.57 ? 95  THR A CA  1 
ATOM   740  C  C   . THR A 1 95  ? 5.479   -13.740 1.578   1.00 15.65 ? 95  THR A C   1 
ATOM   741  O  O   . THR A 1 95  ? 5.392   -14.971 1.648   1.00 16.19 ? 95  THR A O   1 
ATOM   742  C  CB  . THR A 1 95  ? 5.020   -13.058 -0.796  1.00 15.84 ? 95  THR A CB  1 
ATOM   743  O  OG1 . THR A 1 95  ? 3.794   -12.526 -0.278  1.00 15.28 ? 95  THR A OG1 1 
ATOM   744  C  CG2 . THR A 1 95  ? 4.773   -14.448 -1.385  1.00 16.06 ? 95  THR A CG2 1 
ATOM   745  N  N   . PRO A 1 96  ? 5.069   -12.928 2.563   1.00 15.34 ? 96  PRO A N   1 
ATOM   746  C  CA  . PRO A 1 96  ? 4.439   -13.471 3.752   1.00 15.24 ? 96  PRO A CA  1 
ATOM   747  C  C   . PRO A 1 96  ? 2.929   -13.608 3.658   1.00 15.37 ? 96  PRO A C   1 
ATOM   748  O  O   . PRO A 1 96  ? 2.318   -14.190 4.560   1.00 15.93 ? 96  PRO A O   1 
ATOM   749  C  CB  . PRO A 1 96  ? 4.782   -12.439 4.818   1.00 15.75 ? 96  PRO A CB  1 
ATOM   750  C  CG  . PRO A 1 96  ? 4.819   -11.172 4.098   1.00 15.87 ? 96  PRO A CG  1 
ATOM   751  C  CD  . PRO A 1 96  ? 5.290   -11.474 2.688   1.00 15.73 ? 96  PRO A CD  1 
ATOM   752  N  N   . PHE A 1 97  ? 2.319   -13.075 2.604   1.00 14.07 ? 97  PHE A N   1 
ATOM   753  C  CA  . PHE A 1 97  ? 0.867   -13.074 2.522   1.00 13.90 ? 97  PHE A CA  1 
ATOM   754  C  C   . PHE A 1 97  ? 0.352   -14.466 2.173   1.00 14.35 ? 97  PHE A C   1 
ATOM   755  O  O   . PHE A 1 97  ? 0.963   -15.182 1.372   1.00 14.87 ? 97  PHE A O   1 
ATOM   756  C  CB  . PHE A 1 97  ? 0.369   -12.070 1.481   1.00 13.65 ? 97  PHE A CB  1 
ATOM   757  C  CG  . PHE A 1 97  ? 0.671   -10.644 1.817   1.00 11.67 ? 97  PHE A CG  1 
ATOM   758  C  CD1 . PHE A 1 97  ? -0.114  -9.937  2.715   1.00 11.61 ? 97  PHE A CD1 1 
ATOM   759  C  CD2 . PHE A 1 97  ? 1.740   -10.007 1.233   1.00 10.75 ? 97  PHE A CD2 1 
ATOM   760  C  CE1 . PHE A 1 97  ? 0.176   -8.612  3.035   1.00 10.91 ? 97  PHE A CE1 1 
ATOM   761  C  CE2 . PHE A 1 97  ? 2.037   -8.685  1.543   1.00 10.67 ? 97  PHE A CE2 1 
ATOM   762  C  CZ  . PHE A 1 97  ? 1.251   -7.979  2.441   1.00 11.06 ? 97  PHE A CZ  1 
ATOM   763  N  N   . LYS A 1 98  ? -0.767  -14.842 2.791   1.00 14.68 ? 98  LYS A N   1 
ATOM   764  C  CA  . LYS A 1 98  ? -1.419  -16.110 2.514   1.00 15.42 ? 98  LYS A CA  1 
ATOM   765  C  C   . LYS A 1 98  ? -2.928  -15.961 2.525   1.00 15.04 ? 98  LYS A C   1 
ATOM   766  O  O   . LYS A 1 98  ? -3.488  -15.248 3.367   1.00 14.40 ? 98  LYS A O   1 
ATOM   767  C  CB  . LYS A 1 98  ? -1.014  -17.142 3.574   1.00 15.48 ? 98  LYS A CB  1 
ATOM   768  C  CG  . LYS A 1 98  ? 0.378   -17.736 3.375   1.00 19.03 ? 98  LYS A CG  1 
ATOM   769  C  CD  . LYS A 1 98  ? 0.403   -18.664 2.153   1.00 22.89 ? 98  LYS A CD  1 
ATOM   770  C  CE  . LYS A 1 98  ? 1.548   -19.676 2.195   1.00 26.60 ? 98  LYS A CE  1 
ATOM   771  N  NZ  . LYS A 1 98  ? 1.163   -20.961 1.532   1.00 29.21 ? 98  LYS A NZ  1 
ATOM   772  N  N   . ARG A 1 99  ? -3.587  -16.682 1.622   1.00 15.69 ? 99  ARG A N   1 
ATOM   773  C  CA  . ARG A 1 99  ? -5.034  -16.801 1.648   1.00 16.45 ? 99  ARG A CA  1 
ATOM   774  C  C   . ARG A 1 99  ? -5.484  -17.284 3.025   1.00 16.82 ? 99  ARG A C   1 
ATOM   775  O  O   . ARG A 1 99  ? -4.855  -18.172 3.631   1.00 17.17 ? 99  ARG A O   1 
ATOM   776  C  CB  . ARG A 1 99  ? -5.504  -17.773 0.565   1.00 16.10 ? 99  ARG A CB  1 
ATOM   777  C  CG  . ARG A 1 99  ? -5.324  -17.254 -0.851  1.00 17.11 ? 99  ARG A CG  1 
ATOM   778  C  CD  . ARG A 1 99  ? -5.415  -18.371 -1.896  1.00 17.98 ? 99  ARG A CD  1 
ATOM   779  N  NE  . ARG A 1 99  ? -5.450  -17.823 -3.251  1.00 18.13 ? 99  ARG A NE  1 
ATOM   780  C  CZ  . ARG A 1 99  ? -5.069  -18.462 -4.360  1.00 21.19 ? 99  ARG A CZ  1 
ATOM   781  N  NH1 . ARG A 1 99  ? -4.607  -19.714 -4.308  1.00 24.05 ? 99  ARG A NH1 1 
ATOM   782  N  NH2 . ARG A 1 99  ? -5.151  -17.847 -5.537  1.00 22.09 ? 99  ARG A NH2 1 
ATOM   783  N  N   . GLU A 1 100 ? -6.567  -16.672 3.503   1.00 17.65 ? 100 GLU A N   1 
ATOM   784  C  CA  . GLU A 1 100 ? -7.212  -16.984 4.785   1.00 18.72 ? 100 GLU A CA  1 
ATOM   785  C  C   . GLU A 1 100 ? -6.408  -16.563 6.019   1.00 18.33 ? 100 GLU A C   1 
ATOM   786  O  O   . GLU A 1 100 ? -6.718  -16.986 7.130   1.00 20.08 ? 100 GLU A O   1 
ATOM   787  C  CB  . GLU A 1 100 ? -7.609  -18.474 4.867   1.00 19.37 ? 100 GLU A CB  1 
ATOM   788  C  CG  . GLU A 1 100 ? -8.401  -18.965 3.643   1.00 22.57 ? 100 GLU A CG  1 
ATOM   789  C  CD  . GLU A 1 100 ? -8.996  -20.363 3.813   1.00 26.67 ? 100 GLU A CD  1 
ATOM   790  O  OE1 . GLU A 1 100 ? -9.756  -20.565 4.778   1.00 30.34 ? 100 GLU A OE1 1 
ATOM   791  O  OE2 . GLU A 1 100 ? -8.718  -21.241 2.963   1.00 29.45 ? 100 GLU A OE2 1 
ATOM   792  N  N   . LYS A 1 101 ? -5.396  -15.715 5.839   1.00 17.15 ? 101 LYS A N   1 
ATOM   793  C  CA  . LYS A 1 101 ? -4.595  -15.232 6.960   1.00 16.92 ? 101 LYS A CA  1 
ATOM   794  C  C   . LYS A 1 101 ? -4.638  -13.722 7.069   1.00 16.13 ? 101 LYS A C   1 
ATOM   795  O  O   . LYS A 1 101 ? -4.714  -13.009 6.056   1.00 16.15 ? 101 LYS A O   1 
ATOM   796  C  CB  . LYS A 1 101 ? -3.139  -15.674 6.814   1.00 17.00 ? 101 LYS A CB  1 
ATOM   797  C  CG  . LYS A 1 101 ? -2.946  -17.191 6.833   1.00 19.15 ? 101 LYS A CG  1 
ATOM   798  C  CD  . LYS A 1 101 ? -3.402  -17.825 8.145   1.00 22.90 ? 101 LYS A CD  1 
ATOM   799  C  CE  . LYS A 1 101 ? -3.022  -19.302 8.230   1.00 25.68 ? 101 LYS A CE  1 
ATOM   800  N  NZ  . LYS A 1 101 ? -3.239  -20.047 6.953   1.00 28.40 ? 101 LYS A NZ  1 
ATOM   801  N  N   . SER A 1 102 ? -4.601  -13.252 8.312   1.00 15.47 ? 102 SER A N   1 
ATOM   802  C  CA  . SER A 1 102 ? -4.586  -11.828 8.610   1.00 14.98 ? 102 SER A CA  1 
ATOM   803  C  C   . SER A 1 102 ? -3.152  -11.316 8.548   1.00 14.17 ? 102 SER A C   1 
ATOM   804  O  O   . SER A 1 102 ? -2.191  -12.072 8.710   1.00 15.27 ? 102 SER A O   1 
ATOM   805  C  CB  A SER A 1 102 ? -5.242  -11.546 9.960   0.65 15.36 ? 102 SER A CB  1 
ATOM   806  C  CB  B SER A 1 102 ? -5.174  -11.556 9.998   0.35 15.18 ? 102 SER A CB  1 
ATOM   807  O  OG  A SER A 1 102 ? -6.641  -11.814 9.903   0.65 15.46 ? 102 SER A OG  1 
ATOM   808  O  OG  B SER A 1 102 ? -4.299  -11.985 11.036  0.35 15.29 ? 102 SER A OG  1 
ATOM   809  N  N   . PHE A 1 103 ? -3.024  -10.013 8.311   1.00 12.35 ? 103 PHE A N   1 
ATOM   810  C  CA  . PHE A 1 103 ? -1.733  -9.374  8.129   1.00 12.04 ? 103 PHE A CA  1 
ATOM   811  C  C   . PHE A 1 103 ? -1.740  -7.959  8.683   1.00 11.60 ? 103 PHE A C   1 
ATOM   812  O  O   . PHE A 1 103 ? -2.802  -7.346  8.879   1.00 10.82 ? 103 PHE A O   1 
ATOM   813  C  CB  . PHE A 1 103 ? -1.364  -9.315  6.637   1.00 11.85 ? 103 PHE A CB  1 
ATOM   814  C  CG  . PHE A 1 103 ? -2.341  -8.509  5.801   1.00 11.67 ? 103 PHE A CG  1 
ATOM   815  C  CD1 . PHE A 1 103 ? -2.301  -7.119  5.800   1.00 11.27 ? 103 PHE A CD1 1 
ATOM   816  C  CD2 . PHE A 1 103 ? -3.311  -9.137  5.034   1.00 10.47 ? 103 PHE A CD2 1 
ATOM   817  C  CE1 . PHE A 1 103 ? -3.208  -6.379  5.049   1.00 11.13 ? 103 PHE A CE1 1 
ATOM   818  C  CE2 . PHE A 1 103 ? -4.209  -8.396  4.280   1.00 11.31 ? 103 PHE A CE2 1 
ATOM   819  C  CZ  . PHE A 1 103 ? -4.165  -7.025  4.291   1.00 11.27 ? 103 PHE A CZ  1 
ATOM   820  N  N   . GLU A 1 104 ? -0.525  -7.439  8.891   1.00 11.67 ? 104 GLU A N   1 
ATOM   821  C  CA  . GLU A 1 104 ? -0.284  -6.021  9.127   1.00 11.88 ? 104 GLU A CA  1 
ATOM   822  C  C   . GLU A 1 104 ? 0.786   -5.567  8.147   1.00 11.54 ? 104 GLU A C   1 
ATOM   823  O  O   . GLU A 1 104 ? 1.864   -6.156  8.105   1.00 12.82 ? 104 GLU A O   1 
ATOM   824  C  CB  . GLU A 1 104 ? 0.220   -5.764  10.547  1.00 12.46 ? 104 GLU A CB  1 
ATOM   825  C  CG  . GLU A 1 104 ? 0.601   -4.314  10.784  1.00 14.60 ? 104 GLU A CG  1 
ATOM   826  C  CD  . GLU A 1 104 ? 1.386   -4.113  12.059  1.00 16.85 ? 104 GLU A CD  1 
ATOM   827  O  OE1 . GLU A 1 104 ? 2.518   -4.646  12.166  1.00 20.90 ? 104 GLU A OE1 1 
ATOM   828  O  OE2 . GLU A 1 104 ? 0.866   -3.407  12.938  1.00 21.76 ? 104 GLU A OE2 1 
ATOM   829  N  N   . ILE A 1 105 ? 0.485   -4.531  7.368   1.00 9.33  ? 105 ILE A N   1 
ATOM   830  C  CA  . ILE A 1 105 ? 1.450   -3.892  6.479   1.00 9.36  ? 105 ILE A CA  1 
ATOM   831  C  C   . ILE A 1 105 ? 1.862   -2.573  7.120   1.00 8.88  ? 105 ILE A C   1 
ATOM   832  O  O   . ILE A 1 105 ? 0.988   -1.759  7.483   1.00 9.46  ? 105 ILE A O   1 
ATOM   833  C  CB  . ILE A 1 105 ? 0.827   -3.573  5.102   1.00 9.23  ? 105 ILE A CB  1 
ATOM   834  C  CG1 . ILE A 1 105 ? 0.425   -4.863  4.396   1.00 9.86  ? 105 ILE A CG1 1 
ATOM   835  C  CG2 . ILE A 1 105 ? 1.807   -2.726  4.242   1.00 10.05 ? 105 ILE A CG2 1 
ATOM   836  C  CD1 . ILE A 1 105 ? -0.541  -4.646  3.208   1.00 10.40 ? 105 ILE A CD1 1 
ATOM   837  N  N   . VAL A 1 106 ? 3.169   -2.337  7.255   1.00 9.18  ? 106 VAL A N   1 
ATOM   838  C  CA  . VAL A 1 106 ? 3.675   -1.013  7.669   1.00 9.30  ? 106 VAL A CA  1 
ATOM   839  C  C   . VAL A 1 106 ? 4.564   -0.468  6.566   1.00 8.95  ? 106 VAL A C   1 
ATOM   840  O  O   . VAL A 1 106 ? 5.621   -1.048  6.263   1.00 8.78  ? 106 VAL A O   1 
ATOM   841  C  CB  . VAL A 1 106 ? 4.446   -1.052  9.008   1.00 9.18  ? 106 VAL A CB  1 
ATOM   842  C  CG1 . VAL A 1 106 ? 4.897   0.352   9.404   1.00 9.70  ? 106 VAL A CG1 1 
ATOM   843  C  CG2 . VAL A 1 106 ? 3.558   -1.668  10.111  1.00 10.03 ? 106 VAL A CG2 1 
ATOM   844  N  N   . ILE A 1 107 ? 4.106   0.609   5.921   1.00 8.44  ? 107 ILE A N   1 
ATOM   845  C  CA  . ILE A 1 107 ? 4.900   1.299   4.918   1.00 8.20  ? 107 ILE A CA  1 
ATOM   846  C  C   . ILE A 1 107 ? 5.556   2.488   5.584   1.00 8.48  ? 107 ILE A C   1 
ATOM   847  O  O   . ILE A 1 107 ? 4.866   3.343   6.126   1.00 8.87  ? 107 ILE A O   1 
ATOM   848  C  CB  . ILE A 1 107 ? 4.033   1.810   3.752   1.00 7.97  ? 107 ILE A CB  1 
ATOM   849  C  CG1 . ILE A 1 107 ? 3.335   0.641   3.039   1.00 8.91  ? 107 ILE A CG1 1 
ATOM   850  C  CG2 . ILE A 1 107 ? 4.893   2.613   2.767   1.00 8.29  ? 107 ILE A CG2 1 
ATOM   851  C  CD1 . ILE A 1 107 ? 2.212   1.084   2.096   1.00 10.48 ? 107 ILE A CD1 1 
ATOM   852  N  N   . MET A 1 108 ? 6.892   2.536   5.558   1.00 8.65  ? 108 MET A N   1 
ATOM   853  C  CA  . MET A 1 108 ? 7.624   3.676   6.082   1.00 8.99  ? 108 MET A CA  1 
ATOM   854  C  C   . MET A 1 108 ? 8.201   4.465   4.915   1.00 9.38  ? 108 MET A C   1 
ATOM   855  O  O   . MET A 1 108 ? 8.867   3.896   4.046   1.00 9.80  ? 108 MET A O   1 
ATOM   856  C  CB  . MET A 1 108 ? 8.754   3.246   7.023   1.00 8.60  ? 108 MET A CB  1 
ATOM   857  C  CG  . MET A 1 108 ? 9.547   4.431   7.578   1.00 8.60  ? 108 MET A CG  1 
ATOM   858  S  SD  . MET A 1 108 ? 10.738  4.018   8.856   1.00 10.14 ? 108 MET A SD  1 
ATOM   859  C  CE  . MET A 1 108 ? 11.770  2.853   7.944   1.00 10.28 ? 108 MET A CE  1 
ATOM   860  N  N   . VAL A 1 109 ? 7.940   5.768   4.893   1.00 9.66  ? 109 VAL A N   1 
ATOM   861  C  CA  . VAL A 1 109 ? 8.496   6.650   3.875   1.00 11.34 ? 109 VAL A CA  1 
ATOM   862  C  C   . VAL A 1 109 ? 9.876   7.105   4.335   1.00 12.39 ? 109 VAL A C   1 
ATOM   863  O  O   . VAL A 1 109 ? 10.011  7.661   5.420   1.00 14.38 ? 109 VAL A O   1 
ATOM   864  C  CB  . VAL A 1 109 ? 7.600   7.871   3.644   1.00 11.88 ? 109 VAL A CB  1 
ATOM   865  C  CG1 . VAL A 1 109 ? 8.137   8.691   2.447   1.00 14.06 ? 109 VAL A CG1 1 
ATOM   866  C  CG2 . VAL A 1 109 ? 6.158   7.457   3.429   1.00 13.32 ? 109 VAL A CG2 1 
ATOM   867  N  N   . LEU A 1 110 ? 10.898  6.844   3.527   1.00 12.22 ? 110 LEU A N   1 
ATOM   868  C  CA  . LEU A 1 110 ? 12.250  7.382   3.759   1.00 12.97 ? 110 LEU A CA  1 
ATOM   869  C  C   . LEU A 1 110 ? 12.580  8.365   2.640   1.00 13.42 ? 110 LEU A C   1 
ATOM   870  O  O   . LEU A 1 110 ? 11.791  8.567   1.720   1.00 13.81 ? 110 LEU A O   1 
ATOM   871  C  CB  . LEU A 1 110 ? 13.278  6.259   3.824   1.00 12.61 ? 110 LEU A CB  1 
ATOM   872  C  CG  . LEU A 1 110 ? 13.068  5.202   4.916   1.00 12.71 ? 110 LEU A CG  1 
ATOM   873  C  CD1 . LEU A 1 110 ? 13.998  4.007   4.703   1.00 14.32 ? 110 LEU A CD1 1 
ATOM   874  C  CD2 . LEU A 1 110 ? 13.241  5.838   6.309   1.00 15.59 ? 110 LEU A CD2 1 
ATOM   875  N  N   . LYS A 1 111 ? 13.742  8.997   2.732   1.00 13.95 ? 111 LYS A N   1 
ATOM   876  C  CA  . LYS A 1 111 ? 14.103  10.051  1.795   1.00 14.91 ? 111 LYS A CA  1 
ATOM   877  C  C   . LYS A 1 111 ? 14.128  9.585   0.338   1.00 14.17 ? 111 LYS A C   1 
ATOM   878  O  O   . LYS A 1 111 ? 13.595  10.291  -0.541  1.00 14.02 ? 111 LYS A O   1 
ATOM   879  C  CB  . LYS A 1 111 ? 15.451  10.670  2.192   1.00 15.70 ? 111 LYS A CB  1 
ATOM   880  C  CG  . LYS A 1 111 ? 15.910  11.824  1.296   1.00 18.23 ? 111 LYS A CG  1 
ATOM   881  C  CD  . LYS A 1 111 ? 14.978  13.006  1.327   1.00 20.90 ? 111 LYS A CD  1 
ATOM   882  C  CE  . LYS A 1 111 ? 15.386  14.062  0.293   1.00 23.93 ? 111 LYS A CE  1 
ATOM   883  N  NZ  . LYS A 1 111 ? 14.325  15.083  0.150   1.00 25.21 ? 111 LYS A NZ  1 
ATOM   884  N  N   . ASP A 1 112 ? 14.748  8.430   0.089   1.00 14.39 ? 112 ASP A N   1 
ATOM   885  C  CA  . ASP A 1 112 ? 14.962  7.937   -1.276  1.00 14.71 ? 112 ASP A CA  1 
ATOM   886  C  C   . ASP A 1 112 ? 14.110  6.727   -1.636  1.00 13.64 ? 112 ASP A C   1 
ATOM   887  O  O   . ASP A 1 112 ? 14.112  6.304   -2.797  1.00 13.51 ? 112 ASP A O   1 
ATOM   888  C  CB  . ASP A 1 112 ? 16.439  7.581   -1.499  1.00 15.47 ? 112 ASP A CB  1 
ATOM   889  C  CG  . ASP A 1 112 ? 17.344  8.801   -1.574  1.00 19.06 ? 112 ASP A CG  1 
ATOM   890  O  OD1 . ASP A 1 112 ? 16.852  9.940   -1.719  1.00 22.67 ? 112 ASP A OD1 1 
ATOM   891  O  OD2 . ASP A 1 112 ? 18.577  8.604   -1.506  1.00 26.22 ? 112 ASP A OD2 1 
ATOM   892  N  N   . LYS A 1 113 ? 13.395  6.154   -0.659  1.00 12.59 ? 113 LYS A N   1 
ATOM   893  C  CA  . LYS A 1 113 ? 12.659  4.898   -0.879  1.00 11.65 ? 113 LYS A CA  1 
ATOM   894  C  C   . LYS A 1 113 ? 11.538  4.734   0.146   1.00 10.36 ? 113 LYS A C   1 
ATOM   895  O  O   . LYS A 1 113 ? 11.484  5.459   1.143   1.00 10.38 ? 113 LYS A O   1 
ATOM   896  C  CB  . LYS A 1 113 ? 13.606  3.697   -0.781  1.00 12.50 ? 113 LYS A CB  1 
ATOM   897  C  CG  . LYS A 1 113 ? 14.209  3.513   0.618   1.00 13.01 ? 113 LYS A CG  1 
ATOM   898  C  CD  . LYS A 1 113 ? 15.408  2.583   0.621   1.00 16.79 ? 113 LYS A CD  1 
ATOM   899  C  CE  . LYS A 1 113 ? 16.656  3.281   0.130   1.00 20.56 ? 113 LYS A CE  1 
ATOM   900  N  NZ  . LYS A 1 113 ? 17.906  2.535   0.477   1.00 25.06 ? 113 LYS A NZ  1 
ATOM   901  N  N   . PHE A 1 114 ? 10.628  3.810   -0.149  1.00 9.22  ? 114 PHE A N   1 
ATOM   902  C  CA  . PHE A 1 114 ? 9.737   3.223   0.846   1.00 8.89  ? 114 PHE A CA  1 
ATOM   903  C  C   . PHE A 1 114 ? 10.375  1.964   1.379   1.00 9.16  ? 114 PHE A C   1 
ATOM   904  O  O   . PHE A 1 114 ? 11.061  1.239   0.638   1.00 8.82  ? 114 PHE A O   1 
ATOM   905  C  CB  . PHE A 1 114 ? 8.390   2.843   0.245   1.00 9.59  ? 114 PHE A CB  1 
ATOM   906  C  CG  . PHE A 1 114 ? 7.657   3.978   -0.401  1.00 8.69  ? 114 PHE A CG  1 
ATOM   907  C  CD1 . PHE A 1 114 ? 6.842   4.822   0.349   1.00 10.14 ? 114 PHE A CD1 1 
ATOM   908  C  CD2 . PHE A 1 114 ? 7.744   4.192   -1.770  1.00 9.31  ? 114 PHE A CD2 1 
ATOM   909  C  CE1 . PHE A 1 114 ? 6.159   5.863   -0.240  1.00 11.28 ? 114 PHE A CE1 1 
ATOM   910  C  CE2 . PHE A 1 114 ? 7.073   5.233   -2.351  1.00 10.21 ? 114 PHE A CE2 1 
ATOM   911  C  CZ  . PHE A 1 114 ? 6.275   6.077   -1.583  1.00 11.15 ? 114 PHE A CZ  1 
ATOM   912  N  N   . GLN A 1 115 ? 10.135  1.688   2.652   1.00 8.85  ? 115 GLN A N   1 
ATOM   913  C  CA  . GLN A 1 115 ? 10.455  0.400   3.245   1.00 8.60  ? 115 GLN A CA  1 
ATOM   914  C  C   . GLN A 1 115 ? 9.152   -0.197  3.747   1.00 8.53  ? 115 GLN A C   1 
ATOM   915  O  O   . GLN A 1 115 ? 8.335   0.507   4.341   1.00 8.99  ? 115 GLN A O   1 
ATOM   916  C  CB  . GLN A 1 115 ? 11.487  0.536   4.375   1.00 8.90  ? 115 GLN A CB  1 
ATOM   917  C  CG  . GLN A 1 115 ? 11.844  -0.784  5.052   1.00 9.32  ? 115 GLN A CG  1 
ATOM   918  C  CD  . GLN A 1 115 ? 11.017  -1.105  6.286   1.00 7.51  ? 115 GLN A CD  1 
ATOM   919  O  OE1 . GLN A 1 115 ? 10.445  -0.203  6.926   1.00 9.55  ? 115 GLN A OE1 1 
ATOM   920  N  NE2 . GLN A 1 115 ? 10.995  -2.392  6.661   1.00 9.49  ? 115 GLN A NE2 1 
ATOM   921  N  N   . VAL A 1 116 ? 8.937   -1.477  3.465   1.00 8.06  ? 116 VAL A N   1 
ATOM   922  C  CA  . VAL A 1 116 ? 7.710   -2.151  3.880   1.00 8.74  ? 116 VAL A CA  1 
ATOM   923  C  C   . VAL A 1 116 ? 8.034   -3.372  4.742   1.00 8.74  ? 116 VAL A C   1 
ATOM   924  O  O   . VAL A 1 116 ? 8.862   -4.225  4.369   1.00 8.98  ? 116 VAL A O   1 
ATOM   925  C  CB  . VAL A 1 116 ? 6.850   -2.594  2.667   1.00 8.34  ? 116 VAL A CB  1 
ATOM   926  C  CG1 . VAL A 1 116 ? 5.514   -3.159  3.153   1.00 9.24  ? 116 VAL A CG1 1 
ATOM   927  C  CG2 . VAL A 1 116 ? 6.629   -1.417  1.711   1.00 8.18  ? 116 VAL A CG2 1 
ATOM   928  N  N   . ALA A 1 117 ? 7.375   -3.433  5.900   1.00 9.27  ? 117 ALA A N   1 
ATOM   929  C  CA  . ALA A 1 117 ? 7.413   -4.579  6.783   1.00 10.17 ? 117 ALA A CA  1 
ATOM   930  C  C   . ALA A 1 117 ? 6.024   -5.173  6.848   1.00 10.75 ? 117 ALA A C   1 
ATOM   931  O  O   . ALA A 1 117 ? 5.035   -4.432  6.877   1.00 12.72 ? 117 ALA A O   1 
ATOM   932  C  CB  . ALA A 1 117 ? 7.875   -4.182  8.179   1.00 10.45 ? 117 ALA A CB  1 
ATOM   933  N  N   . VAL A 1 118 ? 5.940   -6.497  6.812   1.00 11.69 ? 118 VAL A N   1 
ATOM   934  C  CA  . VAL A 1 118 ? 4.671   -7.187  6.917   1.00 11.83 ? 118 VAL A CA  1 
ATOM   935  C  C   . VAL A 1 118 ? 4.765   -8.146  8.096   1.00 12.80 ? 118 VAL A C   1 
ATOM   936  O  O   . VAL A 1 118 ? 5.744   -8.882  8.222   1.00 12.53 ? 118 VAL A O   1 
ATOM   937  C  CB  . VAL A 1 118 ? 4.324   -7.969  5.634   1.00 11.54 ? 118 VAL A CB  1 
ATOM   938  C  CG1 . VAL A 1 118 ? 2.949   -8.644  5.772   1.00 13.29 ? 118 VAL A CG1 1 
ATOM   939  C  CG2 . VAL A 1 118 ? 4.337   -7.043  4.428   1.00 12.03 ? 118 VAL A CG2 1 
ATOM   940  N  N   . ASN A 1 119 ? 3.765   -8.102  8.967   1.00 13.22 ? 119 ASN A N   1 
ATOM   941  C  CA  . ASN A 1 119 ? 3.725   -8.992  10.133  1.00 14.54 ? 119 ASN A CA  1 
ATOM   942  C  C   . ASN A 1 119 ? 5.000   -8.875  10.967  1.00 15.33 ? 119 ASN A C   1 
ATOM   943  O  O   . ASN A 1 119 ? 5.509   -9.871  11.489  1.00 16.33 ? 119 ASN A O   1 
ATOM   944  C  CB  . ASN A 1 119 ? 3.462   -10.440 9.694   1.00 14.68 ? 119 ASN A CB  1 
ATOM   945  C  CG  . ASN A 1 119 ? 2.156   -10.589 8.932   1.00 14.56 ? 119 ASN A CG  1 
ATOM   946  O  OD1 . ASN A 1 119 ? 1.247   -9.766  9.105   1.00 16.94 ? 119 ASN A OD1 1 
ATOM   947  N  ND2 . ASN A 1 119 ? 2.046   -11.633 8.105   1.00 16.57 ? 119 ASN A ND2 1 
ATOM   948  N  N   . GLY A 1 120 ? 5.501   -7.648  11.089  1.00 15.65 ? 120 GLY A N   1 
ATOM   949  C  CA  . GLY A 1 120 ? 6.647   -7.338  11.933  1.00 16.35 ? 120 GLY A CA  1 
ATOM   950  C  C   . GLY A 1 120 ? 7.998   -7.725  11.364  1.00 16.28 ? 120 GLY A C   1 
ATOM   951  O  O   . GLY A 1 120 ? 9.001   -7.706  12.090  1.00 18.86 ? 120 GLY A O   1 
ATOM   952  N  N   . LYS A 1 121 ? 8.047   -8.072  10.081  1.00 14.53 ? 121 LYS A N   1 
ATOM   953  C  CA  . LYS A 1 121 ? 9.293   -8.463  9.431   1.00 13.96 ? 121 LYS A CA  1 
ATOM   954  C  C   . LYS A 1 121 ? 9.538   -7.627  8.187   1.00 12.66 ? 121 LYS A C   1 
ATOM   955  O  O   . LYS A 1 121 ? 8.645   -7.467  7.353   1.00 12.16 ? 121 LYS A O   1 
ATOM   956  C  CB  . LYS A 1 121 ? 9.255   -9.950  9.069   1.00 15.00 ? 121 LYS A CB  1 
ATOM   957  C  CG  . LYS A 1 121 ? 10.497  -10.482 8.365   1.00 18.14 ? 121 LYS A CG  1 
ATOM   958  C  CD  . LYS A 1 121 ? 10.399  -11.980 8.112   1.00 23.34 ? 121 LYS A CD  1 
ATOM   959  C  CE  . LYS A 1 121 ? 11.499  -12.456 7.173   1.00 25.59 ? 121 LYS A CE  1 
ATOM   960  N  NZ  . LYS A 1 121 ? 11.391  -11.845 5.808   1.00 28.64 ? 121 LYS A NZ  1 
ATOM   961  N  N   . HIS A 1 122 ? 10.774  -7.160  8.025   1.00 11.49 ? 122 HIS A N   1 
ATOM   962  C  CA  . HIS A 1 122 ? 11.165  -6.433  6.824   1.00 11.28 ? 122 HIS A CA  1 
ATOM   963  C  C   . HIS A 1 122 ? 10.889  -7.272  5.563   1.00 11.58 ? 122 HIS A C   1 
ATOM   964  O  O   . HIS A 1 122 ? 11.291  -8.445  5.483   1.00 13.16 ? 122 HIS A O   1 
ATOM   965  C  CB  . HIS A 1 122 ? 12.654  -6.070  6.878   1.00 11.27 ? 122 HIS A CB  1 
ATOM   966  C  CG  . HIS A 1 122 ? 13.153  -5.489  5.601   1.00 12.06 ? 122 HIS A CG  1 
ATOM   967  N  ND1 . HIS A 1 122 ? 12.635  -4.327  5.066   1.00 11.77 ? 122 HIS A ND1 1 
ATOM   968  C  CD2 . HIS A 1 122 ? 14.065  -5.944  4.707   1.00 14.01 ? 122 HIS A CD2 1 
ATOM   969  C  CE1 . HIS A 1 122 ? 13.224  -4.081  3.911   1.00 12.80 ? 122 HIS A CE1 1 
ATOM   970  N  NE2 . HIS A 1 122 ? 14.101  -5.041  3.674   1.00 13.98 ? 122 HIS A NE2 1 
ATOM   971  N  N   . THR A 1 123 ? 10.219  -6.674  4.574   1.00 10.33 ? 123 THR A N   1 
ATOM   972  C  CA  . THR A 1 123 ? 9.781   -7.397  3.384   1.00 10.48 ? 123 THR A CA  1 
ATOM   973  C  C   . THR A 1 123 ? 10.411  -6.882  2.087   1.00 10.53 ? 123 THR A C   1 
ATOM   974  O  O   . THR A 1 123 ? 10.903  -7.678  1.279   1.00 11.63 ? 123 THR A O   1 
ATOM   975  C  CB  . THR A 1 123 ? 8.249   -7.352  3.303   1.00 10.46 ? 123 THR A CB  1 
ATOM   976  O  OG1 . THR A 1 123 ? 7.717   -8.015  4.466   1.00 12.91 ? 123 THR A OG1 1 
ATOM   977  C  CG2 . THR A 1 123 ? 7.717   -8.062  2.054   1.00 11.01 ? 123 THR A CG2 1 
ATOM   978  N  N   . LEU A 1 124 ? 10.378  -5.573  1.867   1.00 9.77  ? 124 LEU A N   1 
ATOM   979  C  CA  . LEU A 1 124 ? 10.974  -5.017  0.649   1.00 9.67  ? 124 LEU A CA  1 
ATOM   980  C  C   . LEU A 1 124 ? 11.258  -3.538  0.771   1.00 9.60  ? 124 LEU A C   1 
ATOM   981  O  O   . LEU A 1 124 ? 10.755  -2.856  1.677   1.00 9.11  ? 124 LEU A O   1 
ATOM   982  C  CB  . LEU A 1 124 ? 10.081  -5.292  -0.582  1.00 10.01 ? 124 LEU A CB  1 
ATOM   983  C  CG  . LEU A 1 124 ? 8.638   -4.760  -0.571  1.00 10.31 ? 124 LEU A CG  1 
ATOM   984  C  CD1 . LEU A 1 124 ? 8.604   -3.293  -0.994  1.00 11.46 ? 124 LEU A CD1 1 
ATOM   985  C  CD2 . LEU A 1 124 ? 7.766   -5.586  -1.517  1.00 10.75 ? 124 LEU A CD2 1 
ATOM   986  N  N   . LEU A 1 125 ? 12.103  -3.070  -0.141  1.00 10.24 ? 125 LEU A N   1 
ATOM   987  C  CA  . LEU A 1 125 ? 12.341  -1.670  -0.403  1.00 10.02 ? 125 LEU A CA  1 
ATOM   988  C  C   . LEU A 1 125 ? 11.822  -1.319  -1.791  1.00 10.47 ? 125 LEU A C   1 
ATOM   989  O  O   . LEU A 1 125 ? 11.783  -2.183  -2.684  1.00 11.37 ? 125 LEU A O   1 
ATOM   990  C  CB  . LEU A 1 125 ? 13.836  -1.346  -0.353  1.00 10.27 ? 125 LEU A CB  1 
ATOM   991  C  CG  . LEU A 1 125 ? 14.570  -1.661  0.950   1.00 11.00 ? 125 LEU A CG  1 
ATOM   992  C  CD1 . LEU A 1 125 ? 16.089  -1.402  0.761   1.00 13.09 ? 125 LEU A CD1 1 
ATOM   993  C  CD2 . LEU A 1 125 ? 14.006  -0.873  2.123   1.00 11.46 ? 125 LEU A CD2 1 
ATOM   994  N  N   . TYR A 1 126 ? 11.433  -0.066  -1.974  1.00 10.12 ? 126 TYR A N   1 
ATOM   995  C  CA  . TYR A 1 126 ? 11.049  0.445   -3.290  1.00 9.72  ? 126 TYR A CA  1 
ATOM   996  C  C   . TYR A 1 126 ? 11.520  1.885   -3.444  1.00 9.22  ? 126 TYR A C   1 
ATOM   997  O  O   . TYR A 1 126 ? 11.016  2.792   -2.778  1.00 9.83  ? 126 TYR A O   1 
ATOM   998  C  CB  . TYR A 1 126 ? 9.534   0.349   -3.495  1.00 9.66  ? 126 TYR A CB  1 
ATOM   999  C  CG  . TYR A 1 126 ? 9.084   0.656   -4.912  1.00 10.05 ? 126 TYR A CG  1 
ATOM   1000 C  CD1 . TYR A 1 126 ? 9.109   -0.326  -5.887  1.00 9.66  ? 126 TYR A CD1 1 
ATOM   1001 C  CD2 . TYR A 1 126 ? 8.644   1.925   -5.264  1.00 10.70 ? 126 TYR A CD2 1 
ATOM   1002 C  CE1 . TYR A 1 126 ? 8.689   -0.071  -7.173  1.00 10.08 ? 126 TYR A CE1 1 
ATOM   1003 C  CE2 . TYR A 1 126 ? 8.238   2.200   -6.553  1.00 10.91 ? 126 TYR A CE2 1 
ATOM   1004 C  CZ  . TYR A 1 126 ? 8.258   1.188   -7.497  1.00 9.39  ? 126 TYR A CZ  1 
ATOM   1005 O  OH  . TYR A 1 126 ? 7.839   1.458   -8.774  1.00 10.79 ? 126 TYR A OH  1 
ATOM   1006 N  N   . GLY A 1 127 ? 12.491  2.103   -4.323  1.00 9.72  ? 127 GLY A N   1 
ATOM   1007 C  CA  . GLY A 1 127 ? 12.990  3.439   -4.571  1.00 9.56  ? 127 GLY A CA  1 
ATOM   1008 C  C   . GLY A 1 127 ? 11.952  4.373   -5.162  1.00 9.69  ? 127 GLY A C   1 
ATOM   1009 O  O   . GLY A 1 127 ? 11.158  3.969   -6.025  1.00 10.94 ? 127 GLY A O   1 
ATOM   1010 N  N   . HIS A 1 128 ? 11.918  5.628   -4.695  1.00 10.21 ? 128 HIS A N   1 
ATOM   1011 C  CA  . HIS A 1 128 ? 10.963  6.599   -5.248  1.00 10.43 ? 128 HIS A CA  1 
ATOM   1012 C  C   . HIS A 1 128 ? 11.226  6.837   -6.729  1.00 10.83 ? 128 HIS A C   1 
ATOM   1013 O  O   . HIS A 1 128 ? 12.383  7.016   -7.132  1.00 11.96 ? 128 HIS A O   1 
ATOM   1014 C  CB  . HIS A 1 128 ? 11.042  7.956   -4.552  1.00 10.43 ? 128 HIS A CB  1 
ATOM   1015 C  CG  . HIS A 1 128 ? 10.726  7.909   -3.095  1.00 10.59 ? 128 HIS A CG  1 
ATOM   1016 N  ND1 . HIS A 1 128 ? 9.592   7.304   -2.607  1.00 10.72 ? 128 HIS A ND1 1 
ATOM   1017 C  CD2 . HIS A 1 128 ? 11.391  8.390   -2.019  1.00 10.70 ? 128 HIS A CD2 1 
ATOM   1018 C  CE1 . HIS A 1 128 ? 9.576   7.403   -1.289  1.00 12.28 ? 128 HIS A CE1 1 
ATOM   1019 N  NE2 . HIS A 1 128 ? 10.652  8.067   -0.905  1.00 11.88 ? 128 HIS A NE2 1 
ATOM   1020 N  N   . ARG A 1 129 ? 10.147  6.822   -7.503  1.00 11.27 ? 129 ARG A N   1 
ATOM   1021 C  CA  . ARG A 1 129 ? 10.160  7.205   -8.913  1.00 11.91 ? 129 ARG A CA  1 
ATOM   1022 C  C   . ARG A 1 129 ? 9.341   8.472   -9.176  1.00 12.66 ? 129 ARG A C   1 
ATOM   1023 O  O   . ARG A 1 129 ? 9.540   9.131   -10.210 1.00 13.91 ? 129 ARG A O   1 
ATOM   1024 C  CB  . ARG A 1 129 ? 9.610   6.060   -9.752  1.00 11.59 ? 129 ARG A CB  1 
ATOM   1025 C  CG  . ARG A 1 129 ? 10.401  4.773   -9.636  1.00 11.72 ? 129 ARG A CG  1 
ATOM   1026 C  CD  . ARG A 1 129 ? 9.904   3.770   -10.647 1.00 11.73 ? 129 ARG A CD  1 
ATOM   1027 N  NE  . ARG A 1 129 ? 10.343  2.418   -10.369 1.00 11.42 ? 129 ARG A NE  1 
ATOM   1028 C  CZ  . ARG A 1 129 ? 9.889   1.336   -10.997 1.00 10.59 ? 129 ARG A CZ  1 
ATOM   1029 N  NH1 . ARG A 1 129 ? 8.992   1.434   -11.980 1.00 11.78 ? 129 ARG A NH1 1 
ATOM   1030 N  NH2 . ARG A 1 129 ? 10.331  0.148   -10.627 1.00 12.02 ? 129 ARG A NH2 1 
ATOM   1031 N  N   . ILE A 1 130 ? 8.387   8.762   -8.288  1.00 13.65 ? 130 ILE A N   1 
ATOM   1032 C  CA  . ILE A 1 130 ? 7.643   10.029  -8.223  1.00 14.11 ? 130 ILE A CA  1 
ATOM   1033 C  C   . ILE A 1 130 ? 7.949   10.604  -6.842  1.00 14.37 ? 130 ILE A C   1 
ATOM   1034 O  O   . ILE A 1 130 ? 8.080   9.845   -5.878  1.00 15.07 ? 130 ILE A O   1 
ATOM   1035 C  CB  . ILE A 1 130 ? 6.109   9.808   -8.347  1.00 14.40 ? 130 ILE A CB  1 
ATOM   1036 C  CG1 . ILE A 1 130 ? 5.739   9.161   -9.678  1.00 14.67 ? 130 ILE A CG1 1 
ATOM   1037 C  CG2 . ILE A 1 130 ? 5.338   11.108  -8.203  1.00 14.70 ? 130 ILE A CG2 1 
ATOM   1038 C  CD1 . ILE A 1 130 ? 4.235   9.007   -9.876  1.00 15.41 ? 130 ILE A CD1 1 
ATOM   1039 N  N   . GLY A 1 131 ? 8.087   11.924  -6.726  1.00 14.09 ? 131 GLY A N   1 
ATOM   1040 C  CA  . GLY A 1 131 ? 8.328   12.532  -5.424  1.00 14.46 ? 131 GLY A CA  1 
ATOM   1041 C  C   . GLY A 1 131 ? 7.183   12.222  -4.484  1.00 13.73 ? 131 GLY A C   1 
ATOM   1042 O  O   . GLY A 1 131 ? 6.025   12.355  -4.874  1.00 13.85 ? 131 GLY A O   1 
ATOM   1043 N  N   . PRO A 1 132 ? 7.484   11.791  -3.241  1.00 14.59 ? 132 PRO A N   1 
ATOM   1044 C  CA  . PRO A 1 132 ? 6.387   11.447  -2.334  1.00 14.44 ? 132 PRO A CA  1 
ATOM   1045 C  C   . PRO A 1 132 ? 5.526   12.636  -1.935  1.00 14.72 ? 132 PRO A C   1 
ATOM   1046 O  O   . PRO A 1 132 ? 4.404   12.451  -1.454  1.00 14.28 ? 132 PRO A O   1 
ATOM   1047 C  CB  . PRO A 1 132 ? 7.092   10.829  -1.117  1.00 15.04 ? 132 PRO A CB  1 
ATOM   1048 C  CG  . PRO A 1 132 ? 8.501   11.116  -1.262  1.00 16.11 ? 132 PRO A CG  1 
ATOM   1049 C  CD  . PRO A 1 132 ? 8.796   11.493  -2.655  1.00 14.74 ? 132 PRO A CD  1 
ATOM   1050 N  N   . GLU A 1 133 ? 6.044   13.844  -2.133  1.00 14.45 ? 133 GLU A N   1 
ATOM   1051 C  CA  . GLU A 1 133 ? 5.247   15.059  -1.969  1.00 14.55 ? 133 GLU A CA  1 
ATOM   1052 C  C   . GLU A 1 133 ? 4.009   15.115  -2.880  1.00 14.22 ? 133 GLU A C   1 
ATOM   1053 O  O   . GLU A 1 133 ? 3.068   15.856  -2.592  1.00 15.50 ? 133 GLU A O   1 
ATOM   1054 C  CB  . GLU A 1 133 ? 6.113   16.310  -2.185  1.00 14.61 ? 133 GLU A CB  1 
ATOM   1055 C  CG  . GLU A 1 133 ? 6.622   16.502  -3.609  1.00 15.64 ? 133 GLU A CG  1 
ATOM   1056 C  CD  . GLU A 1 133 ? 7.837   15.649  -3.972  1.00 16.23 ? 133 GLU A CD  1 
ATOM   1057 O  OE1 . GLU A 1 133 ? 8.416   14.949  -3.106  1.00 17.51 ? 133 GLU A OE1 1 
ATOM   1058 O  OE2 . GLU A 1 133 ? 8.225   15.683  -5.160  1.00 16.99 ? 133 GLU A OE2 1 
ATOM   1059 N  N   . LYS A 1 134 ? 4.008   14.347  -3.972  1.00 13.94 ? 134 LYS A N   1 
ATOM   1060 C  CA  . LYS A 1 134 ? 2.879   14.310  -4.904  1.00 14.33 ? 134 LYS A CA  1 
ATOM   1061 C  C   . LYS A 1 134 ? 1.778   13.362  -4.443  1.00 12.98 ? 134 LYS A C   1 
ATOM   1062 O  O   . LYS A 1 134 ? 0.693   13.328  -5.040  1.00 14.21 ? 134 LYS A O   1 
ATOM   1063 C  CB  . LYS A 1 134 ? 3.344   13.880  -6.301  1.00 14.43 ? 134 LYS A CB  1 
ATOM   1064 C  CG  . LYS A 1 134 ? 4.186   14.936  -7.048  1.00 17.49 ? 134 LYS A CG  1 
ATOM   1065 C  CD  . LYS A 1 134 ? 3.325   16.083  -7.577  1.00 19.98 ? 134 LYS A CD  1 
ATOM   1066 C  CE  . LYS A 1 134 ? 4.181   17.272  -8.081  1.00 21.69 ? 134 LYS A CE  1 
ATOM   1067 N  NZ  . LYS A 1 134 ? 5.228   16.843  -9.057  1.00 24.40 ? 134 LYS A NZ  1 
ATOM   1068 N  N   . ILE A 1 135 ? 2.047   12.576  -3.400  1.00 12.63 ? 135 ILE A N   1 
ATOM   1069 C  CA  . ILE A 1 135 ? 1.098   11.570  -2.940  1.00 12.17 ? 135 ILE A CA  1 
ATOM   1070 C  C   . ILE A 1 135 ? 0.120   12.193  -1.943  1.00 12.11 ? 135 ILE A C   1 
ATOM   1071 O  O   . ILE A 1 135 ? 0.534   12.722  -0.909  1.00 13.57 ? 135 ILE A O   1 
ATOM   1072 C  CB  . ILE A 1 135 ? 1.817   10.401  -2.230  1.00 11.63 ? 135 ILE A CB  1 
ATOM   1073 C  CG1 . ILE A 1 135 ? 2.782   9.688   -3.187  1.00 11.46 ? 135 ILE A CG1 1 
ATOM   1074 C  CG2 . ILE A 1 135 ? 0.779   9.431   -1.626  1.00 11.50 ? 135 ILE A CG2 1 
ATOM   1075 C  CD1 . ILE A 1 135 ? 3.766   8.742   -2.473  1.00 12.08 ? 135 ILE A CD1 1 
ATOM   1076 N  N   . ASP A 1 136 ? -1.169  12.106  -2.241  1.00 11.87 ? 136 ASP A N   1 
ATOM   1077 C  CA  . ASP A 1 136 ? -2.203  12.600  -1.318  1.00 12.21 ? 136 ASP A CA  1 
ATOM   1078 C  C   . ASP A 1 136 ? -3.403  11.666  -1.170  1.00 12.08 ? 136 ASP A C   1 
ATOM   1079 O  O   . ASP A 1 136 ? -4.387  12.023  -0.504  1.00 12.18 ? 136 ASP A O   1 
ATOM   1080 C  CB  . ASP A 1 136 ? -2.665  13.995  -1.745  1.00 12.89 ? 136 ASP A CB  1 
ATOM   1081 C  CG  . ASP A 1 136 ? -3.361  13.996  -3.097  1.00 14.27 ? 136 ASP A CG  1 
ATOM   1082 O  OD1 . ASP A 1 136 ? -3.630  12.914  -3.670  1.00 13.71 ? 136 ASP A OD1 1 
ATOM   1083 O  OD2 . ASP A 1 136 ? -3.660  15.112  -3.616  1.00 18.56 ? 136 ASP A OD2 1 
ATOM   1084 N  N   . THR A 1 137 ? -3.326  10.475  -1.768  1.00 11.58 ? 137 THR A N   1 
ATOM   1085 C  CA  . THR A 1 137 ? -4.447  9.561   -1.815  1.00 11.38 ? 137 THR A CA  1 
ATOM   1086 C  C   . THR A 1 137 ? -3.976  8.117   -1.642  1.00 11.43 ? 137 THR A C   1 
ATOM   1087 O  O   . THR A 1 137 ? -2.969  7.699   -2.213  1.00 11.28 ? 137 THR A O   1 
ATOM   1088 C  CB  . THR A 1 137 ? -5.246  9.716   -3.127  1.00 11.52 ? 137 THR A CB  1 
ATOM   1089 O  OG1 . THR A 1 137 ? -5.708  11.068  -3.269  1.00 11.75 ? 137 THR A OG1 1 
ATOM   1090 C  CG2 . THR A 1 137 ? -6.440  8.771   -3.150  1.00 11.42 ? 137 THR A CG2 1 
ATOM   1091 N  N   . LEU A 1 138 ? -4.720  7.370   -0.832  1.00 11.05 ? 138 LEU A N   1 
ATOM   1092 C  CA  . LEU A 1 138 ? -4.491  5.955   -0.603  1.00 10.77 ? 138 LEU A CA  1 
ATOM   1093 C  C   . LEU A 1 138 ? -5.609  5.190   -1.273  1.00 11.03 ? 138 LEU A C   1 
ATOM   1094 O  O   . LEU A 1 138 ? -6.784  5.405   -0.954  1.00 11.08 ? 138 LEU A O   1 
ATOM   1095 C  CB  . LEU A 1 138 ? -4.475  5.658   0.898   1.00 10.51 ? 138 LEU A CB  1 
ATOM   1096 C  CG  . LEU A 1 138 ? -4.442  4.193   1.325   1.00 10.95 ? 138 LEU A CG  1 
ATOM   1097 C  CD1 . LEU A 1 138 ? -3.231  3.466   0.766   1.00 11.64 ? 138 LEU A CD1 1 
ATOM   1098 C  CD2 . LEU A 1 138 ? -4.491  4.093   2.857   1.00 12.52 ? 138 LEU A CD2 1 
ATOM   1099 N  N   . GLY A 1 139 ? -5.252  4.290   -2.185  1.00 11.01 ? 139 GLY A N   1 
ATOM   1100 C  CA  . GLY A 1 139 ? -6.216  3.401   -2.825  1.00 11.02 ? 139 GLY A CA  1 
ATOM   1101 C  C   . GLY A 1 139 ? -5.980  1.967   -2.412  1.00 11.13 ? 139 GLY A C   1 
ATOM   1102 O  O   . GLY A 1 139 ? -4.831  1.523   -2.402  1.00 10.12 ? 139 GLY A O   1 
ATOM   1103 N  N   . ILE A 1 140 ? -7.042  1.228   -2.073  1.00 10.31 ? 140 ILE A N   1 
ATOM   1104 C  CA  . ILE A 1 140 ? -6.942  -0.204  -1.798  1.00 10.75 ? 140 ILE A CA  1 
ATOM   1105 C  C   . ILE A 1 140 ? -8.008  -0.903  -2.626  1.00 10.65 ? 140 ILE A C   1 
ATOM   1106 O  O   . ILE A 1 140 ? -9.193  -0.581  -2.523  1.00 11.35 ? 140 ILE A O   1 
ATOM   1107 C  CB  . ILE A 1 140 ? -7.094  -0.551  -0.311  1.00 10.26 ? 140 ILE A CB  1 
ATOM   1108 C  CG1 . ILE A 1 140 ? -6.075  0.233   0.522   1.00 10.62 ? 140 ILE A CG1 1 
ATOM   1109 C  CG2 . ILE A 1 140 ? -6.926  -2.055  -0.115  1.00 10.88 ? 140 ILE A CG2 1 
ATOM   1110 C  CD1 . ILE A 1 140 ? -6.198  0.016   2.010   1.00 11.66 ? 140 ILE A CD1 1 
ATOM   1111 N  N   . TYR A 1 141 ? -7.567  -1.836  -3.466  1.00 10.90 ? 141 TYR A N   1 
ATOM   1112 C  CA  . TYR A 1 141 ? -8.411  -2.484  -4.447  1.00 11.01 ? 141 TYR A CA  1 
ATOM   1113 C  C   . TYR A 1 141 ? -8.138  -3.983  -4.472  1.00 11.56 ? 141 TYR A C   1 
ATOM   1114 O  O   . TYR A 1 141 ? -7.048  -4.445  -4.118  1.00 10.45 ? 141 TYR A O   1 
ATOM   1115 C  CB  . TYR A 1 141 ? -8.128  -1.937  -5.857  1.00 10.69 ? 141 TYR A CB  1 
ATOM   1116 C  CG  . TYR A 1 141 ? -8.008  -0.432  -5.988  1.00 10.21 ? 141 TYR A CG  1 
ATOM   1117 C  CD1 . TYR A 1 141 ? -9.121  0.365   -6.258  1.00 12.15 ? 141 TYR A CD1 1 
ATOM   1118 C  CD2 . TYR A 1 141 ? -6.778  0.196   -5.870  1.00 10.13 ? 141 TYR A CD2 1 
ATOM   1119 C  CE1 . TYR A 1 141 ? -9.011  1.739   -6.375  1.00 12.99 ? 141 TYR A CE1 1 
ATOM   1120 C  CE2 . TYR A 1 141 ? -6.649  1.558   -5.994  1.00 11.66 ? 141 TYR A CE2 1 
ATOM   1121 C  CZ  . TYR A 1 141 ? -7.769  2.345   -6.264  1.00 12.59 ? 141 TYR A CZ  1 
ATOM   1122 O  OH  . TYR A 1 141 ? -7.654  3.714   -6.374  1.00 13.66 ? 141 TYR A OH  1 
ATOM   1123 N  N   . GLY A 1 142 ? -9.129  -4.744  -4.928  1.00 11.75 ? 142 GLY A N   1 
ATOM   1124 C  CA  . GLY A 1 142 ? -8.996  -6.179  -5.135  1.00 12.29 ? 142 GLY A CA  1 
ATOM   1125 C  C   . GLY A 1 142 ? -9.565  -7.020  -4.016  1.00 12.59 ? 142 GLY A C   1 
ATOM   1126 O  O   . GLY A 1 142 ? -10.412 -6.567  -3.231  1.00 12.90 ? 142 GLY A O   1 
ATOM   1127 N  N   . LYS A 1 143 ? -9.104  -8.256  -3.952  1.00 13.38 ? 143 LYS A N   1 
ATOM   1128 C  CA  . LYS A 1 143 ? -9.667  -9.238  -3.033  1.00 13.73 ? 143 LYS A CA  1 
ATOM   1129 C  C   . LYS A 1 143 ? -8.916  -9.198  -1.724  1.00 13.40 ? 143 LYS A C   1 
ATOM   1130 O  O   . LYS A 1 143 ? -7.964  -9.927  -1.506  1.00 12.99 ? 143 LYS A O   1 
ATOM   1131 C  CB  . LYS A 1 143 ? -9.707  -10.631 -3.675  1.00 14.42 ? 143 LYS A CB  1 
ATOM   1132 C  CG  . LYS A 1 143 ? -10.821 -10.734 -4.733  1.00 16.74 ? 143 LYS A CG  1 
ATOM   1133 C  CD  . LYS A 1 143 ? -11.151 -12.163 -5.116  1.00 19.61 ? 143 LYS A CD  1 
ATOM   1134 C  CE  . LYS A 1 143 ? -12.364 -12.194 -6.030  1.00 21.75 ? 143 LYS A CE  1 
ATOM   1135 N  NZ  . LYS A 1 143 ? -12.680 -13.586 -6.473  1.00 24.30 ? 143 LYS A NZ  1 
ATOM   1136 N  N   . VAL A 1 144 ? -9.350  -8.260  -0.881  1.00 12.80 ? 144 VAL A N   1 
ATOM   1137 C  CA  . VAL A 1 144 ? -8.776  -8.058  0.436   1.00 12.39 ? 144 VAL A CA  1 
ATOM   1138 C  C   . VAL A 1 144 ? -9.837  -7.474  1.363   1.00 12.25 ? 144 VAL A C   1 
ATOM   1139 O  O   . VAL A 1 144 ? -10.732 -6.763  0.921   1.00 12.87 ? 144 VAL A O   1 
ATOM   1140 C  CB  . VAL A 1 144 ? -7.518  -7.145  0.364   1.00 12.11 ? 144 VAL A CB  1 
ATOM   1141 C  CG1 . VAL A 1 144 ? -7.882  -5.697  0.025   1.00 13.04 ? 144 VAL A CG1 1 
ATOM   1142 C  CG2 . VAL A 1 144 ? -6.704  -7.249  1.640   1.00 12.56 ? 144 VAL A CG2 1 
ATOM   1143 N  N   . ASN A 1 145 ? -9.739  -7.833  2.636   1.00 12.34 ? 145 ASN A N   1 
ATOM   1144 C  CA  . ASN A 1 145 ? -10.610 -7.304  3.683   1.00 12.66 ? 145 ASN A CA  1 
ATOM   1145 C  C   . ASN A 1 145 ? -9.733  -6.436  4.565   1.00 12.38 ? 145 ASN A C   1 
ATOM   1146 O  O   . ASN A 1 145 ? -8.718  -6.914  5.061   1.00 13.06 ? 145 ASN A O   1 
ATOM   1147 C  CB  A ASN A 1 145 ? -11.270 -8.432  4.475   0.50 13.21 ? 145 ASN A CB  1 
ATOM   1148 C  CB  B ASN A 1 145 ? -11.201 -8.473  4.479   0.50 13.14 ? 145 ASN A CB  1 
ATOM   1149 C  CG  A ASN A 1 145 ? -12.263 -9.219  3.634   0.50 14.46 ? 145 ASN A CG  1 
ATOM   1150 C  CG  B ASN A 1 145 ? -12.061 -8.027  5.629   0.50 14.78 ? 145 ASN A CG  1 
ATOM   1151 O  OD1 A ASN A 1 145 ? -13.459 -9.241  3.925   0.50 20.15 ? 145 ASN A OD1 1 
ATOM   1152 O  OD1 B ASN A 1 145 ? -12.122 -6.843  5.950   0.50 17.45 ? 145 ASN A OD1 1 
ATOM   1153 N  ND2 A ASN A 1 145 ? -11.774 -9.848  2.581   0.50 17.80 ? 145 ASN A ND2 1 
ATOM   1154 N  ND2 B ASN A 1 145 ? -12.726 -8.985  6.277   0.50 17.18 ? 145 ASN A ND2 1 
ATOM   1155 N  N   . ILE A 1 146 ? -10.091 -5.164  4.713   1.00 10.73 ? 146 ILE A N   1 
ATOM   1156 C  CA  . ILE A 1 146 ? -9.301  -4.219  5.516   1.00 10.70 ? 146 ILE A CA  1 
ATOM   1157 C  C   . ILE A 1 146 ? -10.001 -3.940  6.844   1.00 10.28 ? 146 ILE A C   1 
ATOM   1158 O  O   . ILE A 1 146 ? -11.172 -3.524  6.868   1.00 11.73 ? 146 ILE A O   1 
ATOM   1159 C  CB  . ILE A 1 146 ? -9.013  -2.905  4.739   1.00 10.76 ? 146 ILE A CB  1 
ATOM   1160 C  CG1 . ILE A 1 146 ? -8.233  -3.203  3.454   1.00 11.12 ? 146 ILE A CG1 1 
ATOM   1161 C  CG2 . ILE A 1 146 ? -8.227  -1.911  5.603   1.00 11.16 ? 146 ILE A CG2 1 
ATOM   1162 C  CD1 . ILE A 1 146 ? -6.877  -3.897  3.640   1.00 10.17 ? 146 ILE A CD1 1 
ATOM   1163 N  N   . HIS A 1 147 ? -9.285  -4.205  7.937   1.00 9.91  ? 147 HIS A N   1 
ATOM   1164 C  CA  . HIS A 1 147 ? -9.808  -3.944  9.290   1.00 9.68  ? 147 HIS A CA  1 
ATOM   1165 C  C   . HIS A 1 147 ? -9.563  -2.492  9.698   1.00 9.52  ? 147 HIS A C   1 
ATOM   1166 O  O   . HIS A 1 147 ? -10.443 -1.816  10.228  1.00 9.31  ? 147 HIS A O   1 
ATOM   1167 C  CB  . HIS A 1 147 ? -9.145  -4.885  10.307  1.00 10.12 ? 147 HIS A CB  1 
ATOM   1168 C  CG  . HIS A 1 147 ? -9.205  -6.330  9.924   1.00 11.00 ? 147 HIS A CG  1 
ATOM   1169 N  ND1 . HIS A 1 147 ? -8.366  -7.281  10.464  1.00 13.89 ? 147 HIS A ND1 1 
ATOM   1170 C  CD2 . HIS A 1 147 ? -10.000 -6.982  9.046   1.00 13.67 ? 147 HIS A CD2 1 
ATOM   1171 C  CE1 . HIS A 1 147 ? -8.642  -8.457  9.925   1.00 11.98 ? 147 HIS A CE1 1 
ATOM   1172 N  NE2 . HIS A 1 147 ? -9.628  -8.304  9.065   1.00 13.99 ? 147 HIS A NE2 1 
ATOM   1173 N  N   . SER A 1 148 ? -8.342  -2.005  9.488   1.00 9.74  ? 148 SER A N   1 
ATOM   1174 C  CA  . SER A 1 148 ? -8.019  -0.640  9.865   1.00 9.96  ? 148 SER A CA  1 
ATOM   1175 C  C   . SER A 1 148 ? -6.901  -0.087  9.010   1.00 9.83  ? 148 SER A C   1 
ATOM   1176 O  O   . SER A 1 148 ? -6.053  -0.839  8.526   1.00 9.89  ? 148 SER A O   1 
ATOM   1177 C  CB  . SER A 1 148 ? -7.591  -0.550  11.338  1.00 10.59 ? 148 SER A CB  1 
ATOM   1178 O  OG  . SER A 1 148 ? -6.446  -1.350  11.588  1.00 11.65 ? 148 SER A OG  1 
ATOM   1179 N  N   . ILE A 1 149 ? -6.920  1.234   8.882   1.00 9.22  ? 149 ILE A N   1 
ATOM   1180 C  CA  . ILE A 1 149 ? -5.882  2.029   8.240   1.00 9.59  ? 149 ILE A CA  1 
ATOM   1181 C  C   . ILE A 1 149 ? -5.532  3.144   9.221   1.00 9.62  ? 149 ILE A C   1 
ATOM   1182 O  O   . ILE A 1 149 ? -6.428  3.784   9.764   1.00 9.72  ? 149 ILE A O   1 
ATOM   1183 C  CB  . ILE A 1 149 ? -6.392  2.699   6.948   1.00 8.67  ? 149 ILE A CB  1 
ATOM   1184 C  CG1 . ILE A 1 149 ? -6.873  1.670   5.921   1.00 10.56 ? 149 ILE A CG1 1 
ATOM   1185 C  CG2 . ILE A 1 149 ? -5.308  3.603   6.342   1.00 10.93 ? 149 ILE A CG2 1 
ATOM   1186 C  CD1 . ILE A 1 149 ? -7.780  2.269   4.849   1.00 10.65 ? 149 ILE A CD1 1 
ATOM   1187 N  N   . GLY A 1 150 ? -4.246  3.373   9.484   1.00 9.52  ? 150 GLY A N   1 
ATOM   1188 C  CA  . GLY A 1 150 ? -3.867  4.511   10.315  1.00 9.97  ? 150 GLY A CA  1 
ATOM   1189 C  C   . GLY A 1 150 ? -2.516  5.037   9.905   1.00 10.40 ? 150 GLY A C   1 
ATOM   1190 O  O   . GLY A 1 150 ? -1.783  4.376   9.145   1.00 10.33 ? 150 GLY A O   1 
ATOM   1191 N  N   . PHE A 1 151 ? -2.172  6.198   10.435  1.00 10.86 ? 151 PHE A N   1 
ATOM   1192 C  CA  . PHE A 1 151 ? -0.972  6.916   10.003  1.00 10.62 ? 151 PHE A CA  1 
ATOM   1193 C  C   . PHE A 1 151 ? -0.141  7.350   11.188  1.00 11.43 ? 151 PHE A C   1 
ATOM   1194 O  O   . PHE A 1 151 ? -0.651  7.561   12.285  1.00 11.40 ? 151 PHE A O   1 
ATOM   1195 C  CB  . PHE A 1 151 ? -1.353  8.152   9.203   1.00 10.98 ? 151 PHE A CB  1 
ATOM   1196 C  CG  . PHE A 1 151 ? -2.153  7.846   7.981   1.00 10.76 ? 151 PHE A CG  1 
ATOM   1197 C  CD1 . PHE A 1 151 ? -3.531  7.727   8.048   1.00 11.00 ? 151 PHE A CD1 1 
ATOM   1198 C  CD2 . PHE A 1 151 ? -1.513  7.619   6.772   1.00 11.84 ? 151 PHE A CD2 1 
ATOM   1199 C  CE1 . PHE A 1 151 ? -4.263  7.435   6.926   1.00 11.09 ? 151 PHE A CE1 1 
ATOM   1200 C  CE2 . PHE A 1 151 ? -2.237  7.323   5.654   1.00 11.64 ? 151 PHE A CE2 1 
ATOM   1201 C  CZ  . PHE A 1 151 ? -3.602  7.230   5.720   1.00 11.59 ? 151 PHE A CZ  1 
ATOM   1202 N  N   . SER A 1 152 ? 1.152   7.512   10.971  1.00 11.55 ? 152 SER A N   1 
ATOM   1203 C  CA  . SER A 1 152 ? 1.974   8.229   11.944  1.00 13.01 ? 152 SER A CA  1 
ATOM   1204 C  C   . SER A 1 152 ? 2.796   9.237   11.164  1.00 13.82 ? 152 SER A C   1 
ATOM   1205 O  O   . SER A 1 152 ? 3.738   8.861   10.475  1.00 13.33 ? 152 SER A O   1 
ATOM   1206 C  CB  . SER A 1 152 ? 2.855   7.256   12.719  1.00 13.21 ? 152 SER A CB  1 
ATOM   1207 O  OG  . SER A 1 152 ? 3.648   7.927   13.693  1.00 17.07 ? 152 SER A OG  1 
ATOM   1208 N  N   . PHE A 1 153 ? 2.420   10.505  11.255  1.00 15.10 ? 153 PHE A N   1 
ATOM   1209 C  CA  . PHE A 1 153 ? 3.041   11.556  10.463  1.00 16.71 ? 153 PHE A CA  1 
ATOM   1210 C  C   . PHE A 1 153 ? 4.226   12.149  11.184  1.00 19.14 ? 153 PHE A C   1 
ATOM   1211 O  O   . PHE A 1 153 ? 4.128   12.514  12.354  1.00 20.14 ? 153 PHE A O   1 
ATOM   1212 C  CB  . PHE A 1 153 ? 2.027   12.639  10.116  1.00 16.10 ? 153 PHE A CB  1 
ATOM   1213 C  CG  . PHE A 1 153 ? 0.942   12.160  9.201   1.00 15.43 ? 153 PHE A CG  1 
ATOM   1214 C  CD1 . PHE A 1 153 ? 1.219   11.848  7.871   1.00 14.58 ? 153 PHE A CD1 1 
ATOM   1215 C  CD2 . PHE A 1 153 ? -0.354  11.974  9.670   1.00 14.59 ? 153 PHE A CD2 1 
ATOM   1216 C  CE1 . PHE A 1 153 ? 0.216   11.396  7.032   1.00 13.78 ? 153 PHE A CE1 1 
ATOM   1217 C  CE2 . PHE A 1 153 ? -1.347  11.533  8.833   1.00 14.68 ? 153 PHE A CE2 1 
ATOM   1218 C  CZ  . PHE A 1 153 ? -1.060  11.234  7.511   1.00 14.14 ? 153 PHE A CZ  1 
ATOM   1219 N  N   . SER A 1 154 ? 5.353   12.216  10.476  1.00 21.64 ? 154 SER A N   1 
ATOM   1220 C  CA  . SER A 1 154 ? 6.567   12.829  11.003  1.00 23.30 ? 154 SER A CA  1 
ATOM   1221 C  C   . SER A 1 154 ? 6.550   14.333  10.749  1.00 24.76 ? 154 SER A C   1 
ATOM   1222 O  O   . SER A 1 154 ? 5.677   14.871  10.058  1.00 25.73 ? 154 SER A O   1 
ATOM   1223 C  CB  . SER A 1 154 ? 7.805   12.199  10.363  1.00 23.47 ? 154 SER A CB  1 
ATOM   1224 O  OG  . SER A 1 154 ? 7.748   12.314  8.949   1.00 24.09 ? 154 SER A OG  1 
ATOM   1225 O  OXT . SER A 1 154 ? 7.420   15.058  11.239  1.00 25.92 ? 154 SER A OXT 1 
HETATM 1226 C  C2  . BGC B 2 .   ? 3.126   -8.341  -16.506 1.00 24.62 ? 1   BGC B C2  1 
HETATM 1227 C  C3  . BGC B 2 .   ? 1.895   -8.095  -15.635 1.00 23.01 ? 1   BGC B C3  1 
HETATM 1228 C  C4  . BGC B 2 .   ? 1.212   -6.790  -16.027 1.00 21.81 ? 1   BGC B C4  1 
HETATM 1229 C  C5  . BGC B 2 .   ? 0.937   -6.759  -17.530 1.00 23.84 ? 1   BGC B C5  1 
HETATM 1230 C  C6  . BGC B 2 .   ? 0.312   -5.452  -18.006 1.00 23.78 ? 1   BGC B C6  1 
HETATM 1231 C  C1  . BGC B 2 .   ? 2.783   -8.192  -17.990 1.00 26.44 ? 1   BGC B C1  1 
HETATM 1232 O  O1  . BGC B 2 .   ? 3.970   -8.271  -18.796 1.00 29.84 ? 1   BGC B O1  1 
HETATM 1233 O  O2  . BGC B 2 .   ? 3.599   -9.661  -16.251 1.00 24.75 ? 1   BGC B O2  1 
HETATM 1234 O  O3  . BGC B 2 .   ? 2.261   -8.063  -14.247 1.00 20.95 ? 1   BGC B O3  1 
HETATM 1235 O  O4  . BGC B 2 .   ? -0.002  -6.678  -15.282 1.00 18.48 ? 1   BGC B O4  1 
HETATM 1236 O  O5  . BGC B 2 .   ? 2.179   -6.923  -18.218 1.00 25.93 ? 1   BGC B O5  1 
HETATM 1237 O  O6  . BGC B 2 .   ? 1.197   -4.359  -17.723 1.00 25.33 ? 1   BGC B O6  1 
HETATM 1238 C  C1  . GAL B 2 .   ? -0.229  -5.401  -14.683 1.00 17.16 ? 2   GAL B C1  1 
HETATM 1239 C  C2  . GAL B 2 .   ? -1.602  -5.432  -14.045 1.00 18.02 ? 2   GAL B C2  1 
HETATM 1240 C  C3  . GAL B 2 .   ? -1.863  -4.157  -13.255 1.00 16.77 ? 2   GAL B C3  1 
HETATM 1241 C  C4  . GAL B 2 .   ? -0.697  -3.846  -12.320 1.00 15.43 ? 2   GAL B C4  1 
HETATM 1242 C  C5  . GAL B 2 .   ? 0.628   -3.905  -13.080 1.00 15.23 ? 2   GAL B C5  1 
HETATM 1243 C  C6  . GAL B 2 .   ? 1.833   -3.635  -12.194 1.00 15.35 ? 2   GAL B C6  1 
HETATM 1244 O  O2  . GAL B 2 .   ? -2.596  -5.608  -15.064 1.00 19.32 ? 2   GAL B O2  1 
HETATM 1245 O  O3  . GAL B 2 .   ? -3.055  -4.311  -12.465 1.00 17.42 ? 2   GAL B O3  1 
HETATM 1246 O  O4  . GAL B 2 .   ? -0.703  -4.785  -11.232 1.00 14.86 ? 2   GAL B O4  1 
HETATM 1247 O  O5  . GAL B 2 .   ? 0.758   -5.183  -13.673 1.00 15.59 ? 2   GAL B O5  1 
HETATM 1248 O  O6  . GAL B 2 .   ? 3.005   -3.658  -13.017 1.00 14.94 ? 2   GAL B O6  1 
HETATM 1249 C  C1  . SIA B 2 .   ? -3.861  -2.049  -12.663 1.00 17.60 ? 3   SIA B C1  1 
HETATM 1250 C  C2  . SIA B 2 .   ? -4.178  -3.522  -12.840 1.00 19.01 ? 3   SIA B C2  1 
HETATM 1251 C  C3  . SIA B 2 .   ? -5.336  -3.971  -11.943 1.00 19.91 ? 3   SIA B C3  1 
HETATM 1252 C  C4  . SIA B 2 .   ? -6.696  -3.482  -12.438 1.00 21.68 ? 3   SIA B C4  1 
HETATM 1253 C  C5  . SIA B 2 .   ? -6.907  -3.803  -13.916 1.00 22.62 ? 3   SIA B C5  1 
HETATM 1254 C  C6  . SIA B 2 .   ? -5.709  -3.252  -14.695 1.00 22.30 ? 3   SIA B C6  1 
HETATM 1255 C  C7  . SIA B 2 .   ? -5.768  -3.509  -16.196 1.00 24.17 ? 3   SIA B C7  1 
HETATM 1256 C  C8  . SIA B 2 .   ? -4.496  -3.046  -16.902 1.00 25.65 ? 3   SIA B C8  1 
HETATM 1257 C  C9  . SIA B 2 .   ? -4.733  -2.923  -18.403 1.00 27.28 ? 3   SIA B C9  1 
HETATM 1258 C  C10 . SIA B 2 .   ? -9.139  -3.973  -14.881 1.00 26.95 ? 3   SIA B C10 1 
HETATM 1259 C  C11 . SIA B 2 .   ? -10.440 -3.353  -15.299 1.00 28.60 ? 3   SIA B C11 1 
HETATM 1260 N  N5  . SIA B 2 .   ? -8.167  -3.205  -14.369 1.00 24.58 ? 3   SIA B N5  1 
HETATM 1261 O  O1A . SIA B 2 .   ? -3.948  -1.526  -11.521 1.00 14.38 ? 3   SIA B O1A 1 
HETATM 1262 O  O1B . SIA B 2 .   ? -3.522  -1.380  -13.674 1.00 16.90 ? 3   SIA B O1B 1 
HETATM 1263 O  O4  . SIA B 2 .   ? -7.727  -4.101  -11.647 1.00 22.75 ? 3   SIA B O4  1 
HETATM 1264 O  O6  . SIA B 2 .   ? -4.490  -3.835  -14.206 1.00 19.94 ? 3   SIA B O6  1 
HETATM 1265 O  O7  . SIA B 2 .   ? -5.923  -4.912  -16.431 1.00 25.37 ? 3   SIA B O7  1 
HETATM 1266 O  O8  . SIA B 2 .   ? -4.051  -1.784  -16.379 1.00 25.10 ? 3   SIA B O8  1 
HETATM 1267 O  O9  . SIA B 2 .   ? -3.472  -2.866  -19.088 1.00 31.26 ? 3   SIA B O9  1 
HETATM 1268 O  O10 . SIA B 2 .   ? -8.972  -5.175  -15.007 1.00 29.79 ? 3   SIA B O10 1 
HETATM 1269 CL CL  . CL  C 3 .   ? 16.444  6.567   1.892   1.00 22.59 ? 157 CL  A CL  1 
HETATM 1270 O  O   . HOH D 4 .   ? -11.703 -8.678  -7.652  1.00 32.90 ? 158 HOH A O   1 
HETATM 1271 O  O   . HOH D 4 .   ? -13.718 -18.408 3.086   1.00 33.05 ? 159 HOH A O   1 
HETATM 1272 O  O   . HOH D 4 .   ? -9.808  10.767  13.270  1.00 33.06 ? 160 HOH A O   1 
HETATM 1273 O  O   . HOH D 4 .   ? 13.425  -9.942  6.200   1.00 33.33 ? 161 HOH A O   1 
HETATM 1274 O  O   . HOH D 4 .   ? 7.817   -8.059  -14.914 1.00 33.47 ? 162 HOH A O   1 
HETATM 1275 O  O   . HOH D 4 .   ? 6.656   -12.152 10.871  1.00 33.63 ? 163 HOH A O   1 
HETATM 1276 O  O   . HOH D 4 .   ? 1.836   -12.439 -11.951 1.00 33.69 ? 164 HOH A O   1 
HETATM 1277 O  O   . HOH D 4 .   ? 8.760   -21.326 -4.467  1.00 33.90 ? 165 HOH A O   1 
HETATM 1278 O  O   . HOH D 4 .   ? -3.917  3.199   17.574  1.00 34.11 ? 166 HOH A O   1 
HETATM 1279 O  O   . HOH D 4 .   ? -4.558  0.049   20.768  1.00 34.14 ? 167 HOH A O   1 
HETATM 1280 O  O   . HOH D 4 .   ? -11.276 6.528   -7.948  1.00 34.46 ? 168 HOH A O   1 
HETATM 1281 O  O   . HOH D 4 .   ? -17.775 -0.209  5.985   1.00 34.49 ? 169 HOH A O   1 
HETATM 1282 O  O   . HOH D 4 .   ? -0.690  13.941  1.507   1.00 34.57 ? 170 HOH A O   1 
HETATM 1283 O  O   . HOH D 4 .   ? -7.792  15.192  4.789   1.00 34.58 ? 171 HOH A O   1 
HETATM 1284 O  O   . HOH D 4 .   ? -12.343 2.246   -7.587  1.00 34.73 ? 172 HOH A O   1 
HETATM 1285 O  O   . HOH D 4 .   ? -5.629  -12.830 13.527  1.00 34.78 ? 173 HOH A O   1 
HETATM 1286 O  O   . HOH D 4 .   ? -3.144  -3.178  16.231  1.00 34.84 ? 174 HOH A O   1 
HETATM 1287 O  O   . HOH D 4 .   ? -9.774  -4.593  -8.446  1.00 35.21 ? 175 HOH A O   1 
HETATM 1288 O  O   . HOH D 4 .   ? 3.190   -15.719 6.598   1.00 35.23 ? 176 HOH A O   1 
HETATM 1289 O  O   . HOH D 4 .   ? -1.681  4.412   -21.555 1.00 35.35 ? 177 HOH A O   1 
HETATM 1290 O  O   . HOH D 4 .   ? 5.401   19.945  -3.424  1.00 35.37 ? 178 HOH A O   1 
HETATM 1291 O  O   . HOH D 4 .   ? -7.596  2.311   17.587  1.00 35.43 ? 179 HOH A O   1 
HETATM 1292 O  O   . HOH D 4 .   ? 3.976   11.064  -20.664 1.00 35.56 ? 180 HOH A O   1 
HETATM 1293 O  O   . HOH D 4 .   ? 5.487   -1.926  -18.062 1.00 35.73 ? 181 HOH A O   1 
HETATM 1294 O  O   . HOH D 4 .   ? -13.881 11.017  -14.943 1.00 35.79 ? 182 HOH A O   1 
HETATM 1295 O  O   . HOH D 4 .   ? -10.830 6.474   21.249  1.00 36.71 ? 183 HOH A O   1 
HETATM 1296 O  O   . HOH D 4 .   ? -14.737 6.276   -2.600  1.00 36.84 ? 184 HOH A O   1 
HETATM 1297 O  O   . HOH D 4 .   ? 0.287   -14.145 -10.290 1.00 36.88 ? 185 HOH A O   1 
HETATM 1298 O  O   . HOH D 4 .   ? -8.351  13.952  -4.491  1.00 37.07 ? 186 HOH A O   1 
HETATM 1299 O  O   . HOH D 4 .   ? 7.054   3.071   -18.883 1.00 37.16 ? 187 HOH A O   1 
HETATM 1300 O  O   . HOH D 4 .   ? -14.684 7.701   6.663   1.00 37.20 ? 188 HOH A O   1 
HETATM 1301 O  O   . HOH D 4 .   ? 1.475   -19.789 -2.618  1.00 37.24 ? 189 HOH A O   1 
HETATM 1302 O  O   . HOH D 4 .   ? 9.268   15.914  9.251   1.00 37.40 ? 190 HOH A O   1 
HETATM 1303 O  O   . HOH D 4 .   ? 9.973   2.193   -17.793 1.00 37.51 ? 191 HOH A O   1 
HETATM 1304 O  O   . HOH D 4 .   ? 2.914   -14.289 10.768  1.00 37.57 ? 192 HOH A O   1 
HETATM 1305 O  O   . HOH D 4 .   ? -7.879  -0.468  -10.336 1.00 38.02 ? 193 HOH A O   1 
HETATM 1306 O  O   . HOH D 4 .   ? 7.565   -14.873 6.127   1.00 38.48 ? 194 HOH A O   1 
HETATM 1307 O  O   . HOH D 4 .   ? -5.216  -18.290 -13.361 1.00 38.60 ? 195 HOH A O   1 
HETATM 1308 O  O   . HOH D 4 .   ? 14.727  -12.488 2.009   1.00 38.74 ? 196 HOH A O   1 
HETATM 1309 O  O   . HOH D 4 .   ? 4.265   -11.905 -11.484 1.00 39.15 ? 197 HOH A O   1 
HETATM 1310 O  O   . HOH D 4 .   ? 0.045   -5.547  15.374  1.00 39.19 ? 198 HOH A O   1 
HETATM 1311 O  O   . HOH D 4 .   ? 9.800   -4.643  -18.196 1.00 39.52 ? 199 HOH A O   1 
HETATM 1312 O  O   . HOH D 4 .   ? 20.081  9.575   -3.607  1.00 39.72 ? 200 HOH A O   1 
HETATM 1313 O  O   . HOH D 4 .   ? 3.556   18.317  -4.546  1.00 40.10 ? 201 HOH A O   1 
HETATM 1314 O  O   . HOH D 4 .   ? -14.198 3.972   -3.959  1.00 40.18 ? 202 HOH A O   1 
HETATM 1315 O  O   . HOH D 4 .   ? 2.534   -0.810  14.446  1.00 40.34 ? 203 HOH A O   1 
HETATM 1316 O  O   . HOH D 4 .   ? 4.377   -15.791 -9.398  1.00 40.37 ? 204 HOH A O   1 
HETATM 1317 O  O   . HOH D 4 .   ? -4.074  -12.418 -10.554 1.00 40.57 ? 205 HOH A O   1 
HETATM 1318 O  O   . HOH D 4 .   ? 0.346   -15.408 6.389   1.00 40.75 ? 206 HOH A O   1 
HETATM 1319 O  O   . HOH D 4 .   ? -7.110  15.724  9.364   1.00 40.81 ? 207 HOH A O   1 
HETATM 1320 O  O   . HOH D 4 .   ? -11.374 12.830  3.262   1.00 40.93 ? 208 HOH A O   1 
HETATM 1321 O  O   . HOH D 4 .   ? -4.009  -20.118 -7.116  1.00 42.03 ? 209 HOH A O   1 
HETATM 1322 O  O   . HOH D 4 .   ? -5.769  -7.942  -13.068 1.00 42.34 ? 210 HOH A O   1 
HETATM 1323 O  O   . HOH D 4 .   ? -4.183  6.786   28.731  1.00 43.18 ? 211 HOH A O   1 
HETATM 1324 O  O   . HOH D 4 .   ? -8.085  0.219   -13.448 1.00 45.86 ? 212 HOH A O   1 
HETATM 1325 O  O   . HOH D 4 .   ? 12.534  5.086   -13.743 1.00 46.36 ? 213 HOH A O   1 
HETATM 1326 O  O   . HOH D 4 .   ? -8.818  4.747   -14.848 0.70 22.64 ? 214 HOH A O   1 
HETATM 1327 O  O   . HOH D 4 .   ? -8.629  12.537  4.833   0.70 22.97 ? 215 HOH A O   1 
HETATM 1328 O  O   . HOH D 4 .   ? -2.840  0.450   17.503  0.70 25.04 ? 216 HOH A O   1 
HETATM 1329 O  O   . HOH D 4 .   ? -7.612  -20.757 0.160   0.70 26.34 ? 217 HOH A O   1 
HETATM 1330 O  O   . HOH D 4 .   ? 11.245  -4.081  9.328   0.50 10.87 ? 218 HOH A O   1 
HETATM 1331 O  O   . HOH D 4 .   ? 12.236  13.331  -0.892  0.50 19.17 ? 219 HOH A O   1 
HETATM 1332 O  O   . HOH D 4 .   ? -14.742 -5.738  -1.882  0.50 19.83 ? 220 HOH A O   1 
HETATM 1333 O  O   . HOH D 4 .   ? -13.085 -6.524  -3.150  0.50 21.13 ? 221 HOH A O   1 
HETATM 1334 O  O   . HOH D 4 .   ? -16.301 1.722   10.718  0.30 10.25 ? 222 HOH A O   1 
HETATM 1335 O  O   . HOH D 4 .   ? 11.892  2.080   -7.869  1.00 11.38 ? 223 HOH A O   1 
HETATM 1336 O  O   . HOH D 4 .   ? 7.245   7.935   -4.182  1.00 11.42 ? 224 HOH A O   1 
HETATM 1337 O  O   . HOH D 4 .   ? 7.931   -0.346  7.889   1.00 11.93 ? 225 HOH A O   1 
HETATM 1338 O  O   . HOH D 4 .   ? -13.804 4.836   10.682  1.00 11.95 ? 226 HOH A O   1 
HETATM 1339 O  O   . HOH D 4 .   ? 7.587   6.550   -6.472  1.00 12.24 ? 227 HOH A O   1 
HETATM 1340 O  O   . HOH D 4 .   ? -1.013  7.763   -14.359 1.00 12.44 ? 228 HOH A O   1 
HETATM 1341 O  O   . HOH D 4 .   ? -17.941 -0.715  10.328  1.00 12.59 ? 229 HOH A O   1 
HETATM 1342 O  O   . HOH D 4 .   ? -4.705  5.263   -10.105 1.00 12.88 ? 230 HOH A O   1 
HETATM 1343 O  O   . HOH D 4 .   ? -1.869  -12.785 4.558   1.00 13.70 ? 231 HOH A O   1 
HETATM 1344 O  O   . HOH D 4 .   ? 8.261   3.957   -13.525 1.00 13.95 ? 232 HOH A O   1 
HETATM 1345 O  O   . HOH D 4 .   ? -7.407  6.321   -10.099 1.00 13.98 ? 233 HOH A O   1 
HETATM 1346 O  O   . HOH D 4 .   ? 13.688  -0.190  -5.671  1.00 14.13 ? 234 HOH A O   1 
HETATM 1347 O  O   . HOH D 4 .   ? -4.738  2.785   -8.781  1.00 14.25 ? 235 HOH A O   1 
HETATM 1348 O  O   . HOH D 4 .   ? 8.852   -5.700  -4.995  1.00 14.40 ? 236 HOH A O   1 
HETATM 1349 O  O   . HOH D 4 .   ? -7.460  9.015   7.153   1.00 14.70 ? 237 HOH A O   1 
HETATM 1350 O  O   . HOH D 4 .   ? -4.048  0.010   11.077  1.00 14.75 ? 238 HOH A O   1 
HETATM 1351 O  O   . HOH D 4 .   ? 10.874  -3.612  -4.841  1.00 14.88 ? 239 HOH A O   1 
HETATM 1352 O  O   . HOH D 4 .   ? 13.643  -4.945  -1.713  1.00 14.91 ? 240 HOH A O   1 
HETATM 1353 O  O   . HOH D 4 .   ? -5.567  -6.018  -7.209  1.00 15.77 ? 241 HOH A O   1 
HETATM 1354 O  O   . HOH D 4 .   ? -8.492  6.081   -7.564  1.00 15.77 ? 242 HOH A O   1 
HETATM 1355 O  O   . HOH D 4 .   ? 4.502   -5.107  10.128  1.00 15.87 ? 243 HOH A O   1 
HETATM 1356 O  O   . HOH D 4 .   ? -1.977  12.067  -11.072 1.00 16.13 ? 244 HOH A O   1 
HETATM 1357 O  O   . HOH D 4 .   ? -14.784 2.821   0.429   1.00 16.26 ? 245 HOH A O   1 
HETATM 1358 O  O   . HOH D 4 .   ? -12.333 6.522   12.576  1.00 16.37 ? 246 HOH A O   1 
HETATM 1359 O  O   . HOH D 4 .   ? 13.939  6.318   -9.310  1.00 16.47 ? 247 HOH A O   1 
HETATM 1360 O  O   . HOH D 4 .   ? 15.020  9.167   5.531   1.00 16.48 ? 248 HOH A O   1 
HETATM 1361 O  O   . HOH D 4 .   ? 10.127  2.189   -15.083 1.00 16.49 ? 249 HOH A O   1 
HETATM 1362 O  O   . HOH D 4 .   ? 5.930   4.533   -14.660 1.00 16.54 ? 250 HOH A O   1 
HETATM 1363 O  O   . HOH D 4 .   ? 2.932   13.583  0.530   1.00 16.63 ? 251 HOH A O   1 
HETATM 1364 O  O   . HOH D 4 .   ? -2.466  10.009  -20.600 1.00 16.85 ? 252 HOH A O   1 
HETATM 1365 O  O   . HOH D 4 .   ? 1.659   -12.783 -1.861  1.00 16.92 ? 253 HOH A O   1 
HETATM 1366 O  O   . HOH D 4 .   ? -8.323  8.547   14.467  1.00 17.02 ? 254 HOH A O   1 
HETATM 1367 O  O   . HOH D 4 .   ? -13.528 5.054   -0.510  1.00 17.41 ? 255 HOH A O   1 
HETATM 1368 O  O   . HOH D 4 .   ? -2.038  -18.309 -0.332  1.00 17.59 ? 256 HOH A O   1 
HETATM 1369 O  O   . HOH D 4 .   ? 9.801   11.634  -11.038 1.00 17.61 ? 257 HOH A O   1 
HETATM 1370 O  O   . HOH D 4 .   ? -8.136  8.422   4.621   1.00 17.86 ? 258 HOH A O   1 
HETATM 1371 O  O   . HOH D 4 .   ? -12.703 -3.970  4.323   1.00 18.07 ? 259 HOH A O   1 
HETATM 1372 O  O   . HOH D 4 .   ? 2.465   12.611  -10.050 1.00 18.16 ? 260 HOH A O   1 
HETATM 1373 O  O   . HOH D 4 .   ? -3.247  14.504  10.740  1.00 18.17 ? 261 HOH A O   1 
HETATM 1374 O  O   . HOH D 4 .   ? 10.040  6.072   -13.890 1.00 18.23 ? 262 HOH A O   1 
HETATM 1375 O  O   . HOH D 4 .   ? -5.592  12.388  -10.019 1.00 18.33 ? 263 HOH A O   1 
HETATM 1376 O  O   . HOH D 4 .   ? -10.901 8.709   4.341   1.00 18.83 ? 264 HOH A O   1 
HETATM 1377 O  O   . HOH D 4 .   ? 6.473   -3.476  11.456  1.00 18.94 ? 265 HOH A O   1 
HETATM 1378 O  O   . HOH D 4 .   ? -14.887 3.437   7.303   1.00 19.03 ? 266 HOH A O   1 
HETATM 1379 O  O   . HOH D 4 .   ? -7.908  -6.702  -8.504  1.00 19.11 ? 267 HOH A O   1 
HETATM 1380 O  O   . HOH D 4 .   ? -9.882  5.628   16.930  1.00 19.11 ? 268 HOH A O   1 
HETATM 1381 O  O   . HOH D 4 .   ? 1.243   -15.592 -1.396  1.00 19.36 ? 269 HOH A O   1 
HETATM 1382 O  O   . HOH D 4 .   ? -9.056  -9.014  -7.439  1.00 19.48 ? 270 HOH A O   1 
HETATM 1383 O  O   . HOH D 4 .   ? 14.842  7.146   -5.457  1.00 19.87 ? 271 HOH A O   1 
HETATM 1384 O  O   . HOH D 4 .   ? -10.261 9.318   11.074  1.00 19.90 ? 272 HOH A O   1 
HETATM 1385 O  O   . HOH D 4 .   ? -11.190 10.474  2.109   1.00 19.95 ? 273 HOH A O   1 
HETATM 1386 O  O   . HOH D 4 .   ? 6.798   -11.001 6.872   1.00 19.99 ? 274 HOH A O   1 
HETATM 1387 O  O   . HOH D 4 .   ? -13.987 4.296   4.779   1.00 20.00 ? 275 HOH A O   1 
HETATM 1388 O  O   . HOH D 4 .   ? 16.372  -4.956  1.783   1.00 20.01 ? 276 HOH A O   1 
HETATM 1389 O  O   . HOH D 4 .   ? 1.088   0.354   -19.111 1.00 20.12 ? 277 HOH A O   1 
HETATM 1390 O  O   . HOH D 4 .   ? -15.478 3.070   3.142   1.00 20.18 ? 278 HOH A O   1 
HETATM 1391 O  O   . HOH D 4 .   ? -10.765 7.214   14.959  1.00 20.27 ? 279 HOH A O   1 
HETATM 1392 O  O   . HOH D 4 .   ? -2.034  -6.636  13.447  1.00 20.37 ? 280 HOH A O   1 
HETATM 1393 O  O   . HOH D 4 .   ? 8.864   -18.623 -5.369  1.00 20.58 ? 281 HOH A O   1 
HETATM 1394 O  O   . HOH D 4 .   ? 10.682  8.303   -12.556 1.00 20.84 ? 282 HOH A O   1 
HETATM 1395 O  O   . HOH D 4 .   ? 12.774  -7.747  10.129  1.00 21.16 ? 283 HOH A O   1 
HETATM 1396 O  O   . HOH D 4 .   ? -0.228  -17.720 -2.377  1.00 21.31 ? 284 HOH A O   1 
HETATM 1397 O  O   . HOH D 4 .   ? 14.317  -2.517  -4.043  1.00 21.33 ? 285 HOH A O   1 
HETATM 1398 O  O   . HOH D 4 .   ? 14.162  3.377   -8.623  1.00 21.62 ? 286 HOH A O   1 
HETATM 1399 O  O   . HOH D 4 .   ? 10.530  -6.014  -14.485 1.00 21.68 ? 287 HOH A O   1 
HETATM 1400 O  O   . HOH D 4 .   ? 7.200   -17.114 -3.835  1.00 21.70 ? 288 HOH A O   1 
HETATM 1401 O  O   . HOH D 4 .   ? 2.905   12.766  -14.164 1.00 21.71 ? 289 HOH A O   1 
HETATM 1402 O  O   . HOH D 4 .   ? -12.302 -16.266 3.016   1.00 21.77 ? 290 HOH A O   1 
HETATM 1403 O  O   . HOH D 4 .   ? -13.178 7.090   4.370   1.00 21.78 ? 291 HOH A O   1 
HETATM 1404 O  O   . HOH D 4 .   ? -0.737  15.260  11.330  1.00 21.83 ? 292 HOH A O   1 
HETATM 1405 O  O   . HOH D 4 .   ? -0.312  -12.839 6.794   1.00 22.03 ? 293 HOH A O   1 
HETATM 1406 O  O   . HOH D 4 .   ? 10.786  -10.420 1.554   1.00 22.53 ? 294 HOH A O   1 
HETATM 1407 O  O   . HOH D 4 .   ? 4.783   -10.073 -13.642 1.00 22.67 ? 295 HOH A O   1 
HETATM 1408 O  O   . HOH D 4 .   ? -13.667 -7.974  8.355   1.00 22.89 ? 296 HOH A O   1 
HETATM 1409 O  O   . HOH D 4 .   ? 7.382   16.063  -7.627  1.00 23.01 ? 297 HOH A O   1 
HETATM 1410 O  O   . HOH D 4 .   ? 13.436  -9.183  -5.555  1.00 23.02 ? 298 HOH A O   1 
HETATM 1411 O  O   . HOH D 4 .   ? 2.040   -15.253 -8.136  1.00 23.10 ? 299 HOH A O   1 
HETATM 1412 O  O   . HOH D 4 .   ? 8.088   -4.833  -16.104 1.00 23.19 ? 300 HOH A O   1 
HETATM 1413 O  O   . HOH D 4 .   ? 3.360   -16.653 1.976   1.00 23.28 ? 301 HOH A O   1 
HETATM 1414 O  O   . HOH D 4 .   ? -9.132  11.563  10.033  1.00 23.73 ? 302 HOH A O   1 
HETATM 1415 O  O   . HOH D 4 .   ? -4.790  -15.130 10.561  1.00 23.76 ? 303 HOH A O   1 
HETATM 1416 O  O   . HOH D 4 .   ? -11.596 10.478  6.354   1.00 23.89 ? 304 HOH A O   1 
HETATM 1417 O  O   . HOH D 4 .   ? -3.831  6.314   -21.829 1.00 23.91 ? 305 HOH A O   1 
HETATM 1418 O  O   . HOH D 4 .   ? -4.742  12.560  -12.784 1.00 23.93 ? 306 HOH A O   1 
HETATM 1419 O  O   . HOH D 4 .   ? 13.176  7.015   -11.945 1.00 24.03 ? 307 HOH A O   1 
HETATM 1420 O  O   . HOH D 4 .   ? 8.548   -10.677 4.730   1.00 24.31 ? 308 HOH A O   1 
HETATM 1421 O  O   . HOH D 4 .   ? -8.589  3.956   -10.717 1.00 24.64 ? 309 HOH A O   1 
HETATM 1422 O  O   . HOH D 4 .   ? -6.404  8.184   16.416  1.00 24.70 ? 310 HOH A O   1 
HETATM 1423 O  O   . HOH D 4 .   ? -7.190  1.871   -9.601  1.00 24.71 ? 311 HOH A O   1 
HETATM 1424 O  O   . HOH D 4 .   ? -1.352  -20.620 -4.980  1.00 24.82 ? 312 HOH A O   1 
HETATM 1425 O  O   . HOH D 4 .   ? 3.181   -3.684  -16.043 1.00 25.11 ? 313 HOH A O   1 
HETATM 1426 O  O   . HOH D 4 .   ? -15.753 -4.181  1.141   1.00 25.14 ? 314 HOH A O   1 
HETATM 1427 O  O   . HOH D 4 .   ? 5.078   7.100   -18.383 1.00 25.50 ? 315 HOH A O   1 
HETATM 1428 O  O   . HOH D 4 .   ? -2.186  10.891  -14.664 1.00 25.51 ? 316 HOH A O   1 
HETATM 1429 O  O   . HOH D 4 .   ? 4.891   14.124  -10.770 1.00 25.57 ? 317 HOH A O   1 
HETATM 1430 O  O   . HOH D 4 .   ? -1.891  11.076  -17.887 1.00 25.59 ? 318 HOH A O   1 
HETATM 1431 O  O   . HOH D 4 .   ? -5.536  -4.040  15.666  1.00 25.60 ? 319 HOH A O   1 
HETATM 1432 O  O   . HOH D 4 .   ? -9.032  11.350  7.301   1.00 25.83 ? 320 HOH A O   1 
HETATM 1433 O  O   . HOH D 4 .   ? 12.092  -5.804  -4.059  1.00 25.86 ? 321 HOH A O   1 
HETATM 1434 O  O   . HOH D 4 .   ? 8.066   -13.510 3.922   1.00 26.16 ? 322 HOH A O   1 
HETATM 1435 O  O   . HOH D 4 .   ? -13.167 -5.414  7.725   1.00 26.18 ? 323 HOH A O   1 
HETATM 1436 O  O   . HOH D 4 .   ? -2.465  -9.770  -12.177 1.00 26.22 ? 324 HOH A O   1 
HETATM 1437 O  O   . HOH D 4 .   ? -2.222  -14.213 -8.553  1.00 26.26 ? 325 HOH A O   1 
HETATM 1438 O  O   . HOH D 4 .   ? 7.947   -18.249 -7.853  1.00 26.70 ? 326 HOH A O   1 
HETATM 1439 O  O   . HOH D 4 .   ? 15.692  0.675   -7.326  1.00 26.83 ? 327 HOH A O   1 
HETATM 1440 O  O   . HOH D 4 .   ? -7.897  12.349  -2.513  1.00 26.88 ? 328 HOH A O   1 
HETATM 1441 O  O   . HOH D 4 .   ? 6.153   -16.330 -7.580  1.00 26.95 ? 329 HOH A O   1 
HETATM 1442 O  O   . HOH D 4 .   ? -17.117 3.209   -0.924  1.00 27.12 ? 330 HOH A O   1 
HETATM 1443 O  O   . HOH D 4 .   ? 0.369   16.955  -10.004 1.00 27.38 ? 331 HOH A O   1 
HETATM 1444 O  O   . HOH D 4 .   ? -13.712 7.023   1.622   1.00 27.46 ? 332 HOH A O   1 
HETATM 1445 O  O   . HOH D 4 .   ? 3.980   -13.812 8.319   1.00 27.52 ? 333 HOH A O   1 
HETATM 1446 O  O   . HOH D 4 .   ? 4.217   14.698  7.798   1.00 27.53 ? 334 HOH A O   1 
HETATM 1447 O  O   . HOH D 4 .   ? -4.162  -7.833  11.390  1.00 27.60 ? 335 HOH A O   1 
HETATM 1448 O  O   . HOH D 4 .   ? -7.840  -12.592 12.023  1.00 27.86 ? 336 HOH A O   1 
HETATM 1449 O  O   . HOH D 4 .   ? -7.873  8.216   22.889  1.00 28.16 ? 337 HOH A O   1 
HETATM 1450 O  O   . HOH D 4 .   ? -16.206 1.292   -2.984  1.00 28.43 ? 338 HOH A O   1 
HETATM 1451 O  O   . HOH D 4 .   ? -4.308  16.384  9.030   1.00 28.52 ? 339 HOH A O   1 
HETATM 1452 O  O   . HOH D 4 .   ? -0.914  15.834  -5.104  1.00 28.56 ? 340 HOH A O   1 
HETATM 1453 O  O   . HOH D 4 .   ? 6.618   -13.222 8.193   1.00 28.66 ? 341 HOH A O   1 
HETATM 1454 O  O   . HOH D 4 .   ? -7.272  5.541   -18.932 1.00 28.89 ? 342 HOH A O   1 
HETATM 1455 O  O   . HOH D 4 .   ? -0.217  8.277   -21.662 1.00 28.96 ? 343 HOH A O   1 
HETATM 1456 O  O   . HOH D 4 .   ? 6.590   5.174   -17.336 1.00 29.08 ? 344 HOH A O   1 
HETATM 1457 O  O   . HOH D 4 .   ? -8.237  13.883  -7.844  1.00 29.10 ? 345 HOH A O   1 
HETATM 1458 O  O   . HOH D 4 .   ? 12.528  2.087   -13.676 1.00 29.13 ? 346 HOH A O   1 
HETATM 1459 O  O   . HOH D 4 .   ? -12.017 11.313  -12.803 1.00 29.13 ? 347 HOH A O   1 
HETATM 1460 O  O   . HOH D 4 .   ? 7.274   -16.765 0.308   1.00 29.32 ? 348 HOH A O   1 
HETATM 1461 O  O   . HOH D 4 .   ? 12.670  -7.542  -2.101  1.00 29.37 ? 349 HOH A O   1 
HETATM 1462 O  O   . HOH D 4 .   ? 0.395   16.141  -2.526  1.00 29.45 ? 350 HOH A O   1 
HETATM 1463 O  O   . HOH D 4 .   ? -6.386  -1.509  14.416  1.00 29.49 ? 351 HOH A O   1 
HETATM 1464 O  O   . HOH D 4 .   ? -12.884 9.775   10.327  1.00 29.60 ? 352 HOH A O   1 
HETATM 1465 O  O   . HOH D 4 .   ? -0.091  -2.150  -18.815 1.00 29.70 ? 353 HOH A O   1 
HETATM 1466 O  O   . HOH D 4 .   ? -3.622  17.264  -1.989  1.00 29.82 ? 354 HOH A O   1 
HETATM 1467 O  O   . HOH D 4 .   ? 2.652   -7.457  12.987  1.00 29.87 ? 355 HOH A O   1 
HETATM 1468 O  O   . HOH D 4 .   ? -13.308 -6.883  0.294   1.00 29.98 ? 356 HOH A O   1 
HETATM 1469 O  O   . HOH D 4 .   ? -7.397  -2.793  -9.282  1.00 30.06 ? 357 HOH A O   1 
HETATM 1470 O  O   . HOH D 4 .   ? -5.127  2.221   -16.441 1.00 30.23 ? 358 HOH A O   1 
HETATM 1471 O  O   . HOH D 4 .   ? 3.199   -17.778 -0.796  1.00 30.28 ? 359 HOH A O   1 
HETATM 1472 O  O   . HOH D 4 .   ? -7.571  3.444   -17.066 1.00 30.29 ? 360 HOH A O   1 
HETATM 1473 O  O   . HOH D 4 .   ? 3.078   16.321  10.320  1.00 30.76 ? 361 HOH A O   1 
HETATM 1474 O  O   . HOH D 4 .   ? 12.561  -11.676 -1.293  1.00 30.89 ? 362 HOH A O   1 
HETATM 1475 O  O   . HOH D 4 .   ? 6.185   9.154   12.289  1.00 30.94 ? 363 HOH A O   1 
HETATM 1476 O  O   . HOH D 4 .   ? -14.967 5.815   8.586   1.00 30.95 ? 364 HOH A O   1 
HETATM 1477 O  O   . HOH D 4 .   ? 0.156   -9.886  11.758  1.00 30.96 ? 365 HOH A O   1 
HETATM 1478 O  O   . HOH D 4 .   ? -2.025  -21.172 -8.597  1.00 31.03 ? 366 HOH A O   1 
HETATM 1479 O  O   . HOH D 4 .   ? -14.200 9.314   -16.981 1.00 31.21 ? 367 HOH A O   1 
HETATM 1480 O  O   . HOH D 4 .   ? -12.722 9.000   0.305   1.00 31.29 ? 368 HOH A O   1 
HETATM 1481 O  O   . HOH D 4 .   ? -17.511 -2.659  -2.858  1.00 31.29 ? 369 HOH A O   1 
HETATM 1482 O  O   . HOH D 4 .   ? -10.599 -16.640 5.249   1.00 31.50 ? 370 HOH A O   1 
HETATM 1483 O  O   . HOH D 4 .   ? -12.079 -20.368 -1.706  1.00 31.54 ? 371 HOH A O   1 
HETATM 1484 O  O   . HOH D 4 .   ? -11.197 4.131   -9.188  1.00 31.57 ? 372 HOH A O   1 
HETATM 1485 O  O   . HOH D 4 .   ? -11.351 13.908  -12.364 1.00 31.64 ? 373 HOH A O   1 
HETATM 1486 O  O   . HOH D 4 .   ? -13.486 -12.809 -1.535  1.00 31.74 ? 374 HOH A O   1 
HETATM 1487 O  O   . HOH D 4 .   ? 8.448   14.948  -0.177  1.00 32.09 ? 375 HOH A O   1 
HETATM 1488 O  O   . HOH D 4 .   ? 15.353  -15.146 1.926   1.00 32.25 ? 376 HOH A O   1 
HETATM 1489 O  O   . HOH D 4 .   ? 15.191  11.566  -3.120  1.00 32.29 ? 377 HOH A O   1 
HETATM 1490 O  O   . HOH D 4 .   ? -7.323  -6.856  -11.185 1.00 32.47 ? 378 HOH A O   1 
HETATM 1491 O  O   . HOH D 4 .   ? -5.197  2.104   12.625  1.00 32.88 ? 379 HOH A O   1 
# 
loop_
_pdbx_poly_seq_scheme.asym_id 
_pdbx_poly_seq_scheme.entity_id 
_pdbx_poly_seq_scheme.seq_id 
_pdbx_poly_seq_scheme.mon_id 
_pdbx_poly_seq_scheme.ndb_seq_num 
_pdbx_poly_seq_scheme.pdb_seq_num 
_pdbx_poly_seq_scheme.auth_seq_num 
_pdbx_poly_seq_scheme.pdb_mon_id 
_pdbx_poly_seq_scheme.auth_mon_id 
_pdbx_poly_seq_scheme.pdb_strand_id 
_pdbx_poly_seq_scheme.pdb_ins_code 
_pdbx_poly_seq_scheme.hetero 
A 1 1   MET 1   1   ?   ?   ?   A . n 
A 1 2   MET 2   2   ?   ?   ?   A . n 
A 1 3   LEU 3   3   ?   ?   ?   A . n 
A 1 4   SER 4   4   4   SER SER A . n 
A 1 5   LEU 5   5   5   LEU LEU A . n 
A 1 6   ASN 6   6   6   ASN ASN A . n 
A 1 7   ASN 7   7   7   ASN ASN A . n 
A 1 8   LEU 8   8   8   LEU LEU A . n 
A 1 9   GLN 9   9   9   GLN GLN A . n 
A 1 10  ASN 10  10  10  ASN ASN A . n 
A 1 11  ILE 11  11  11  ILE ILE A . n 
A 1 12  ILE 12  12  12  ILE ILE A . n 
A 1 13  TYR 13  13  13  TYR TYR A . n 
A 1 14  ASN 14  14  14  ASN ASN A . n 
A 1 15  PRO 15  15  15  PRO PRO A . n 
A 1 16  VAL 16  16  16  VAL VAL A . n 
A 1 17  ILE 17  17  17  ILE ILE A . n 
A 1 18  PRO 18  18  18  PRO PRO A . n 
A 1 19  PHE 19  19  19  PHE PHE A . n 
A 1 20  VAL 20  20  20  VAL VAL A . n 
A 1 21  GLY 21  21  21  GLY GLY A . n 
A 1 22  THR 22  22  22  THR THR A . n 
A 1 23  ILE 23  23  23  ILE ILE A . n 
A 1 24  PRO 24  24  24  PRO PRO A . n 
A 1 25  ASP 25  25  25  ASP ASP A . n 
A 1 26  GLN 26  26  26  GLN GLN A . n 
A 1 27  LEU 27  27  27  LEU LEU A . n 
A 1 28  ASP 28  28  28  ASP ASP A . n 
A 1 29  PRO 29  29  29  PRO PRO A . n 
A 1 30  GLY 30  30  30  GLY GLY A . n 
A 1 31  THR 31  31  31  THR THR A . n 
A 1 32  LEU 32  32  32  LEU LEU A . n 
A 1 33  ILE 33  33  33  ILE ILE A . n 
A 1 34  VAL 34  34  34  VAL VAL A . n 
A 1 35  ILE 35  35  35  ILE ILE A . n 
A 1 36  ARG 36  36  36  ARG ARG A . n 
A 1 37  GLY 37  37  37  GLY GLY A . n 
A 1 38  HIS 38  38  38  HIS HIS A . n 
A 1 39  VAL 39  39  39  VAL VAL A . n 
A 1 40  PRO 40  40  40  PRO PRO A . n 
A 1 41  SER 41  41  41  SER SER A . n 
A 1 42  ASP 42  42  42  ASP ASP A . n 
A 1 43  ALA 43  43  43  ALA ALA A . n 
A 1 44  ASP 44  44  44  ASP ASP A . n 
A 1 45  ARG 45  45  45  ARG ARG A . n 
A 1 46  PHE 46  46  46  PHE PHE A . n 
A 1 47  GLN 47  47  47  GLN GLN A . n 
A 1 48  VAL 48  48  48  VAL VAL A . n 
A 1 49  ASP 49  49  49  ASP ASP A . n 
A 1 50  LEU 50  50  50  LEU LEU A . n 
A 1 51  GLN 51  51  51  GLN GLN A . n 
A 1 52  ASN 52  52  52  ASN ASN A . n 
A 1 53  GLY 53  53  53  GLY GLY A . n 
A 1 54  SER 54  54  54  SER SER A . n 
A 1 55  SER 55  55  55  SER SER A . n 
A 1 56  VAL 56  56  56  VAL VAL A . n 
A 1 57  LYS 57  57  57  LYS LYS A . n 
A 1 58  PRO 58  58  58  PRO PRO A . n 
A 1 59  ARG 59  59  59  ARG ARG A . n 
A 1 60  ALA 60  60  60  ALA ALA A . n 
A 1 61  ASP 61  61  61  ASP ASP A . n 
A 1 62  VAL 62  62  62  VAL VAL A . n 
A 1 63  ALA 63  63  63  ALA ALA A . n 
A 1 64  PHE 64  64  64  PHE PHE A . n 
A 1 65  HIS 65  65  65  HIS HIS A . n 
A 1 66  PHE 66  66  66  PHE PHE A . n 
A 1 67  ASN 67  67  67  ASN ASN A . n 
A 1 68  PRO 68  68  68  PRO PRO A . n 
A 1 69  ARG 69  69  69  ARG ARG A . n 
A 1 70  PHE 70  70  70  PHE PHE A . n 
A 1 71  LYS 71  71  71  LYS LYS A . n 
A 1 72  ARG 72  72  72  ARG ARG A . n 
A 1 73  ALA 73  73  73  ALA ALA A . n 
A 1 74  GLY 74  74  74  GLY GLY A . n 
A 1 75  CYS 75  75  75  CYS CYS A . n 
A 1 76  ILE 76  76  76  ILE ILE A . n 
A 1 77  VAL 77  77  77  VAL VAL A . n 
A 1 78  CYS 78  78  78  CYS CYS A . n 
A 1 79  ASN 79  79  79  ASN ASN A . n 
A 1 80  THR 80  80  80  THR THR A . n 
A 1 81  LEU 81  81  81  LEU LEU A . n 
A 1 82  ILE 82  82  82  ILE ILE A . n 
A 1 83  ASN 83  83  83  ASN ASN A . n 
A 1 84  GLU 84  84  84  GLU GLU A . n 
A 1 85  LYS 85  85  85  LYS LYS A . n 
A 1 86  TRP 86  86  86  TRP TRP A . n 
A 1 87  GLY 87  87  87  GLY GLY A . n 
A 1 88  ARG 88  88  88  ARG ARG A . n 
A 1 89  GLU 89  89  89  GLU GLU A . n 
A 1 90  GLU 90  90  90  GLU GLU A . n 
A 1 91  ILE 91  91  91  ILE ILE A . n 
A 1 92  THR 92  92  92  THR THR A . n 
A 1 93  TYR 93  93  93  TYR TYR A . n 
A 1 94  ASP 94  94  94  ASP ASP A . n 
A 1 95  THR 95  95  95  THR THR A . n 
A 1 96  PRO 96  96  96  PRO PRO A . n 
A 1 97  PHE 97  97  97  PHE PHE A . n 
A 1 98  LYS 98  98  98  LYS LYS A . n 
A 1 99  ARG 99  99  99  ARG ARG A . n 
A 1 100 GLU 100 100 100 GLU GLU A . n 
A 1 101 LYS 101 101 101 LYS LYS A . n 
A 1 102 SER 102 102 102 SER SER A . n 
A 1 103 PHE 103 103 103 PHE PHE A . n 
A 1 104 GLU 104 104 104 GLU GLU A . n 
A 1 105 ILE 105 105 105 ILE ILE A . n 
A 1 106 VAL 106 106 106 VAL VAL A . n 
A 1 107 ILE 107 107 107 ILE ILE A . n 
A 1 108 MET 108 108 108 MET MET A . n 
A 1 109 VAL 109 109 109 VAL VAL A . n 
A 1 110 LEU 110 110 110 LEU LEU A . n 
A 1 111 LYS 111 111 111 LYS LYS A . n 
A 1 112 ASP 112 112 112 ASP ASP A . n 
A 1 113 LYS 113 113 113 LYS LYS A . n 
A 1 114 PHE 114 114 114 PHE PHE A . n 
A 1 115 GLN 115 115 115 GLN GLN A . n 
A 1 116 VAL 116 116 116 VAL VAL A . n 
A 1 117 ALA 117 117 117 ALA ALA A . n 
A 1 118 VAL 118 118 118 VAL VAL A . n 
A 1 119 ASN 119 119 119 ASN ASN A . n 
A 1 120 GLY 120 120 120 GLY GLY A . n 
A 1 121 LYS 121 121 121 LYS LYS A . n 
A 1 122 HIS 122 122 122 HIS HIS A . n 
A 1 123 THR 123 123 123 THR THR A . n 
A 1 124 LEU 124 124 124 LEU LEU A . n 
A 1 125 LEU 125 125 125 LEU LEU A . n 
A 1 126 TYR 126 126 126 TYR TYR A . n 
A 1 127 GLY 127 127 127 GLY GLY A . n 
A 1 128 HIS 128 128 128 HIS HIS A . n 
A 1 129 ARG 129 129 129 ARG ARG A . n 
A 1 130 ILE 130 130 130 ILE ILE A . n 
A 1 131 GLY 131 131 131 GLY GLY A . n 
A 1 132 PRO 132 132 132 PRO PRO A . n 
A 1 133 GLU 133 133 133 GLU GLU A . n 
A 1 134 LYS 134 134 134 LYS LYS A . n 
A 1 135 ILE 135 135 135 ILE ILE A . n 
A 1 136 ASP 136 136 136 ASP ASP A . n 
A 1 137 THR 137 137 137 THR THR A . n 
A 1 138 LEU 138 138 138 LEU LEU A . n 
A 1 139 GLY 139 139 139 GLY GLY A . n 
A 1 140 ILE 140 140 140 ILE ILE A . n 
A 1 141 TYR 141 141 141 TYR TYR A . n 
A 1 142 GLY 142 142 142 GLY GLY A . n 
A 1 143 LYS 143 143 143 LYS LYS A . n 
A 1 144 VAL 144 144 144 VAL VAL A . n 
A 1 145 ASN 145 145 145 ASN ASN A . n 
A 1 146 ILE 146 146 146 ILE ILE A . n 
A 1 147 HIS 147 147 147 HIS HIS A . n 
A 1 148 SER 148 148 148 SER SER A . n 
A 1 149 ILE 149 149 149 ILE ILE A . n 
A 1 150 GLY 150 150 150 GLY GLY A . n 
A 1 151 PHE 151 151 151 PHE PHE A . n 
A 1 152 SER 152 152 152 SER SER A . n 
A 1 153 PHE 153 153 153 PHE PHE A . n 
A 1 154 SER 154 154 154 SER SER A . n 
# 
loop_
_pdbx_nonpoly_scheme.asym_id 
_pdbx_nonpoly_scheme.entity_id 
_pdbx_nonpoly_scheme.mon_id 
_pdbx_nonpoly_scheme.ndb_seq_num 
_pdbx_nonpoly_scheme.pdb_seq_num 
_pdbx_nonpoly_scheme.auth_seq_num 
_pdbx_nonpoly_scheme.pdb_mon_id 
_pdbx_nonpoly_scheme.auth_mon_id 
_pdbx_nonpoly_scheme.pdb_strand_id 
_pdbx_nonpoly_scheme.pdb_ins_code 
C 3 CL  1   157 1   CL  CL  A . 
D 4 HOH 1   158 158 HOH HOH A . 
D 4 HOH 2   159 159 HOH HOH A . 
D 4 HOH 3   160 160 HOH HOH A . 
D 4 HOH 4   161 161 HOH HOH A . 
D 4 HOH 5   162 162 HOH HOH A . 
D 4 HOH 6   163 163 HOH HOH A . 
D 4 HOH 7   164 164 HOH HOH A . 
D 4 HOH 8   165 165 HOH HOH A . 
D 4 HOH 9   166 166 HOH HOH A . 
D 4 HOH 10  167 167 HOH HOH A . 
D 4 HOH 11  168 168 HOH HOH A . 
D 4 HOH 12  169 169 HOH HOH A . 
D 4 HOH 13  170 170 HOH HOH A . 
D 4 HOH 14  171 171 HOH HOH A . 
D 4 HOH 15  172 172 HOH HOH A . 
D 4 HOH 16  173 173 HOH HOH A . 
D 4 HOH 17  174 174 HOH HOH A . 
D 4 HOH 18  175 175 HOH HOH A . 
D 4 HOH 19  176 176 HOH HOH A . 
D 4 HOH 20  177 177 HOH HOH A . 
D 4 HOH 21  178 178 HOH HOH A . 
D 4 HOH 22  179 179 HOH HOH A . 
D 4 HOH 23  180 180 HOH HOH A . 
D 4 HOH 24  181 181 HOH HOH A . 
D 4 HOH 25  182 182 HOH HOH A . 
D 4 HOH 26  183 183 HOH HOH A . 
D 4 HOH 27  184 184 HOH HOH A . 
D 4 HOH 28  185 185 HOH HOH A . 
D 4 HOH 29  186 186 HOH HOH A . 
D 4 HOH 30  187 187 HOH HOH A . 
D 4 HOH 31  188 188 HOH HOH A . 
D 4 HOH 32  189 189 HOH HOH A . 
D 4 HOH 33  190 190 HOH HOH A . 
D 4 HOH 34  191 191 HOH HOH A . 
D 4 HOH 35  192 192 HOH HOH A . 
D 4 HOH 36  193 193 HOH HOH A . 
D 4 HOH 37  194 194 HOH HOH A . 
D 4 HOH 38  195 195 HOH HOH A . 
D 4 HOH 39  196 196 HOH HOH A . 
D 4 HOH 40  197 197 HOH HOH A . 
D 4 HOH 41  198 198 HOH HOH A . 
D 4 HOH 42  199 199 HOH HOH A . 
D 4 HOH 43  200 200 HOH HOH A . 
D 4 HOH 44  201 201 HOH HOH A . 
D 4 HOH 45  202 202 HOH HOH A . 
D 4 HOH 46  203 203 HOH HOH A . 
D 4 HOH 47  204 204 HOH HOH A . 
D 4 HOH 48  205 205 HOH HOH A . 
D 4 HOH 49  206 206 HOH HOH A . 
D 4 HOH 50  207 207 HOH HOH A . 
D 4 HOH 51  208 208 HOH HOH A . 
D 4 HOH 52  209 209 HOH HOH A . 
D 4 HOH 53  210 210 HOH HOH A . 
D 4 HOH 54  211 211 HOH HOH A . 
D 4 HOH 55  212 212 HOH HOH A . 
D 4 HOH 56  213 213 HOH HOH A . 
D 4 HOH 57  214 214 HOH HOH A . 
D 4 HOH 58  215 215 HOH HOH A . 
D 4 HOH 59  216 216 HOH HOH A . 
D 4 HOH 60  217 217 HOH HOH A . 
D 4 HOH 61  218 218 HOH HOH A . 
D 4 HOH 62  219 219 HOH HOH A . 
D 4 HOH 63  220 220 HOH HOH A . 
D 4 HOH 64  221 221 HOH HOH A . 
D 4 HOH 65  222 222 HOH HOH A . 
D 4 HOH 66  223 1   HOH HOH A . 
D 4 HOH 67  224 2   HOH HOH A . 
D 4 HOH 68  225 3   HOH HOH A . 
D 4 HOH 69  226 4   HOH HOH A . 
D 4 HOH 70  227 5   HOH HOH A . 
D 4 HOH 71  228 6   HOH HOH A . 
D 4 HOH 72  229 7   HOH HOH A . 
D 4 HOH 73  230 8   HOH HOH A . 
D 4 HOH 74  231 9   HOH HOH A . 
D 4 HOH 75  232 10  HOH HOH A . 
D 4 HOH 76  233 11  HOH HOH A . 
D 4 HOH 77  234 12  HOH HOH A . 
D 4 HOH 78  235 13  HOH HOH A . 
D 4 HOH 79  236 14  HOH HOH A . 
D 4 HOH 80  237 15  HOH HOH A . 
D 4 HOH 81  238 16  HOH HOH A . 
D 4 HOH 82  239 17  HOH HOH A . 
D 4 HOH 83  240 18  HOH HOH A . 
D 4 HOH 84  241 19  HOH HOH A . 
D 4 HOH 85  242 20  HOH HOH A . 
D 4 HOH 86  243 21  HOH HOH A . 
D 4 HOH 87  244 22  HOH HOH A . 
D 4 HOH 88  245 23  HOH HOH A . 
D 4 HOH 89  246 24  HOH HOH A . 
D 4 HOH 90  247 25  HOH HOH A . 
D 4 HOH 91  248 26  HOH HOH A . 
D 4 HOH 92  249 27  HOH HOH A . 
D 4 HOH 93  250 28  HOH HOH A . 
D 4 HOH 94  251 29  HOH HOH A . 
D 4 HOH 95  252 30  HOH HOH A . 
D 4 HOH 96  253 31  HOH HOH A . 
D 4 HOH 97  254 32  HOH HOH A . 
D 4 HOH 98  255 33  HOH HOH A . 
D 4 HOH 99  256 34  HOH HOH A . 
D 4 HOH 100 257 35  HOH HOH A . 
D 4 HOH 101 258 36  HOH HOH A . 
D 4 HOH 102 259 37  HOH HOH A . 
D 4 HOH 103 260 38  HOH HOH A . 
D 4 HOH 104 261 39  HOH HOH A . 
D 4 HOH 105 262 40  HOH HOH A . 
D 4 HOH 106 263 41  HOH HOH A . 
D 4 HOH 107 264 42  HOH HOH A . 
D 4 HOH 108 265 43  HOH HOH A . 
D 4 HOH 109 266 44  HOH HOH A . 
D 4 HOH 110 267 45  HOH HOH A . 
D 4 HOH 111 268 46  HOH HOH A . 
D 4 HOH 112 269 47  HOH HOH A . 
D 4 HOH 113 270 48  HOH HOH A . 
D 4 HOH 114 271 49  HOH HOH A . 
D 4 HOH 115 272 50  HOH HOH A . 
D 4 HOH 116 273 51  HOH HOH A . 
D 4 HOH 117 274 52  HOH HOH A . 
D 4 HOH 118 275 53  HOH HOH A . 
D 4 HOH 119 276 54  HOH HOH A . 
D 4 HOH 120 277 55  HOH HOH A . 
D 4 HOH 121 278 56  HOH HOH A . 
D 4 HOH 122 279 57  HOH HOH A . 
D 4 HOH 123 280 58  HOH HOH A . 
D 4 HOH 124 281 59  HOH HOH A . 
D 4 HOH 125 282 60  HOH HOH A . 
D 4 HOH 126 283 61  HOH HOH A . 
D 4 HOH 127 284 62  HOH HOH A . 
D 4 HOH 128 285 63  HOH HOH A . 
D 4 HOH 129 286 64  HOH HOH A . 
D 4 HOH 130 287 65  HOH HOH A . 
D 4 HOH 131 288 66  HOH HOH A . 
D 4 HOH 132 289 67  HOH HOH A . 
D 4 HOH 133 290 68  HOH HOH A . 
D 4 HOH 134 291 69  HOH HOH A . 
D 4 HOH 135 292 70  HOH HOH A . 
D 4 HOH 136 293 71  HOH HOH A . 
D 4 HOH 137 294 72  HOH HOH A . 
D 4 HOH 138 295 73  HOH HOH A . 
D 4 HOH 139 296 74  HOH HOH A . 
D 4 HOH 140 297 75  HOH HOH A . 
D 4 HOH 141 298 76  HOH HOH A . 
D 4 HOH 142 299 77  HOH HOH A . 
D 4 HOH 143 300 78  HOH HOH A . 
D 4 HOH 144 301 79  HOH HOH A . 
D 4 HOH 145 302 80  HOH HOH A . 
D 4 HOH 146 303 81  HOH HOH A . 
D 4 HOH 147 304 82  HOH HOH A . 
D 4 HOH 148 305 83  HOH HOH A . 
D 4 HOH 149 306 84  HOH HOH A . 
D 4 HOH 150 307 85  HOH HOH A . 
D 4 HOH 151 308 86  HOH HOH A . 
D 4 HOH 152 309 87  HOH HOH A . 
D 4 HOH 153 310 88  HOH HOH A . 
D 4 HOH 154 311 89  HOH HOH A . 
D 4 HOH 155 312 90  HOH HOH A . 
D 4 HOH 156 313 91  HOH HOH A . 
D 4 HOH 157 314 92  HOH HOH A . 
D 4 HOH 158 315 93  HOH HOH A . 
D 4 HOH 159 316 94  HOH HOH A . 
D 4 HOH 160 317 95  HOH HOH A . 
D 4 HOH 161 318 96  HOH HOH A . 
D 4 HOH 162 319 97  HOH HOH A . 
D 4 HOH 163 320 98  HOH HOH A . 
D 4 HOH 164 321 99  HOH HOH A . 
D 4 HOH 165 322 100 HOH HOH A . 
D 4 HOH 166 323 101 HOH HOH A . 
D 4 HOH 167 324 102 HOH HOH A . 
D 4 HOH 168 325 103 HOH HOH A . 
D 4 HOH 169 326 104 HOH HOH A . 
D 4 HOH 170 327 105 HOH HOH A . 
D 4 HOH 171 328 106 HOH HOH A . 
D 4 HOH 172 329 107 HOH HOH A . 
D 4 HOH 173 330 108 HOH HOH A . 
D 4 HOH 174 331 109 HOH HOH A . 
D 4 HOH 175 332 110 HOH HOH A . 
D 4 HOH 176 333 111 HOH HOH A . 
D 4 HOH 177 334 112 HOH HOH A . 
D 4 HOH 178 335 113 HOH HOH A . 
D 4 HOH 179 336 114 HOH HOH A . 
D 4 HOH 180 337 115 HOH HOH A . 
D 4 HOH 181 338 116 HOH HOH A . 
D 4 HOH 182 339 117 HOH HOH A . 
D 4 HOH 183 340 118 HOH HOH A . 
D 4 HOH 184 341 119 HOH HOH A . 
D 4 HOH 185 342 120 HOH HOH A . 
D 4 HOH 186 343 121 HOH HOH A . 
D 4 HOH 187 344 122 HOH HOH A . 
D 4 HOH 188 345 123 HOH HOH A . 
D 4 HOH 189 346 124 HOH HOH A . 
D 4 HOH 190 347 125 HOH HOH A . 
D 4 HOH 191 348 126 HOH HOH A . 
D 4 HOH 192 349 127 HOH HOH A . 
D 4 HOH 193 350 128 HOH HOH A . 
D 4 HOH 194 351 129 HOH HOH A . 
D 4 HOH 195 352 130 HOH HOH A . 
D 4 HOH 196 353 131 HOH HOH A . 
D 4 HOH 197 354 132 HOH HOH A . 
D 4 HOH 198 355 133 HOH HOH A . 
D 4 HOH 199 356 134 HOH HOH A . 
D 4 HOH 200 357 135 HOH HOH A . 
D 4 HOH 201 358 136 HOH HOH A . 
D 4 HOH 202 359 137 HOH HOH A . 
D 4 HOH 203 360 138 HOH HOH A . 
D 4 HOH 204 361 139 HOH HOH A . 
D 4 HOH 205 362 140 HOH HOH A . 
D 4 HOH 206 363 141 HOH HOH A . 
D 4 HOH 207 364 142 HOH HOH A . 
D 4 HOH 208 365 143 HOH HOH A . 
D 4 HOH 209 366 144 HOH HOH A . 
D 4 HOH 210 367 145 HOH HOH A . 
D 4 HOH 211 368 146 HOH HOH A . 
D 4 HOH 212 369 147 HOH HOH A . 
D 4 HOH 213 370 148 HOH HOH A . 
D 4 HOH 214 371 149 HOH HOH A . 
D 4 HOH 215 372 150 HOH HOH A . 
D 4 HOH 216 373 151 HOH HOH A . 
D 4 HOH 217 374 152 HOH HOH A . 
D 4 HOH 218 375 153 HOH HOH A . 
D 4 HOH 219 376 154 HOH HOH A . 
D 4 HOH 220 377 155 HOH HOH A . 
D 4 HOH 221 378 156 HOH HOH A . 
D 4 HOH 222 379 157 HOH HOH A . 
# 
_pdbx_struct_assembly.id                   1 
_pdbx_struct_assembly.details              author_and_software_defined_assembly 
_pdbx_struct_assembly.method_details       PISA 
_pdbx_struct_assembly.oligomeric_details   monomeric 
_pdbx_struct_assembly.oligomeric_count     1 
# 
_pdbx_struct_assembly_gen.assembly_id       1 
_pdbx_struct_assembly_gen.oper_expression   1 
_pdbx_struct_assembly_gen.asym_id_list      A,B,C,D 
# 
_pdbx_struct_oper_list.id                   1 
_pdbx_struct_oper_list.type                 'identity operation' 
_pdbx_struct_oper_list.name                 1_555 
_pdbx_struct_oper_list.symmetry_operation   x,y,z 
_pdbx_struct_oper_list.matrix[1][1]         1.0000000000 
_pdbx_struct_oper_list.matrix[1][2]         0.0000000000 
_pdbx_struct_oper_list.matrix[1][3]         0.0000000000 
_pdbx_struct_oper_list.vector[1]            0.0000000000 
_pdbx_struct_oper_list.matrix[2][1]         0.0000000000 
_pdbx_struct_oper_list.matrix[2][2]         1.0000000000 
_pdbx_struct_oper_list.matrix[2][3]         0.0000000000 
_pdbx_struct_oper_list.vector[2]            0.0000000000 
_pdbx_struct_oper_list.matrix[3][1]         0.0000000000 
_pdbx_struct_oper_list.matrix[3][2]         0.0000000000 
_pdbx_struct_oper_list.matrix[3][3]         1.0000000000 
_pdbx_struct_oper_list.vector[3]            0.0000000000 
# 
loop_
_pdbx_audit_revision_history.ordinal 
_pdbx_audit_revision_history.data_content_type 
_pdbx_audit_revision_history.major_revision 
_pdbx_audit_revision_history.minor_revision 
_pdbx_audit_revision_history.revision_date 
1 'Structure model' 1 0 2011-01-26 
2 'Structure model' 1 1 2011-07-13 
3 'Structure model' 1 2 2014-01-15 
4 'Structure model' 2 0 2020-07-29 
5 'Structure model' 2 1 2023-11-01 
# 
loop_
_pdbx_audit_revision_details.ordinal 
_pdbx_audit_revision_details.revision_ordinal 
_pdbx_audit_revision_details.data_content_type 
_pdbx_audit_revision_details.provider 
_pdbx_audit_revision_details.type 
_pdbx_audit_revision_details.description 
_pdbx_audit_revision_details.details 
1 1 'Structure model' repository 'Initial release' ?                          ? 
2 4 'Structure model' repository Remediation       'Carbohydrate remediation' ? 
# 
loop_
_pdbx_audit_revision_group.ordinal 
_pdbx_audit_revision_group.revision_ordinal 
_pdbx_audit_revision_group.data_content_type 
_pdbx_audit_revision_group.group 
1  2 'Structure model' 'Version format compliance' 
2  3 'Structure model' 'Database references'       
3  4 'Structure model' 'Atomic model'              
4  4 'Structure model' 'Data collection'           
5  4 'Structure model' 'Derived calculations'      
6  4 'Structure model' 'Non-polymer description'   
7  4 'Structure model' 'Structure summary'         
8  5 'Structure model' 'Data collection'           
9  5 'Structure model' 'Database references'       
10 5 'Structure model' 'Derived calculations'      
11 5 'Structure model' 'Refinement description'    
12 5 'Structure model' 'Structure summary'         
# 
loop_
_pdbx_audit_revision_category.ordinal 
_pdbx_audit_revision_category.revision_ordinal 
_pdbx_audit_revision_category.data_content_type 
_pdbx_audit_revision_category.category 
1  4 'Structure model' atom_site                     
2  4 'Structure model' chem_comp                     
3  4 'Structure model' entity                        
4  4 'Structure model' pdbx_branch_scheme            
5  4 'Structure model' pdbx_chem_comp_identifier     
6  4 'Structure model' pdbx_entity_branch            
7  4 'Structure model' pdbx_entity_branch_descriptor 
8  4 'Structure model' pdbx_entity_branch_link       
9  4 'Structure model' pdbx_entity_branch_list       
10 4 'Structure model' pdbx_entity_nonpoly           
11 4 'Structure model' pdbx_nonpoly_scheme           
12 4 'Structure model' pdbx_struct_assembly_gen      
13 4 'Structure model' struct_asym                   
14 4 'Structure model' struct_conn                   
15 4 'Structure model' struct_site                   
16 4 'Structure model' struct_site_gen               
17 5 'Structure model' chem_comp                     
18 5 'Structure model' chem_comp_atom                
19 5 'Structure model' chem_comp_bond                
20 5 'Structure model' database_2                    
21 5 'Structure model' pdbx_initial_refinement_model 
22 5 'Structure model' struct_conn                   
# 
loop_
_pdbx_audit_revision_item.ordinal 
_pdbx_audit_revision_item.revision_ordinal 
_pdbx_audit_revision_item.data_content_type 
_pdbx_audit_revision_item.item 
1  4 'Structure model' '_atom_site.B_iso_or_equiv'              
2  4 'Structure model' '_atom_site.Cartn_x'                     
3  4 'Structure model' '_atom_site.Cartn_y'                     
4  4 'Structure model' '_atom_site.Cartn_z'                     
5  4 'Structure model' '_atom_site.auth_asym_id'                
6  4 'Structure model' '_atom_site.auth_atom_id'                
7  4 'Structure model' '_atom_site.auth_comp_id'                
8  4 'Structure model' '_atom_site.auth_seq_id'                 
9  4 'Structure model' '_atom_site.label_asym_id'               
10 4 'Structure model' '_atom_site.label_atom_id'               
11 4 'Structure model' '_atom_site.label_comp_id'               
12 4 'Structure model' '_atom_site.label_entity_id'             
13 4 'Structure model' '_chem_comp.formula'                     
14 4 'Structure model' '_chem_comp.formula_weight'              
15 4 'Structure model' '_chem_comp.id'                          
16 4 'Structure model' '_chem_comp.mon_nstd_flag'               
17 4 'Structure model' '_chem_comp.name'                        
18 4 'Structure model' '_chem_comp.type'                        
19 4 'Structure model' '_pdbx_struct_assembly_gen.asym_id_list' 
20 5 'Structure model' '_chem_comp.pdbx_synonyms'               
21 5 'Structure model' '_database_2.pdbx_DOI'                   
22 5 'Structure model' '_database_2.pdbx_database_accession'    
23 5 'Structure model' '_struct_conn.pdbx_leaving_atom_flag'    
# 
loop_
_software.name 
_software.classification 
_software.version 
_software.citation_id 
_software.pdbx_ordinal 
ADSC   'data collection' Quantum  ? 1 
MOLREP phasing           .        ? 2 
REFMAC refinement        5.5.0109 ? 3 
MOSFLM 'data reduction'  .        ? 4 
SCALA  'data scaling'    .        ? 5 
# 
_pdbx_entry_details.entry_id                 3AP7 
_pdbx_entry_details.sequence_details         'THIS RESIDUE IS CAUSED BY NATURAL VARIANT.' 
_pdbx_entry_details.nonpolymer_details       ? 
_pdbx_entry_details.compound_details         ? 
_pdbx_entry_details.source_details           ? 
_pdbx_entry_details.has_ligand_of_interest   ? 
# 
_pdbx_validate_torsion.id              1 
_pdbx_validate_torsion.PDB_model_num   1 
_pdbx_validate_torsion.auth_comp_id    ARG 
_pdbx_validate_torsion.auth_asym_id    A 
_pdbx_validate_torsion.auth_seq_id     72 
_pdbx_validate_torsion.PDB_ins_code    ? 
_pdbx_validate_torsion.label_alt_id    ? 
_pdbx_validate_torsion.phi             55.97 
_pdbx_validate_torsion.psi             -128.56 
# 
loop_
_pdbx_unobs_or_zero_occ_residues.id 
_pdbx_unobs_or_zero_occ_residues.PDB_model_num 
_pdbx_unobs_or_zero_occ_residues.polymer_flag 
_pdbx_unobs_or_zero_occ_residues.occupancy_flag 
_pdbx_unobs_or_zero_occ_residues.auth_asym_id 
_pdbx_unobs_or_zero_occ_residues.auth_comp_id 
_pdbx_unobs_or_zero_occ_residues.auth_seq_id 
_pdbx_unobs_or_zero_occ_residues.PDB_ins_code 
_pdbx_unobs_or_zero_occ_residues.label_asym_id 
_pdbx_unobs_or_zero_occ_residues.label_comp_id 
_pdbx_unobs_or_zero_occ_residues.label_seq_id 
1 1 Y 1 A MET 1 ? A MET 1 
2 1 Y 1 A MET 2 ? A MET 2 
3 1 Y 1 A LEU 3 ? A LEU 3 
# 
loop_
_chem_comp_atom.comp_id 
_chem_comp_atom.atom_id 
_chem_comp_atom.type_symbol 
_chem_comp_atom.pdbx_aromatic_flag 
_chem_comp_atom.pdbx_stereo_config 
_chem_comp_atom.pdbx_ordinal 
ALA N    N  N N 1   
ALA CA   C  N S 2   
ALA C    C  N N 3   
ALA O    O  N N 4   
ALA CB   C  N N 5   
ALA OXT  O  N N 6   
ALA H    H  N N 7   
ALA H2   H  N N 8   
ALA HA   H  N N 9   
ALA HB1  H  N N 10  
ALA HB2  H  N N 11  
ALA HB3  H  N N 12  
ALA HXT  H  N N 13  
ARG N    N  N N 14  
ARG CA   C  N S 15  
ARG C    C  N N 16  
ARG O    O  N N 17  
ARG CB   C  N N 18  
ARG CG   C  N N 19  
ARG CD   C  N N 20  
ARG NE   N  N N 21  
ARG CZ   C  N N 22  
ARG NH1  N  N N 23  
ARG NH2  N  N N 24  
ARG OXT  O  N N 25  
ARG H    H  N N 26  
ARG H2   H  N N 27  
ARG HA   H  N N 28  
ARG HB2  H  N N 29  
ARG HB3  H  N N 30  
ARG HG2  H  N N 31  
ARG HG3  H  N N 32  
ARG HD2  H  N N 33  
ARG HD3  H  N N 34  
ARG HE   H  N N 35  
ARG HH11 H  N N 36  
ARG HH12 H  N N 37  
ARG HH21 H  N N 38  
ARG HH22 H  N N 39  
ARG HXT  H  N N 40  
ASN N    N  N N 41  
ASN CA   C  N S 42  
ASN C    C  N N 43  
ASN O    O  N N 44  
ASN CB   C  N N 45  
ASN CG   C  N N 46  
ASN OD1  O  N N 47  
ASN ND2  N  N N 48  
ASN OXT  O  N N 49  
ASN H    H  N N 50  
ASN H2   H  N N 51  
ASN HA   H  N N 52  
ASN HB2  H  N N 53  
ASN HB3  H  N N 54  
ASN HD21 H  N N 55  
ASN HD22 H  N N 56  
ASN HXT  H  N N 57  
ASP N    N  N N 58  
ASP CA   C  N S 59  
ASP C    C  N N 60  
ASP O    O  N N 61  
ASP CB   C  N N 62  
ASP CG   C  N N 63  
ASP OD1  O  N N 64  
ASP OD2  O  N N 65  
ASP OXT  O  N N 66  
ASP H    H  N N 67  
ASP H2   H  N N 68  
ASP HA   H  N N 69  
ASP HB2  H  N N 70  
ASP HB3  H  N N 71  
ASP HD2  H  N N 72  
ASP HXT  H  N N 73  
BGC C2   C  N R 74  
BGC C3   C  N S 75  
BGC C4   C  N S 76  
BGC C5   C  N R 77  
BGC C6   C  N N 78  
BGC C1   C  N R 79  
BGC O1   O  N N 80  
BGC O2   O  N N 81  
BGC O3   O  N N 82  
BGC O4   O  N N 83  
BGC O5   O  N N 84  
BGC O6   O  N N 85  
BGC H2   H  N N 86  
BGC H3   H  N N 87  
BGC H4   H  N N 88  
BGC H5   H  N N 89  
BGC H61  H  N N 90  
BGC H62  H  N N 91  
BGC H1   H  N N 92  
BGC HO1  H  N N 93  
BGC HO2  H  N N 94  
BGC HO3  H  N N 95  
BGC HO4  H  N N 96  
BGC HO6  H  N N 97  
CL  CL   CL N N 98  
CYS N    N  N N 99  
CYS CA   C  N R 100 
CYS C    C  N N 101 
CYS O    O  N N 102 
CYS CB   C  N N 103 
CYS SG   S  N N 104 
CYS OXT  O  N N 105 
CYS H    H  N N 106 
CYS H2   H  N N 107 
CYS HA   H  N N 108 
CYS HB2  H  N N 109 
CYS HB3  H  N N 110 
CYS HG   H  N N 111 
CYS HXT  H  N N 112 
GAL C1   C  N R 113 
GAL C2   C  N R 114 
GAL C3   C  N S 115 
GAL C4   C  N R 116 
GAL C5   C  N R 117 
GAL C6   C  N N 118 
GAL O1   O  N N 119 
GAL O2   O  N N 120 
GAL O3   O  N N 121 
GAL O4   O  N N 122 
GAL O5   O  N N 123 
GAL O6   O  N N 124 
GAL H1   H  N N 125 
GAL H2   H  N N 126 
GAL H3   H  N N 127 
GAL H4   H  N N 128 
GAL H5   H  N N 129 
GAL H61  H  N N 130 
GAL H62  H  N N 131 
GAL HO1  H  N N 132 
GAL HO2  H  N N 133 
GAL HO3  H  N N 134 
GAL HO4  H  N N 135 
GAL HO6  H  N N 136 
GLN N    N  N N 137 
GLN CA   C  N S 138 
GLN C    C  N N 139 
GLN O    O  N N 140 
GLN CB   C  N N 141 
GLN CG   C  N N 142 
GLN CD   C  N N 143 
GLN OE1  O  N N 144 
GLN NE2  N  N N 145 
GLN OXT  O  N N 146 
GLN H    H  N N 147 
GLN H2   H  N N 148 
GLN HA   H  N N 149 
GLN HB2  H  N N 150 
GLN HB3  H  N N 151 
GLN HG2  H  N N 152 
GLN HG3  H  N N 153 
GLN HE21 H  N N 154 
GLN HE22 H  N N 155 
GLN HXT  H  N N 156 
GLU N    N  N N 157 
GLU CA   C  N S 158 
GLU C    C  N N 159 
GLU O    O  N N 160 
GLU CB   C  N N 161 
GLU CG   C  N N 162 
GLU CD   C  N N 163 
GLU OE1  O  N N 164 
GLU OE2  O  N N 165 
GLU OXT  O  N N 166 
GLU H    H  N N 167 
GLU H2   H  N N 168 
GLU HA   H  N N 169 
GLU HB2  H  N N 170 
GLU HB3  H  N N 171 
GLU HG2  H  N N 172 
GLU HG3  H  N N 173 
GLU HE2  H  N N 174 
GLU HXT  H  N N 175 
GLY N    N  N N 176 
GLY CA   C  N N 177 
GLY C    C  N N 178 
GLY O    O  N N 179 
GLY OXT  O  N N 180 
GLY H    H  N N 181 
GLY H2   H  N N 182 
GLY HA2  H  N N 183 
GLY HA3  H  N N 184 
GLY HXT  H  N N 185 
HIS N    N  N N 186 
HIS CA   C  N S 187 
HIS C    C  N N 188 
HIS O    O  N N 189 
HIS CB   C  N N 190 
HIS CG   C  Y N 191 
HIS ND1  N  Y N 192 
HIS CD2  C  Y N 193 
HIS CE1  C  Y N 194 
HIS NE2  N  Y N 195 
HIS OXT  O  N N 196 
HIS H    H  N N 197 
HIS H2   H  N N 198 
HIS HA   H  N N 199 
HIS HB2  H  N N 200 
HIS HB3  H  N N 201 
HIS HD1  H  N N 202 
HIS HD2  H  N N 203 
HIS HE1  H  N N 204 
HIS HE2  H  N N 205 
HIS HXT  H  N N 206 
HOH O    O  N N 207 
HOH H1   H  N N 208 
HOH H2   H  N N 209 
ILE N    N  N N 210 
ILE CA   C  N S 211 
ILE C    C  N N 212 
ILE O    O  N N 213 
ILE CB   C  N S 214 
ILE CG1  C  N N 215 
ILE CG2  C  N N 216 
ILE CD1  C  N N 217 
ILE OXT  O  N N 218 
ILE H    H  N N 219 
ILE H2   H  N N 220 
ILE HA   H  N N 221 
ILE HB   H  N N 222 
ILE HG12 H  N N 223 
ILE HG13 H  N N 224 
ILE HG21 H  N N 225 
ILE HG22 H  N N 226 
ILE HG23 H  N N 227 
ILE HD11 H  N N 228 
ILE HD12 H  N N 229 
ILE HD13 H  N N 230 
ILE HXT  H  N N 231 
LEU N    N  N N 232 
LEU CA   C  N S 233 
LEU C    C  N N 234 
LEU O    O  N N 235 
LEU CB   C  N N 236 
LEU CG   C  N N 237 
LEU CD1  C  N N 238 
LEU CD2  C  N N 239 
LEU OXT  O  N N 240 
LEU H    H  N N 241 
LEU H2   H  N N 242 
LEU HA   H  N N 243 
LEU HB2  H  N N 244 
LEU HB3  H  N N 245 
LEU HG   H  N N 246 
LEU HD11 H  N N 247 
LEU HD12 H  N N 248 
LEU HD13 H  N N 249 
LEU HD21 H  N N 250 
LEU HD22 H  N N 251 
LEU HD23 H  N N 252 
LEU HXT  H  N N 253 
LYS N    N  N N 254 
LYS CA   C  N S 255 
LYS C    C  N N 256 
LYS O    O  N N 257 
LYS CB   C  N N 258 
LYS CG   C  N N 259 
LYS CD   C  N N 260 
LYS CE   C  N N 261 
LYS NZ   N  N N 262 
LYS OXT  O  N N 263 
LYS H    H  N N 264 
LYS H2   H  N N 265 
LYS HA   H  N N 266 
LYS HB2  H  N N 267 
LYS HB3  H  N N 268 
LYS HG2  H  N N 269 
LYS HG3  H  N N 270 
LYS HD2  H  N N 271 
LYS HD3  H  N N 272 
LYS HE2  H  N N 273 
LYS HE3  H  N N 274 
LYS HZ1  H  N N 275 
LYS HZ2  H  N N 276 
LYS HZ3  H  N N 277 
LYS HXT  H  N N 278 
MET N    N  N N 279 
MET CA   C  N S 280 
MET C    C  N N 281 
MET O    O  N N 282 
MET CB   C  N N 283 
MET CG   C  N N 284 
MET SD   S  N N 285 
MET CE   C  N N 286 
MET OXT  O  N N 287 
MET H    H  N N 288 
MET H2   H  N N 289 
MET HA   H  N N 290 
MET HB2  H  N N 291 
MET HB3  H  N N 292 
MET HG2  H  N N 293 
MET HG3  H  N N 294 
MET HE1  H  N N 295 
MET HE2  H  N N 296 
MET HE3  H  N N 297 
MET HXT  H  N N 298 
PHE N    N  N N 299 
PHE CA   C  N S 300 
PHE C    C  N N 301 
PHE O    O  N N 302 
PHE CB   C  N N 303 
PHE CG   C  Y N 304 
PHE CD1  C  Y N 305 
PHE CD2  C  Y N 306 
PHE CE1  C  Y N 307 
PHE CE2  C  Y N 308 
PHE CZ   C  Y N 309 
PHE OXT  O  N N 310 
PHE H    H  N N 311 
PHE H2   H  N N 312 
PHE HA   H  N N 313 
PHE HB2  H  N N 314 
PHE HB3  H  N N 315 
PHE HD1  H  N N 316 
PHE HD2  H  N N 317 
PHE HE1  H  N N 318 
PHE HE2  H  N N 319 
PHE HZ   H  N N 320 
PHE HXT  H  N N 321 
PRO N    N  N N 322 
PRO CA   C  N S 323 
PRO C    C  N N 324 
PRO O    O  N N 325 
PRO CB   C  N N 326 
PRO CG   C  N N 327 
PRO CD   C  N N 328 
PRO OXT  O  N N 329 
PRO H    H  N N 330 
PRO HA   H  N N 331 
PRO HB2  H  N N 332 
PRO HB3  H  N N 333 
PRO HG2  H  N N 334 
PRO HG3  H  N N 335 
PRO HD2  H  N N 336 
PRO HD3  H  N N 337 
PRO HXT  H  N N 338 
SER N    N  N N 339 
SER CA   C  N S 340 
SER C    C  N N 341 
SER O    O  N N 342 
SER CB   C  N N 343 
SER OG   O  N N 344 
SER OXT  O  N N 345 
SER H    H  N N 346 
SER H2   H  N N 347 
SER HA   H  N N 348 
SER HB2  H  N N 349 
SER HB3  H  N N 350 
SER HG   H  N N 351 
SER HXT  H  N N 352 
SIA C1   C  N N 353 
SIA C2   C  N R 354 
SIA C3   C  N N 355 
SIA C4   C  N S 356 
SIA C5   C  N R 357 
SIA C6   C  N R 358 
SIA C7   C  N R 359 
SIA C8   C  N R 360 
SIA C9   C  N N 361 
SIA C10  C  N N 362 
SIA C11  C  N N 363 
SIA N5   N  N N 364 
SIA O1A  O  N N 365 
SIA O1B  O  N N 366 
SIA O2   O  N N 367 
SIA O4   O  N N 368 
SIA O6   O  N N 369 
SIA O7   O  N N 370 
SIA O8   O  N N 371 
SIA O9   O  N N 372 
SIA O10  O  N N 373 
SIA H32  H  N N 374 
SIA H31  H  N N 375 
SIA H4   H  N N 376 
SIA H5   H  N N 377 
SIA H6   H  N N 378 
SIA H7   H  N N 379 
SIA H8   H  N N 380 
SIA H92  H  N N 381 
SIA H91  H  N N 382 
SIA H111 H  N N 383 
SIA H113 H  N N 384 
SIA H112 H  N N 385 
SIA HN5  H  N N 386 
SIA HO1B H  N N 387 
SIA HO2  H  N N 388 
SIA HO4  H  N N 389 
SIA HO7  H  N N 390 
SIA HO8  H  N N 391 
SIA HO9  H  N N 392 
THR N    N  N N 393 
THR CA   C  N S 394 
THR C    C  N N 395 
THR O    O  N N 396 
THR CB   C  N R 397 
THR OG1  O  N N 398 
THR CG2  C  N N 399 
THR OXT  O  N N 400 
THR H    H  N N 401 
THR H2   H  N N 402 
THR HA   H  N N 403 
THR HB   H  N N 404 
THR HG1  H  N N 405 
THR HG21 H  N N 406 
THR HG22 H  N N 407 
THR HG23 H  N N 408 
THR HXT  H  N N 409 
TRP N    N  N N 410 
TRP CA   C  N S 411 
TRP C    C  N N 412 
TRP O    O  N N 413 
TRP CB   C  N N 414 
TRP CG   C  Y N 415 
TRP CD1  C  Y N 416 
TRP CD2  C  Y N 417 
TRP NE1  N  Y N 418 
TRP CE2  C  Y N 419 
TRP CE3  C  Y N 420 
TRP CZ2  C  Y N 421 
TRP CZ3  C  Y N 422 
TRP CH2  C  Y N 423 
TRP OXT  O  N N 424 
TRP H    H  N N 425 
TRP H2   H  N N 426 
TRP HA   H  N N 427 
TRP HB2  H  N N 428 
TRP HB3  H  N N 429 
TRP HD1  H  N N 430 
TRP HE1  H  N N 431 
TRP HE3  H  N N 432 
TRP HZ2  H  N N 433 
TRP HZ3  H  N N 434 
TRP HH2  H  N N 435 
TRP HXT  H  N N 436 
TYR N    N  N N 437 
TYR CA   C  N S 438 
TYR C    C  N N 439 
TYR O    O  N N 440 
TYR CB   C  N N 441 
TYR CG   C  Y N 442 
TYR CD1  C  Y N 443 
TYR CD2  C  Y N 444 
TYR CE1  C  Y N 445 
TYR CE2  C  Y N 446 
TYR CZ   C  Y N 447 
TYR OH   O  N N 448 
TYR OXT  O  N N 449 
TYR H    H  N N 450 
TYR H2   H  N N 451 
TYR HA   H  N N 452 
TYR HB2  H  N N 453 
TYR HB3  H  N N 454 
TYR HD1  H  N N 455 
TYR HD2  H  N N 456 
TYR HE1  H  N N 457 
TYR HE2  H  N N 458 
TYR HH   H  N N 459 
TYR HXT  H  N N 460 
VAL N    N  N N 461 
VAL CA   C  N S 462 
VAL C    C  N N 463 
VAL O    O  N N 464 
VAL CB   C  N N 465 
VAL CG1  C  N N 466 
VAL CG2  C  N N 467 
VAL OXT  O  N N 468 
VAL H    H  N N 469 
VAL H2   H  N N 470 
VAL HA   H  N N 471 
VAL HB   H  N N 472 
VAL HG11 H  N N 473 
VAL HG12 H  N N 474 
VAL HG13 H  N N 475 
VAL HG21 H  N N 476 
VAL HG22 H  N N 477 
VAL HG23 H  N N 478 
VAL HXT  H  N N 479 
# 
loop_
_chem_comp_bond.comp_id 
_chem_comp_bond.atom_id_1 
_chem_comp_bond.atom_id_2 
_chem_comp_bond.value_order 
_chem_comp_bond.pdbx_aromatic_flag 
_chem_comp_bond.pdbx_stereo_config 
_chem_comp_bond.pdbx_ordinal 
ALA N   CA   sing N N 1   
ALA N   H    sing N N 2   
ALA N   H2   sing N N 3   
ALA CA  C    sing N N 4   
ALA CA  CB   sing N N 5   
ALA CA  HA   sing N N 6   
ALA C   O    doub N N 7   
ALA C   OXT  sing N N 8   
ALA CB  HB1  sing N N 9   
ALA CB  HB2  sing N N 10  
ALA CB  HB3  sing N N 11  
ALA OXT HXT  sing N N 12  
ARG N   CA   sing N N 13  
ARG N   H    sing N N 14  
ARG N   H2   sing N N 15  
ARG CA  C    sing N N 16  
ARG CA  CB   sing N N 17  
ARG CA  HA   sing N N 18  
ARG C   O    doub N N 19  
ARG C   OXT  sing N N 20  
ARG CB  CG   sing N N 21  
ARG CB  HB2  sing N N 22  
ARG CB  HB3  sing N N 23  
ARG CG  CD   sing N N 24  
ARG CG  HG2  sing N N 25  
ARG CG  HG3  sing N N 26  
ARG CD  NE   sing N N 27  
ARG CD  HD2  sing N N 28  
ARG CD  HD3  sing N N 29  
ARG NE  CZ   sing N N 30  
ARG NE  HE   sing N N 31  
ARG CZ  NH1  sing N N 32  
ARG CZ  NH2  doub N N 33  
ARG NH1 HH11 sing N N 34  
ARG NH1 HH12 sing N N 35  
ARG NH2 HH21 sing N N 36  
ARG NH2 HH22 sing N N 37  
ARG OXT HXT  sing N N 38  
ASN N   CA   sing N N 39  
ASN N   H    sing N N 40  
ASN N   H2   sing N N 41  
ASN CA  C    sing N N 42  
ASN CA  CB   sing N N 43  
ASN CA  HA   sing N N 44  
ASN C   O    doub N N 45  
ASN C   OXT  sing N N 46  
ASN CB  CG   sing N N 47  
ASN CB  HB2  sing N N 48  
ASN CB  HB3  sing N N 49  
ASN CG  OD1  doub N N 50  
ASN CG  ND2  sing N N 51  
ASN ND2 HD21 sing N N 52  
ASN ND2 HD22 sing N N 53  
ASN OXT HXT  sing N N 54  
ASP N   CA   sing N N 55  
ASP N   H    sing N N 56  
ASP N   H2   sing N N 57  
ASP CA  C    sing N N 58  
ASP CA  CB   sing N N 59  
ASP CA  HA   sing N N 60  
ASP C   O    doub N N 61  
ASP C   OXT  sing N N 62  
ASP CB  CG   sing N N 63  
ASP CB  HB2  sing N N 64  
ASP CB  HB3  sing N N 65  
ASP CG  OD1  doub N N 66  
ASP CG  OD2  sing N N 67  
ASP OD2 HD2  sing N N 68  
ASP OXT HXT  sing N N 69  
BGC C2  C3   sing N N 70  
BGC C2  C1   sing N N 71  
BGC C2  O2   sing N N 72  
BGC C2  H2   sing N N 73  
BGC C3  C4   sing N N 74  
BGC C3  O3   sing N N 75  
BGC C3  H3   sing N N 76  
BGC C4  C5   sing N N 77  
BGC C4  O4   sing N N 78  
BGC C4  H4   sing N N 79  
BGC C5  C6   sing N N 80  
BGC C5  O5   sing N N 81  
BGC C5  H5   sing N N 82  
BGC C6  O6   sing N N 83  
BGC C6  H61  sing N N 84  
BGC C6  H62  sing N N 85  
BGC C1  O1   sing N N 86  
BGC C1  O5   sing N N 87  
BGC C1  H1   sing N N 88  
BGC O1  HO1  sing N N 89  
BGC O2  HO2  sing N N 90  
BGC O3  HO3  sing N N 91  
BGC O4  HO4  sing N N 92  
BGC O6  HO6  sing N N 93  
CYS N   CA   sing N N 94  
CYS N   H    sing N N 95  
CYS N   H2   sing N N 96  
CYS CA  C    sing N N 97  
CYS CA  CB   sing N N 98  
CYS CA  HA   sing N N 99  
CYS C   O    doub N N 100 
CYS C   OXT  sing N N 101 
CYS CB  SG   sing N N 102 
CYS CB  HB2  sing N N 103 
CYS CB  HB3  sing N N 104 
CYS SG  HG   sing N N 105 
CYS OXT HXT  sing N N 106 
GAL C1  C2   sing N N 107 
GAL C1  O1   sing N N 108 
GAL C1  O5   sing N N 109 
GAL C1  H1   sing N N 110 
GAL C2  C3   sing N N 111 
GAL C2  O2   sing N N 112 
GAL C2  H2   sing N N 113 
GAL C3  C4   sing N N 114 
GAL C3  O3   sing N N 115 
GAL C3  H3   sing N N 116 
GAL C4  C5   sing N N 117 
GAL C4  O4   sing N N 118 
GAL C4  H4   sing N N 119 
GAL C5  C6   sing N N 120 
GAL C5  O5   sing N N 121 
GAL C5  H5   sing N N 122 
GAL C6  O6   sing N N 123 
GAL C6  H61  sing N N 124 
GAL C6  H62  sing N N 125 
GAL O1  HO1  sing N N 126 
GAL O2  HO2  sing N N 127 
GAL O3  HO3  sing N N 128 
GAL O4  HO4  sing N N 129 
GAL O6  HO6  sing N N 130 
GLN N   CA   sing N N 131 
GLN N   H    sing N N 132 
GLN N   H2   sing N N 133 
GLN CA  C    sing N N 134 
GLN CA  CB   sing N N 135 
GLN CA  HA   sing N N 136 
GLN C   O    doub N N 137 
GLN C   OXT  sing N N 138 
GLN CB  CG   sing N N 139 
GLN CB  HB2  sing N N 140 
GLN CB  HB3  sing N N 141 
GLN CG  CD   sing N N 142 
GLN CG  HG2  sing N N 143 
GLN CG  HG3  sing N N 144 
GLN CD  OE1  doub N N 145 
GLN CD  NE2  sing N N 146 
GLN NE2 HE21 sing N N 147 
GLN NE2 HE22 sing N N 148 
GLN OXT HXT  sing N N 149 
GLU N   CA   sing N N 150 
GLU N   H    sing N N 151 
GLU N   H2   sing N N 152 
GLU CA  C    sing N N 153 
GLU CA  CB   sing N N 154 
GLU CA  HA   sing N N 155 
GLU C   O    doub N N 156 
GLU C   OXT  sing N N 157 
GLU CB  CG   sing N N 158 
GLU CB  HB2  sing N N 159 
GLU CB  HB3  sing N N 160 
GLU CG  CD   sing N N 161 
GLU CG  HG2  sing N N 162 
GLU CG  HG3  sing N N 163 
GLU CD  OE1  doub N N 164 
GLU CD  OE2  sing N N 165 
GLU OE2 HE2  sing N N 166 
GLU OXT HXT  sing N N 167 
GLY N   CA   sing N N 168 
GLY N   H    sing N N 169 
GLY N   H2   sing N N 170 
GLY CA  C    sing N N 171 
GLY CA  HA2  sing N N 172 
GLY CA  HA3  sing N N 173 
GLY C   O    doub N N 174 
GLY C   OXT  sing N N 175 
GLY OXT HXT  sing N N 176 
HIS N   CA   sing N N 177 
HIS N   H    sing N N 178 
HIS N   H2   sing N N 179 
HIS CA  C    sing N N 180 
HIS CA  CB   sing N N 181 
HIS CA  HA   sing N N 182 
HIS C   O    doub N N 183 
HIS C   OXT  sing N N 184 
HIS CB  CG   sing N N 185 
HIS CB  HB2  sing N N 186 
HIS CB  HB3  sing N N 187 
HIS CG  ND1  sing Y N 188 
HIS CG  CD2  doub Y N 189 
HIS ND1 CE1  doub Y N 190 
HIS ND1 HD1  sing N N 191 
HIS CD2 NE2  sing Y N 192 
HIS CD2 HD2  sing N N 193 
HIS CE1 NE2  sing Y N 194 
HIS CE1 HE1  sing N N 195 
HIS NE2 HE2  sing N N 196 
HIS OXT HXT  sing N N 197 
HOH O   H1   sing N N 198 
HOH O   H2   sing N N 199 
ILE N   CA   sing N N 200 
ILE N   H    sing N N 201 
ILE N   H2   sing N N 202 
ILE CA  C    sing N N 203 
ILE CA  CB   sing N N 204 
ILE CA  HA   sing N N 205 
ILE C   O    doub N N 206 
ILE C   OXT  sing N N 207 
ILE CB  CG1  sing N N 208 
ILE CB  CG2  sing N N 209 
ILE CB  HB   sing N N 210 
ILE CG1 CD1  sing N N 211 
ILE CG1 HG12 sing N N 212 
ILE CG1 HG13 sing N N 213 
ILE CG2 HG21 sing N N 214 
ILE CG2 HG22 sing N N 215 
ILE CG2 HG23 sing N N 216 
ILE CD1 HD11 sing N N 217 
ILE CD1 HD12 sing N N 218 
ILE CD1 HD13 sing N N 219 
ILE OXT HXT  sing N N 220 
LEU N   CA   sing N N 221 
LEU N   H    sing N N 222 
LEU N   H2   sing N N 223 
LEU CA  C    sing N N 224 
LEU CA  CB   sing N N 225 
LEU CA  HA   sing N N 226 
LEU C   O    doub N N 227 
LEU C   OXT  sing N N 228 
LEU CB  CG   sing N N 229 
LEU CB  HB2  sing N N 230 
LEU CB  HB3  sing N N 231 
LEU CG  CD1  sing N N 232 
LEU CG  CD2  sing N N 233 
LEU CG  HG   sing N N 234 
LEU CD1 HD11 sing N N 235 
LEU CD1 HD12 sing N N 236 
LEU CD1 HD13 sing N N 237 
LEU CD2 HD21 sing N N 238 
LEU CD2 HD22 sing N N 239 
LEU CD2 HD23 sing N N 240 
LEU OXT HXT  sing N N 241 
LYS N   CA   sing N N 242 
LYS N   H    sing N N 243 
LYS N   H2   sing N N 244 
LYS CA  C    sing N N 245 
LYS CA  CB   sing N N 246 
LYS CA  HA   sing N N 247 
LYS C   O    doub N N 248 
LYS C   OXT  sing N N 249 
LYS CB  CG   sing N N 250 
LYS CB  HB2  sing N N 251 
LYS CB  HB3  sing N N 252 
LYS CG  CD   sing N N 253 
LYS CG  HG2  sing N N 254 
LYS CG  HG3  sing N N 255 
LYS CD  CE   sing N N 256 
LYS CD  HD2  sing N N 257 
LYS CD  HD3  sing N N 258 
LYS CE  NZ   sing N N 259 
LYS CE  HE2  sing N N 260 
LYS CE  HE3  sing N N 261 
LYS NZ  HZ1  sing N N 262 
LYS NZ  HZ2  sing N N 263 
LYS NZ  HZ3  sing N N 264 
LYS OXT HXT  sing N N 265 
MET N   CA   sing N N 266 
MET N   H    sing N N 267 
MET N   H2   sing N N 268 
MET CA  C    sing N N 269 
MET CA  CB   sing N N 270 
MET CA  HA   sing N N 271 
MET C   O    doub N N 272 
MET C   OXT  sing N N 273 
MET CB  CG   sing N N 274 
MET CB  HB2  sing N N 275 
MET CB  HB3  sing N N 276 
MET CG  SD   sing N N 277 
MET CG  HG2  sing N N 278 
MET CG  HG3  sing N N 279 
MET SD  CE   sing N N 280 
MET CE  HE1  sing N N 281 
MET CE  HE2  sing N N 282 
MET CE  HE3  sing N N 283 
MET OXT HXT  sing N N 284 
PHE N   CA   sing N N 285 
PHE N   H    sing N N 286 
PHE N   H2   sing N N 287 
PHE CA  C    sing N N 288 
PHE CA  CB   sing N N 289 
PHE CA  HA   sing N N 290 
PHE C   O    doub N N 291 
PHE C   OXT  sing N N 292 
PHE CB  CG   sing N N 293 
PHE CB  HB2  sing N N 294 
PHE CB  HB3  sing N N 295 
PHE CG  CD1  doub Y N 296 
PHE CG  CD2  sing Y N 297 
PHE CD1 CE1  sing Y N 298 
PHE CD1 HD1  sing N N 299 
PHE CD2 CE2  doub Y N 300 
PHE CD2 HD2  sing N N 301 
PHE CE1 CZ   doub Y N 302 
PHE CE1 HE1  sing N N 303 
PHE CE2 CZ   sing Y N 304 
PHE CE2 HE2  sing N N 305 
PHE CZ  HZ   sing N N 306 
PHE OXT HXT  sing N N 307 
PRO N   CA   sing N N 308 
PRO N   CD   sing N N 309 
PRO N   H    sing N N 310 
PRO CA  C    sing N N 311 
PRO CA  CB   sing N N 312 
PRO CA  HA   sing N N 313 
PRO C   O    doub N N 314 
PRO C   OXT  sing N N 315 
PRO CB  CG   sing N N 316 
PRO CB  HB2  sing N N 317 
PRO CB  HB3  sing N N 318 
PRO CG  CD   sing N N 319 
PRO CG  HG2  sing N N 320 
PRO CG  HG3  sing N N 321 
PRO CD  HD2  sing N N 322 
PRO CD  HD3  sing N N 323 
PRO OXT HXT  sing N N 324 
SER N   CA   sing N N 325 
SER N   H    sing N N 326 
SER N   H2   sing N N 327 
SER CA  C    sing N N 328 
SER CA  CB   sing N N 329 
SER CA  HA   sing N N 330 
SER C   O    doub N N 331 
SER C   OXT  sing N N 332 
SER CB  OG   sing N N 333 
SER CB  HB2  sing N N 334 
SER CB  HB3  sing N N 335 
SER OG  HG   sing N N 336 
SER OXT HXT  sing N N 337 
SIA C1  C2   sing N N 338 
SIA C1  O1A  doub N N 339 
SIA C1  O1B  sing N N 340 
SIA C2  C3   sing N N 341 
SIA C2  O2   sing N N 342 
SIA C2  O6   sing N N 343 
SIA C3  C4   sing N N 344 
SIA C3  H32  sing N N 345 
SIA C3  H31  sing N N 346 
SIA C4  C5   sing N N 347 
SIA C4  O4   sing N N 348 
SIA C4  H4   sing N N 349 
SIA C5  C6   sing N N 350 
SIA C5  N5   sing N N 351 
SIA C5  H5   sing N N 352 
SIA C6  C7   sing N N 353 
SIA C6  O6   sing N N 354 
SIA C6  H6   sing N N 355 
SIA C7  C8   sing N N 356 
SIA C7  O7   sing N N 357 
SIA C7  H7   sing N N 358 
SIA C8  C9   sing N N 359 
SIA C8  O8   sing N N 360 
SIA C8  H8   sing N N 361 
SIA C9  O9   sing N N 362 
SIA C9  H92  sing N N 363 
SIA C9  H91  sing N N 364 
SIA C10 C11  sing N N 365 
SIA C10 N5   sing N N 366 
SIA C10 O10  doub N N 367 
SIA C11 H111 sing N N 368 
SIA C11 H113 sing N N 369 
SIA C11 H112 sing N N 370 
SIA N5  HN5  sing N N 371 
SIA O1B HO1B sing N N 372 
SIA O2  HO2  sing N N 373 
SIA O4  HO4  sing N N 374 
SIA O7  HO7  sing N N 375 
SIA O8  HO8  sing N N 376 
SIA O9  HO9  sing N N 377 
THR N   CA   sing N N 378 
THR N   H    sing N N 379 
THR N   H2   sing N N 380 
THR CA  C    sing N N 381 
THR CA  CB   sing N N 382 
THR CA  HA   sing N N 383 
THR C   O    doub N N 384 
THR C   OXT  sing N N 385 
THR CB  OG1  sing N N 386 
THR CB  CG2  sing N N 387 
THR CB  HB   sing N N 388 
THR OG1 HG1  sing N N 389 
THR CG2 HG21 sing N N 390 
THR CG2 HG22 sing N N 391 
THR CG2 HG23 sing N N 392 
THR OXT HXT  sing N N 393 
TRP N   CA   sing N N 394 
TRP N   H    sing N N 395 
TRP N   H2   sing N N 396 
TRP CA  C    sing N N 397 
TRP CA  CB   sing N N 398 
TRP CA  HA   sing N N 399 
TRP C   O    doub N N 400 
TRP C   OXT  sing N N 401 
TRP CB  CG   sing N N 402 
TRP CB  HB2  sing N N 403 
TRP CB  HB3  sing N N 404 
TRP CG  CD1  doub Y N 405 
TRP CG  CD2  sing Y N 406 
TRP CD1 NE1  sing Y N 407 
TRP CD1 HD1  sing N N 408 
TRP CD2 CE2  doub Y N 409 
TRP CD2 CE3  sing Y N 410 
TRP NE1 CE2  sing Y N 411 
TRP NE1 HE1  sing N N 412 
TRP CE2 CZ2  sing Y N 413 
TRP CE3 CZ3  doub Y N 414 
TRP CE3 HE3  sing N N 415 
TRP CZ2 CH2  doub Y N 416 
TRP CZ2 HZ2  sing N N 417 
TRP CZ3 CH2  sing Y N 418 
TRP CZ3 HZ3  sing N N 419 
TRP CH2 HH2  sing N N 420 
TRP OXT HXT  sing N N 421 
TYR N   CA   sing N N 422 
TYR N   H    sing N N 423 
TYR N   H2   sing N N 424 
TYR CA  C    sing N N 425 
TYR CA  CB   sing N N 426 
TYR CA  HA   sing N N 427 
TYR C   O    doub N N 428 
TYR C   OXT  sing N N 429 
TYR CB  CG   sing N N 430 
TYR CB  HB2  sing N N 431 
TYR CB  HB3  sing N N 432 
TYR CG  CD1  doub Y N 433 
TYR CG  CD2  sing Y N 434 
TYR CD1 CE1  sing Y N 435 
TYR CD1 HD1  sing N N 436 
TYR CD2 CE2  doub Y N 437 
TYR CD2 HD2  sing N N 438 
TYR CE1 CZ   doub Y N 439 
TYR CE1 HE1  sing N N 440 
TYR CE2 CZ   sing Y N 441 
TYR CE2 HE2  sing N N 442 
TYR CZ  OH   sing N N 443 
TYR OH  HH   sing N N 444 
TYR OXT HXT  sing N N 445 
VAL N   CA   sing N N 446 
VAL N   H    sing N N 447 
VAL N   H2   sing N N 448 
VAL CA  C    sing N N 449 
VAL CA  CB   sing N N 450 
VAL CA  HA   sing N N 451 
VAL C   O    doub N N 452 
VAL C   OXT  sing N N 453 
VAL CB  CG1  sing N N 454 
VAL CB  CG2  sing N N 455 
VAL CB  HB   sing N N 456 
VAL CG1 HG11 sing N N 457 
VAL CG1 HG12 sing N N 458 
VAL CG1 HG13 sing N N 459 
VAL CG2 HG21 sing N N 460 
VAL CG2 HG22 sing N N 461 
VAL CG2 HG23 sing N N 462 
VAL OXT HXT  sing N N 463 
# 
loop_
_pdbx_branch_scheme.asym_id 
_pdbx_branch_scheme.entity_id 
_pdbx_branch_scheme.mon_id 
_pdbx_branch_scheme.num 
_pdbx_branch_scheme.pdb_asym_id 
_pdbx_branch_scheme.pdb_mon_id 
_pdbx_branch_scheme.pdb_seq_num 
_pdbx_branch_scheme.auth_asym_id 
_pdbx_branch_scheme.auth_mon_id 
_pdbx_branch_scheme.auth_seq_num 
_pdbx_branch_scheme.hetero 
B 2 BGC 1 B BGC 1 B SLT 1 n 
B 2 GAL 2 B GAL 2 B SLT 1 n 
B 2 SIA 3 B SIA 3 B SLT 1 n 
# 
loop_
_pdbx_chem_comp_identifier.comp_id 
_pdbx_chem_comp_identifier.type 
_pdbx_chem_comp_identifier.program 
_pdbx_chem_comp_identifier.program_version 
_pdbx_chem_comp_identifier.identifier 
BGC 'CONDENSED IUPAC CARBOHYDRATE SYMBOL' GMML     1.0 DGlcpb                         
BGC 'COMMON NAME'                         GMML     1.0 b-D-glucopyranose              
BGC 'IUPAC CARBOHYDRATE SYMBOL'           PDB-CARE 1.0 b-D-Glcp                       
BGC 'SNFG CARBOHYDRATE SYMBOL'            GMML     1.0 Glc                            
GAL 'CONDENSED IUPAC CARBOHYDRATE SYMBOL' GMML     1.0 DGalpb                         
GAL 'COMMON NAME'                         GMML     1.0 b-D-galactopyranose            
GAL 'IUPAC CARBOHYDRATE SYMBOL'           PDB-CARE 1.0 b-D-Galp                       
GAL 'SNFG CARBOHYDRATE SYMBOL'            GMML     1.0 Gal                            
SIA 'CONDENSED IUPAC CARBOHYDRATE SYMBOL' GMML     1.0 DNeup5Aca                      
SIA 'COMMON NAME'                         GMML     1.0 'N-acetyl-a-D-neuraminic acid' 
SIA 'IUPAC CARBOHYDRATE SYMBOL'           PDB-CARE 1.0 a-D-Neup5Ac                    
SIA 'SNFG CARBOHYDRATE SYMBOL'            GMML     1.0 Neu5Ac                         
# 
_pdbx_entity_branch.entity_id   2 
_pdbx_entity_branch.type        oligosaccharide 
# 
loop_
_pdbx_entity_branch_descriptor.ordinal 
_pdbx_entity_branch_descriptor.entity_id 
_pdbx_entity_branch_descriptor.descriptor 
_pdbx_entity_branch_descriptor.type 
_pdbx_entity_branch_descriptor.program 
_pdbx_entity_branch_descriptor.program_version 
1 2 DNeup5Aca2-3DGalpb1-4DGlcpb1-ROH                                                               'Glycam Condensed Sequence' 
GMML       1.0   
2 2 'WURCS=2.0/3,3,2/[a2122h-1b_1-5][a2112h-1b_1-5][Aad21122h-2a_2-6_5*NCC/3=O]/1-2-3/a4-b1_b3-c2' WURCS                       
PDB2Glycan 1.1.0 
3 2 '[][b-D-Glcp]{[(4+1)][b-D-Galp]{[(3+2)][a-D-Neup5Ac]{}}}'                                      LINUCS                      
PDB-CARE   ?     
# 
loop_
_pdbx_entity_branch_link.link_id 
_pdbx_entity_branch_link.entity_id 
_pdbx_entity_branch_link.entity_branch_list_num_1 
_pdbx_entity_branch_link.comp_id_1 
_pdbx_entity_branch_link.atom_id_1 
_pdbx_entity_branch_link.leaving_atom_id_1 
_pdbx_entity_branch_link.entity_branch_list_num_2 
_pdbx_entity_branch_link.comp_id_2 
_pdbx_entity_branch_link.atom_id_2 
_pdbx_entity_branch_link.leaving_atom_id_2 
_pdbx_entity_branch_link.value_order 
_pdbx_entity_branch_link.details 
1 2 2 GAL C1 O1 1 BGC O4 HO4 sing ? 
2 2 3 SIA C2 O2 2 GAL O3 HO3 sing ? 
# 
loop_
_pdbx_entity_branch_list.entity_id 
_pdbx_entity_branch_list.comp_id 
_pdbx_entity_branch_list.num 
_pdbx_entity_branch_list.hetero 
2 BGC 1 n 
2 GAL 2 n 
2 SIA 3 n 
# 
loop_
_pdbx_entity_nonpoly.entity_id 
_pdbx_entity_nonpoly.name 
_pdbx_entity_nonpoly.comp_id 
3 'CHLORIDE ION' CL  
4 water          HOH 
# 
_pdbx_initial_refinement_model.id               1 
_pdbx_initial_refinement_model.entity_id_list   ? 
_pdbx_initial_refinement_model.type             'experimental model' 
_pdbx_initial_refinement_model.source_name      PDB 
_pdbx_initial_refinement_model.accession_code   3AP5 
_pdbx_initial_refinement_model.details          'PDB ENTRY 3AP5' 
# 
